data_6JFQ
# 
_entry.id   6JFQ 
# 
_audit_conform.dict_name       mmcif_pdbx.dic 
_audit_conform.dict_version    5.380 
_audit_conform.dict_location   http://mmcif.pdb.org/dictionaries/ascii/mmcif_pdbx.dic 
# 
loop_
_database_2.database_id 
_database_2.database_code 
_database_2.pdbx_database_accession 
_database_2.pdbx_DOI 
PDB   6JFQ         pdb_00006jfq 10.2210/pdb6jfq/pdb 
WWPDB D_1300011024 ?            ?                   
# 
_pdbx_database_status.status_code                     REL 
_pdbx_database_status.status_code_sf                  REL 
_pdbx_database_status.status_code_mr                  ? 
_pdbx_database_status.entry_id                        6JFQ 
_pdbx_database_status.recvd_initial_deposition_date   2019-02-11 
_pdbx_database_status.SG_entry                        N 
_pdbx_database_status.deposit_site                    PDBJ 
_pdbx_database_status.process_site                    PDBJ 
_pdbx_database_status.status_code_cs                  ? 
_pdbx_database_status.methods_development_category    ? 
_pdbx_database_status.pdb_format_compatible           Y 
_pdbx_database_status.status_code_nmr_data            ? 
# 
loop_
_audit_author.name 
_audit_author.pdbx_ordinal 
_audit_author.identifier_ORCID 
'Lee, I.H.'  1 0000-0003-3529-470X 
'Ho, T.H.'   2 0000-0002-3706-7917 
'Kang, L.W.' 3 0000-0002-1411-3132 
# 
_citation.abstract                  ? 
_citation.abstract_id_CAS           ? 
_citation.book_id_ISBN              ? 
_citation.book_publisher            ? 
_citation.book_publisher_city       ? 
_citation.book_title                ? 
_citation.coordinate_linkage        ? 
_citation.country                   ? 
_citation.database_id_Medline       ? 
_citation.details                   ? 
_citation.id                        primary 
_citation.journal_abbrev            'To be published' 
_citation.journal_id_ASTM           ? 
_citation.journal_id_CSD            0353 
_citation.journal_id_ISSN           ? 
_citation.journal_full              ? 
_citation.journal_issue             ? 
_citation.journal_volume            ? 
_citation.language                  ? 
_citation.page_first                ? 
_citation.page_last                 ? 
_citation.title                     
'K2U bound crystal structure of class II peptide deformylase from methicillin resistant Staphylococcus aureus' 
_citation.year                      ? 
_citation.database_id_CSD           ? 
_citation.pdbx_database_id_DOI      ? 
_citation.pdbx_database_id_PubMed   ? 
_citation.unpublished_flag          ? 
# 
loop_
_citation_author.citation_id 
_citation_author.name 
_citation_author.ordinal 
_citation_author.identifier_ORCID 
primary 'Lee, I.H.'  1 0000-0003-3529-470X 
primary 'Ho, T.H.'   2 0000-0002-3706-7917 
primary 'Kang, L.W.' 3 0000-0002-1411-3132 
# 
_cell.angle_alpha                  90.00 
_cell.angle_alpha_esd              ? 
_cell.angle_beta                   90.00 
_cell.angle_beta_esd               ? 
_cell.angle_gamma                  90.00 
_cell.angle_gamma_esd              ? 
_cell.entry_id                     6JFQ 
_cell.details                      ? 
_cell.formula_units_Z              ? 
_cell.length_a                     95.429 
_cell.length_a_esd                 ? 
_cell.length_b                     120.699 
_cell.length_b_esd                 ? 
_cell.length_c                     47.120 
_cell.length_c_esd                 ? 
_cell.volume                       ? 
_cell.volume_esd                   ? 
_cell.Z_PDB                        8 
_cell.reciprocal_angle_alpha       ? 
_cell.reciprocal_angle_beta        ? 
_cell.reciprocal_angle_gamma       ? 
_cell.reciprocal_angle_alpha_esd   ? 
_cell.reciprocal_angle_beta_esd    ? 
_cell.reciprocal_angle_gamma_esd   ? 
_cell.reciprocal_length_a          ? 
_cell.reciprocal_length_b          ? 
_cell.reciprocal_length_c          ? 
_cell.reciprocal_length_a_esd      ? 
_cell.reciprocal_length_b_esd      ? 
_cell.reciprocal_length_c_esd      ? 
_cell.pdbx_unique_axis             ? 
# 
_symmetry.entry_id                         6JFQ 
_symmetry.cell_setting                     ? 
_symmetry.Int_Tables_number                20 
_symmetry.space_group_name_Hall            ? 
_symmetry.space_group_name_H-M             'C 2 2 21' 
_symmetry.pdbx_full_space_group_name_H-M   ? 
# 
loop_
_entity.id 
_entity.type 
_entity.src_method 
_entity.pdbx_description 
_entity.formula_weight 
_entity.pdbx_number_of_molecules 
_entity.pdbx_ec 
_entity.pdbx_mutation 
_entity.pdbx_fragment 
_entity.details 
1 polymer     man 'Peptide deformylase'                                                             20687.707 1  3.5.1.88 ? ? ? 
2 non-polymer syn 'NICKEL (II) ION'                                                                 58.693    1  ?        ? ? ? 
3 non-polymer syn '(3~{R},4~{R})-4-oxidanyl-3-(phenylmethyl)-4-(phenylmethylsulfanyl)butanoic acid' 316.415   1  ?        ? ? ? 
4 water       nat water                                                                             18.015    82 ?        ? ? ? 
# 
_entity_name_com.entity_id   1 
_entity_name_com.name        'PDF,Polypeptide deformylase' 
# 
_entity_poly.entity_id                      1 
_entity_poly.type                           'polypeptide(L)' 
_entity_poly.nstd_linkage                   no 
_entity_poly.nstd_monomer                   no 
_entity_poly.pdbx_seq_one_letter_code       
;MLTMKDIIRDGHPTLRQKAAELELPLTKEEKETLIAMREFLVNSQDEEIAKRYGLRSGVGLAAPQINISKRMIAVLIPDD
GSGKSYDYMLVNPKIVSHSVQEAYLPTGEGCLSVDDNVAGLVHRHNRITIKAKDIEGNDIQLRLKGYPAIVFQHEIDHLN
GVMFYDHIDKNHPLQPHTDAVEVV
;
_entity_poly.pdbx_seq_one_letter_code_can   
;MLTMKDIIRDGHPTLRQKAAELELPLTKEEKETLIAMREFLVNSQDEEIAKRYGLRSGVGLAAPQINISKRMIAVLIPDD
GSGKSYDYMLVNPKIVSHSVQEAYLPTGEGCLSVDDNVAGLVHRHNRITIKAKDIEGNDIQLRLKGYPAIVFQHEIDHLN
GVMFYDHIDKNHPLQPHTDAVEVV
;
_entity_poly.pdbx_strand_id                 A 
_entity_poly.pdbx_target_identifier         ? 
# 
loop_
_entity_poly_seq.entity_id 
_entity_poly_seq.num 
_entity_poly_seq.mon_id 
_entity_poly_seq.hetero 
1 1   MET n 
1 2   LEU n 
1 3   THR n 
1 4   MET n 
1 5   LYS n 
1 6   ASP n 
1 7   ILE n 
1 8   ILE n 
1 9   ARG n 
1 10  ASP n 
1 11  GLY n 
1 12  HIS n 
1 13  PRO n 
1 14  THR n 
1 15  LEU n 
1 16  ARG n 
1 17  GLN n 
1 18  LYS n 
1 19  ALA n 
1 20  ALA n 
1 21  GLU n 
1 22  LEU n 
1 23  GLU n 
1 24  LEU n 
1 25  PRO n 
1 26  LEU n 
1 27  THR n 
1 28  LYS n 
1 29  GLU n 
1 30  GLU n 
1 31  LYS n 
1 32  GLU n 
1 33  THR n 
1 34  LEU n 
1 35  ILE n 
1 36  ALA n 
1 37  MET n 
1 38  ARG n 
1 39  GLU n 
1 40  PHE n 
1 41  LEU n 
1 42  VAL n 
1 43  ASN n 
1 44  SER n 
1 45  GLN n 
1 46  ASP n 
1 47  GLU n 
1 48  GLU n 
1 49  ILE n 
1 50  ALA n 
1 51  LYS n 
1 52  ARG n 
1 53  TYR n 
1 54  GLY n 
1 55  LEU n 
1 56  ARG n 
1 57  SER n 
1 58  GLY n 
1 59  VAL n 
1 60  GLY n 
1 61  LEU n 
1 62  ALA n 
1 63  ALA n 
1 64  PRO n 
1 65  GLN n 
1 66  ILE n 
1 67  ASN n 
1 68  ILE n 
1 69  SER n 
1 70  LYS n 
1 71  ARG n 
1 72  MET n 
1 73  ILE n 
1 74  ALA n 
1 75  VAL n 
1 76  LEU n 
1 77  ILE n 
1 78  PRO n 
1 79  ASP n 
1 80  ASP n 
1 81  GLY n 
1 82  SER n 
1 83  GLY n 
1 84  LYS n 
1 85  SER n 
1 86  TYR n 
1 87  ASP n 
1 88  TYR n 
1 89  MET n 
1 90  LEU n 
1 91  VAL n 
1 92  ASN n 
1 93  PRO n 
1 94  LYS n 
1 95  ILE n 
1 96  VAL n 
1 97  SER n 
1 98  HIS n 
1 99  SER n 
1 100 VAL n 
1 101 GLN n 
1 102 GLU n 
1 103 ALA n 
1 104 TYR n 
1 105 LEU n 
1 106 PRO n 
1 107 THR n 
1 108 GLY n 
1 109 GLU n 
1 110 GLY n 
1 111 CYS n 
1 112 LEU n 
1 113 SER n 
1 114 VAL n 
1 115 ASP n 
1 116 ASP n 
1 117 ASN n 
1 118 VAL n 
1 119 ALA n 
1 120 GLY n 
1 121 LEU n 
1 122 VAL n 
1 123 HIS n 
1 124 ARG n 
1 125 HIS n 
1 126 ASN n 
1 127 ARG n 
1 128 ILE n 
1 129 THR n 
1 130 ILE n 
1 131 LYS n 
1 132 ALA n 
1 133 LYS n 
1 134 ASP n 
1 135 ILE n 
1 136 GLU n 
1 137 GLY n 
1 138 ASN n 
1 139 ASP n 
1 140 ILE n 
1 141 GLN n 
1 142 LEU n 
1 143 ARG n 
1 144 LEU n 
1 145 LYS n 
1 146 GLY n 
1 147 TYR n 
1 148 PRO n 
1 149 ALA n 
1 150 ILE n 
1 151 VAL n 
1 152 PHE n 
1 153 GLN n 
1 154 HIS n 
1 155 GLU n 
1 156 ILE n 
1 157 ASP n 
1 158 HIS n 
1 159 LEU n 
1 160 ASN n 
1 161 GLY n 
1 162 VAL n 
1 163 MET n 
1 164 PHE n 
1 165 TYR n 
1 166 ASP n 
1 167 HIS n 
1 168 ILE n 
1 169 ASP n 
1 170 LYS n 
1 171 ASN n 
1 172 HIS n 
1 173 PRO n 
1 174 LEU n 
1 175 GLN n 
1 176 PRO n 
1 177 HIS n 
1 178 THR n 
1 179 ASP n 
1 180 ALA n 
1 181 VAL n 
1 182 GLU n 
1 183 VAL n 
1 184 VAL n 
# 
_entity_src_gen.entity_id                          1 
_entity_src_gen.pdbx_src_id                        1 
_entity_src_gen.pdbx_alt_source_flag               sample 
_entity_src_gen.pdbx_seq_type                      'Biological sequence' 
_entity_src_gen.pdbx_beg_seq_num                   1 
_entity_src_gen.pdbx_end_seq_num                   184 
_entity_src_gen.gene_src_common_name               ? 
_entity_src_gen.gene_src_genus                     ? 
_entity_src_gen.pdbx_gene_src_gene                 'def, def1, pdf1' 
_entity_src_gen.gene_src_species                   ? 
_entity_src_gen.gene_src_strain                    CCARM3089 
_entity_src_gen.gene_src_tissue                    ? 
_entity_src_gen.gene_src_tissue_fraction           ? 
_entity_src_gen.gene_src_details                   ? 
_entity_src_gen.pdbx_gene_src_fragment             ? 
_entity_src_gen.pdbx_gene_src_scientific_name      'Staphylococcus aureus' 
_entity_src_gen.pdbx_gene_src_ncbi_taxonomy_id     1280 
_entity_src_gen.pdbx_gene_src_variant              ? 
_entity_src_gen.pdbx_gene_src_cell_line            ? 
_entity_src_gen.pdbx_gene_src_atcc                 ? 
_entity_src_gen.pdbx_gene_src_organ                ? 
_entity_src_gen.pdbx_gene_src_organelle            ? 
_entity_src_gen.pdbx_gene_src_cell                 ? 
_entity_src_gen.pdbx_gene_src_cellular_location    ? 
_entity_src_gen.host_org_common_name               ? 
_entity_src_gen.pdbx_host_org_scientific_name      'Escherichia coli BL21(DE3)' 
_entity_src_gen.pdbx_host_org_ncbi_taxonomy_id     469008 
_entity_src_gen.host_org_genus                     ? 
_entity_src_gen.pdbx_host_org_gene                 ? 
_entity_src_gen.pdbx_host_org_organ                ? 
_entity_src_gen.host_org_species                   ? 
_entity_src_gen.pdbx_host_org_tissue               ? 
_entity_src_gen.pdbx_host_org_tissue_fraction      ? 
_entity_src_gen.pdbx_host_org_strain               'BL21(DE3)' 
_entity_src_gen.pdbx_host_org_variant              ? 
_entity_src_gen.pdbx_host_org_cell_line            ? 
_entity_src_gen.pdbx_host_org_atcc                 ? 
_entity_src_gen.pdbx_host_org_culture_collection   ? 
_entity_src_gen.pdbx_host_org_cell                 ? 
_entity_src_gen.pdbx_host_org_organelle            ? 
_entity_src_gen.pdbx_host_org_cellular_location    ? 
_entity_src_gen.pdbx_host_org_vector_type          plasmid 
_entity_src_gen.pdbx_host_org_vector               ? 
_entity_src_gen.host_org_details                   ? 
_entity_src_gen.expression_system_id               ? 
_entity_src_gen.plasmid_name                       pET29b 
_entity_src_gen.plasmid_details                    ? 
_entity_src_gen.pdbx_description                   ? 
# 
_struct_ref.id                         1 
_struct_ref.db_name                    UNP 
_struct_ref.db_code                    DEF_STAAU 
_struct_ref.pdbx_db_accession          P68826 
_struct_ref.pdbx_db_isoform            ? 
_struct_ref.entity_id                  1 
_struct_ref.pdbx_seq_one_letter_code   
;MLTMKDIIRDGHPTLRQKAAELELPLTKEEKETLIAMREFLVNSQDEEIAKRYGLRSGVGLAAPQINISKRMIAVLIPDD
GSGKSYDYMLVNPKIVSHSVQEAYLPTGEGCLSVDDNVAGLVHRHNRITIKAKDIEGNDIQLRLKGYPAIVFQHEIDHLN
GVMFYDHIDKNHPLQPHTDAVEV
;
_struct_ref.pdbx_align_begin           1 
# 
_struct_ref_seq.align_id                      1 
_struct_ref_seq.ref_id                        1 
_struct_ref_seq.pdbx_PDB_id_code              6JFQ 
_struct_ref_seq.pdbx_strand_id                A 
_struct_ref_seq.seq_align_beg                 1 
_struct_ref_seq.pdbx_seq_align_beg_ins_code   ? 
_struct_ref_seq.seq_align_end                 183 
_struct_ref_seq.pdbx_seq_align_end_ins_code   ? 
_struct_ref_seq.pdbx_db_accession             P68826 
_struct_ref_seq.db_align_beg                  1 
_struct_ref_seq.pdbx_db_align_beg_ins_code    ? 
_struct_ref_seq.db_align_end                  183 
_struct_ref_seq.pdbx_db_align_end_ins_code    ? 
_struct_ref_seq.pdbx_auth_seq_align_beg       1 
_struct_ref_seq.pdbx_auth_seq_align_end       183 
# 
_struct_ref_seq_dif.align_id                     1 
_struct_ref_seq_dif.pdbx_pdb_id_code             6JFQ 
_struct_ref_seq_dif.mon_id                       VAL 
_struct_ref_seq_dif.pdbx_pdb_strand_id           A 
_struct_ref_seq_dif.seq_num                      184 
_struct_ref_seq_dif.pdbx_pdb_ins_code            ? 
_struct_ref_seq_dif.pdbx_seq_db_name             UNP 
_struct_ref_seq_dif.pdbx_seq_db_accession_code   P68826 
_struct_ref_seq_dif.db_mon_id                    ? 
_struct_ref_seq_dif.pdbx_seq_db_seq_num          ? 
_struct_ref_seq_dif.details                      'expression tag' 
_struct_ref_seq_dif.pdbx_auth_seq_num            184 
_struct_ref_seq_dif.pdbx_ordinal                 1 
# 
loop_
_chem_comp.id 
_chem_comp.type 
_chem_comp.mon_nstd_flag 
_chem_comp.name 
_chem_comp.pdbx_synonyms 
_chem_comp.formula 
_chem_comp.formula_weight 
ALA 'L-peptide linking' y ALANINE                                                                           ? 'C3 H7 N O2'     
89.093  
ARG 'L-peptide linking' y ARGININE                                                                          ? 'C6 H15 N4 O2 1' 
175.209 
ASN 'L-peptide linking' y ASPARAGINE                                                                        ? 'C4 H8 N2 O3'    
132.118 
ASP 'L-peptide linking' y 'ASPARTIC ACID'                                                                   ? 'C4 H7 N O4'     
133.103 
CYS 'L-peptide linking' y CYSTEINE                                                                          ? 'C3 H7 N O2 S'   
121.158 
GLN 'L-peptide linking' y GLUTAMINE                                                                         ? 'C5 H10 N2 O3'   
146.144 
GLU 'L-peptide linking' y 'GLUTAMIC ACID'                                                                   ? 'C5 H9 N O4'     
147.129 
GLY 'peptide linking'   y GLYCINE                                                                           ? 'C2 H5 N O2'     
75.067  
HIS 'L-peptide linking' y HISTIDINE                                                                         ? 'C6 H10 N3 O2 1' 
156.162 
HOH non-polymer         . WATER                                                                             ? 'H2 O'           
18.015  
ILE 'L-peptide linking' y ISOLEUCINE                                                                        ? 'C6 H13 N O2'    
131.173 
K2U non-polymer         . '(3~{R},4~{R})-4-oxidanyl-3-(phenylmethyl)-4-(phenylmethylsulfanyl)butanoic acid' ? 'C18 H20 O3 S'   
316.415 
LEU 'L-peptide linking' y LEUCINE                                                                           ? 'C6 H13 N O2'    
131.173 
LYS 'L-peptide linking' y LYSINE                                                                            ? 'C6 H15 N2 O2 1' 
147.195 
MET 'L-peptide linking' y METHIONINE                                                                        ? 'C5 H11 N O2 S'  
149.211 
NI  non-polymer         . 'NICKEL (II) ION'                                                                 ? 'Ni 2'           
58.693  
PHE 'L-peptide linking' y PHENYLALANINE                                                                     ? 'C9 H11 N O2'    
165.189 
PRO 'L-peptide linking' y PROLINE                                                                           ? 'C5 H9 N O2'     
115.130 
SER 'L-peptide linking' y SERINE                                                                            ? 'C3 H7 N O3'     
105.093 
THR 'L-peptide linking' y THREONINE                                                                         ? 'C4 H9 N O3'     
119.119 
TYR 'L-peptide linking' y TYROSINE                                                                          ? 'C9 H11 N O3'    
181.189 
VAL 'L-peptide linking' y VALINE                                                                            ? 'C5 H11 N O2'    
117.146 
# 
_exptl.absorpt_coefficient_mu     ? 
_exptl.absorpt_correction_T_max   ? 
_exptl.absorpt_correction_T_min   ? 
_exptl.absorpt_correction_type    ? 
_exptl.absorpt_process_details    ? 
_exptl.entry_id                   6JFQ 
_exptl.crystals_number            1 
_exptl.details                    ? 
_exptl.method                     'X-RAY DIFFRACTION' 
_exptl.method_details             ? 
# 
_exptl_crystal.colour                      ? 
_exptl_crystal.density_diffrn              ? 
_exptl_crystal.density_Matthews            3.28 
_exptl_crystal.density_method              ? 
_exptl_crystal.density_percent_sol         62.49 
_exptl_crystal.description                 ? 
_exptl_crystal.F_000                       ? 
_exptl_crystal.id                          1 
_exptl_crystal.preparation                 ? 
_exptl_crystal.size_max                    ? 
_exptl_crystal.size_mid                    ? 
_exptl_crystal.size_min                    ? 
_exptl_crystal.size_rad                    ? 
_exptl_crystal.colour_lustre               ? 
_exptl_crystal.colour_modifier             ? 
_exptl_crystal.colour_primary              ? 
_exptl_crystal.density_meas                ? 
_exptl_crystal.density_meas_esd            ? 
_exptl_crystal.density_meas_gt             ? 
_exptl_crystal.density_meas_lt             ? 
_exptl_crystal.density_meas_temp           ? 
_exptl_crystal.density_meas_temp_esd       ? 
_exptl_crystal.density_meas_temp_gt        ? 
_exptl_crystal.density_meas_temp_lt        ? 
_exptl_crystal.pdbx_crystal_image_url      ? 
_exptl_crystal.pdbx_crystal_image_format   ? 
_exptl_crystal.pdbx_mosaicity              0.812 
_exptl_crystal.pdbx_mosaicity_esd          ? 
# 
_exptl_crystal_grow.apparatus       ? 
_exptl_crystal_grow.atmosphere      ? 
_exptl_crystal_grow.crystal_id      1 
_exptl_crystal_grow.details         ? 
_exptl_crystal_grow.method          EVAPORATION 
_exptl_crystal_grow.method_ref      ? 
_exptl_crystal_grow.pH              8.5 
_exptl_crystal_grow.pressure        ? 
_exptl_crystal_grow.pressure_esd    ? 
_exptl_crystal_grow.seeding         ? 
_exptl_crystal_grow.seeding_ref     ? 
_exptl_crystal_grow.temp            287 
_exptl_crystal_grow.temp_details    ? 
_exptl_crystal_grow.temp_esd        ? 
_exptl_crystal_grow.time            ? 
_exptl_crystal_grow.pdbx_details    '0.02M CaCl2, 0.1M MgCl2, 15% (v/v) Glycerol, 25% (w/v) PEG 4K, 0.05M Tris pH 8.5' 
_exptl_crystal_grow.pdbx_pH_range   ? 
# 
_diffrn.ambient_environment              ? 
_diffrn.ambient_temp                     100 
_diffrn.ambient_temp_details             ? 
_diffrn.ambient_temp_esd                 ? 
_diffrn.crystal_id                       1 
_diffrn.crystal_support                  ? 
_diffrn.crystal_treatment                ? 
_diffrn.details                          ? 
_diffrn.id                               1 
_diffrn.ambient_pressure                 ? 
_diffrn.ambient_pressure_esd             ? 
_diffrn.ambient_pressure_gt              ? 
_diffrn.ambient_pressure_lt              ? 
_diffrn.ambient_temp_gt                  ? 
_diffrn.ambient_temp_lt                  ? 
_diffrn.pdbx_serial_crystal_experiment   N 
# 
_diffrn_detector.details                      ? 
_diffrn_detector.detector                     CCD 
_diffrn_detector.diffrn_id                    1 
_diffrn_detector.type                         'ADSC QUANTUM 315r' 
_diffrn_detector.area_resol_mean              ? 
_diffrn_detector.dtime                        ? 
_diffrn_detector.pdbx_frames_total            ? 
_diffrn_detector.pdbx_collection_time_total   ? 
_diffrn_detector.pdbx_collection_date         2018-02-26 
_diffrn_detector.pdbx_frequency               ? 
# 
_diffrn_radiation.collimation                      ? 
_diffrn_radiation.diffrn_id                        1 
_diffrn_radiation.filter_edge                      ? 
_diffrn_radiation.inhomogeneity                    ? 
_diffrn_radiation.monochromator                    ? 
_diffrn_radiation.polarisn_norm                    ? 
_diffrn_radiation.polarisn_ratio                   ? 
_diffrn_radiation.probe                            ? 
_diffrn_radiation.type                             ? 
_diffrn_radiation.xray_symbol                      ? 
_diffrn_radiation.wavelength_id                    1 
_diffrn_radiation.pdbx_monochromatic_or_laue_m_l   M 
_diffrn_radiation.pdbx_wavelength_list             ? 
_diffrn_radiation.pdbx_wavelength                  ? 
_diffrn_radiation.pdbx_diffrn_protocol             'SINGLE WAVELENGTH' 
_diffrn_radiation.pdbx_analyzer                    ? 
_diffrn_radiation.pdbx_scattering_type             x-ray 
# 
_diffrn_radiation_wavelength.id           1 
_diffrn_radiation_wavelength.wavelength   0.97960 
_diffrn_radiation_wavelength.wt           1.0 
# 
_diffrn_source.current                     ? 
_diffrn_source.details                     ? 
_diffrn_source.diffrn_id                   1 
_diffrn_source.power                       ? 
_diffrn_source.size                        ? 
_diffrn_source.source                      SYNCHROTRON 
_diffrn_source.target                      ? 
_diffrn_source.type                        'PAL/PLS BEAMLINE 5C (4A)' 
_diffrn_source.voltage                     ? 
_diffrn_source.take-off_angle              ? 
_diffrn_source.pdbx_wavelength_list        0.97960 
_diffrn_source.pdbx_wavelength             ? 
_diffrn_source.pdbx_synchrotron_beamline   '5C (4A)' 
_diffrn_source.pdbx_synchrotron_site       PAL/PLS 
# 
_reflns.B_iso_Wilson_estimate            ? 
_reflns.entry_id                         6JFQ 
_reflns.data_reduction_details           ? 
_reflns.data_reduction_method            ? 
_reflns.d_resolution_high                2.200 
_reflns.d_resolution_low                 50.000 
_reflns.details                          ? 
_reflns.limit_h_max                      ? 
_reflns.limit_h_min                      ? 
_reflns.limit_k_max                      ? 
_reflns.limit_k_min                      ? 
_reflns.limit_l_max                      ? 
_reflns.limit_l_min                      ? 
_reflns.number_all                       ? 
_reflns.number_obs                       13884 
_reflns.observed_criterion               ? 
_reflns.observed_criterion_F_max         ? 
_reflns.observed_criterion_F_min         ? 
_reflns.observed_criterion_I_max         ? 
_reflns.observed_criterion_I_min         ? 
_reflns.observed_criterion_sigma_F       ? 
_reflns.observed_criterion_sigma_I       ? 
_reflns.percent_possible_obs             97.400 
_reflns.R_free_details                   ? 
_reflns.Rmerge_F_all                     ? 
_reflns.Rmerge_F_obs                     ? 
_reflns.Friedel_coverage                 ? 
_reflns.number_gt                        ? 
_reflns.threshold_expression             ? 
_reflns.pdbx_redundancy                  5.900 
_reflns.pdbx_Rmerge_I_obs                0.167 
_reflns.pdbx_Rmerge_I_all                ? 
_reflns.pdbx_Rsym_value                  ? 
_reflns.pdbx_netI_over_av_sigmaI         ? 
_reflns.pdbx_netI_over_sigmaI            13.700 
_reflns.pdbx_res_netI_over_av_sigmaI_2   ? 
_reflns.pdbx_res_netI_over_sigmaI_2      ? 
_reflns.pdbx_chi_squared                 6.604 
_reflns.pdbx_scaling_rejects             ? 
_reflns.pdbx_d_res_high_opt              ? 
_reflns.pdbx_d_res_low_opt               ? 
_reflns.pdbx_d_res_opt_method            ? 
_reflns.phase_calculation_details        ? 
_reflns.pdbx_Rrim_I_all                  0.180 
_reflns.pdbx_Rpim_I_all                  0.064 
_reflns.pdbx_d_opt                       ? 
_reflns.pdbx_number_measured_all         ? 
_reflns.pdbx_diffrn_id                   1 
_reflns.pdbx_ordinal                     1 
_reflns.pdbx_CC_half                     ? 
_reflns.pdbx_R_split                     ? 
# 
loop_
_reflns_shell.d_res_high 
_reflns_shell.d_res_low 
_reflns_shell.meanI_over_sigI_all 
_reflns_shell.meanI_over_sigI_obs 
_reflns_shell.number_measured_all 
_reflns_shell.number_measured_obs 
_reflns_shell.number_possible 
_reflns_shell.number_unique_all 
_reflns_shell.number_unique_obs 
_reflns_shell.percent_possible_all 
_reflns_shell.percent_possible_obs 
_reflns_shell.Rmerge_F_all 
_reflns_shell.Rmerge_F_obs 
_reflns_shell.Rmerge_I_all 
_reflns_shell.Rmerge_I_obs 
_reflns_shell.meanI_over_sigI_gt 
_reflns_shell.meanI_over_uI_all 
_reflns_shell.meanI_over_uI_gt 
_reflns_shell.number_measured_gt 
_reflns_shell.number_unique_gt 
_reflns_shell.percent_possible_gt 
_reflns_shell.Rmerge_F_gt 
_reflns_shell.Rmerge_I_gt 
_reflns_shell.pdbx_redundancy 
_reflns_shell.pdbx_Rsym_value 
_reflns_shell.pdbx_chi_squared 
_reflns_shell.pdbx_netI_over_sigmaI_all 
_reflns_shell.pdbx_netI_over_sigmaI_obs 
_reflns_shell.pdbx_Rrim_I_all 
_reflns_shell.pdbx_Rpim_I_all 
_reflns_shell.pdbx_rejects 
_reflns_shell.pdbx_ordinal 
_reflns_shell.pdbx_diffrn_id 
_reflns_shell.pdbx_CC_half 
_reflns_shell.pdbx_R_split 
2.200 2.240  ? ? ? ? ? ? 623 90.000 ? ? ? ? 0.499 ? ? ? ? ? ? ? ? 3.300 ? 2.175  ? ? 0.574 0.274 ? 1  1 0.305 ? 
2.240 2.280  ? ? ? ? ? ? 653 94.200 ? ? ? ? 0.438 ? ? ? ? ? ? ? ? 3.700 ? 2.452  ? ? 0.493 0.221 ? 2  1 0.588 ? 
2.280 2.320  ? ? ? ? ? ? 662 94.300 ? ? ? ? 0.443 ? ? ? ? ? ? ? ? 3.700 ? 2.493  ? ? 0.504 0.234 ? 3  1 0.594 ? 
2.320 2.370  ? ? ? ? ? ? 663 93.900 ? ? ? ? 0.411 ? ? ? ? ? ? ? ? 3.900 ? 2.447  ? ? 0.462 0.206 ? 4  1 0.767 ? 
2.370 2.420  ? ? ? ? ? ? 658 96.100 ? ? ? ? 0.399 ? ? ? ? ? ? ? ? 4.200 ? 2.543  ? ? 0.447 0.194 ? 5  1 0.747 ? 
2.420 2.480  ? ? ? ? ? ? 696 96.800 ? ? ? ? 0.363 ? ? ? ? ? ? ? ? 4.200 ? 2.560  ? ? 0.406 0.177 ? 6  1 0.806 ? 
2.480 2.540  ? ? ? ? ? ? 665 96.900 ? ? ? ? 0.347 ? ? ? ? ? ? ? ? 4.400 ? 2.675  ? ? 0.388 0.169 ? 7  1 0.815 ? 
2.540 2.610  ? ? ? ? ? ? 690 97.900 ? ? ? ? 0.308 ? ? ? ? ? ? ? ? 4.900 ? 2.930  ? ? 0.341 0.142 ? 8  1 0.866 ? 
2.610 2.690  ? ? ? ? ? ? 698 98.200 ? ? ? ? 0.279 ? ? ? ? ? ? ? ? 5.100 ? 3.010  ? ? 0.308 0.126 ? 9  1 0.904 ? 
2.690 2.770  ? ? ? ? ? ? 695 98.600 ? ? ? ? 0.266 ? ? ? ? ? ? ? ? 5.200 ? 3.384  ? ? 0.292 0.117 ? 10 1 0.955 ? 
2.770 2.870  ? ? ? ? ? ? 688 97.900 ? ? ? ? 0.248 ? ? ? ? ? ? ? ? 5.400 ? 3.651  ? ? 0.270 0.105 ? 11 1 0.956 ? 
2.870 2.990  ? ? ? ? ? ? 695 97.900 ? ? ? ? 0.213 ? ? ? ? ? ? ? ? 5.700 ? 4.411  ? ? 0.230 0.086 ? 12 1 0.967 ? 
2.990 3.120  ? ? ? ? ? ? 711 98.600 ? ? ? ? 0.209 ? ? ? ? ? ? ? ? 6.500 ? 5.752  ? ? 0.225 0.080 ? 13 1 0.972 ? 
3.120 3.290  ? ? ? ? ? ? 690 99.400 ? ? ? ? 0.188 ? ? ? ? ? ? ? ? 6.900 ? 6.008  ? ? 0.201 0.070 ? 14 1 0.970 ? 
3.290 3.490  ? ? ? ? ? ? 715 99.200 ? ? ? ? 0.180 ? ? ? ? ? ? ? ? 7.400 ? 7.620  ? ? 0.192 0.066 ? 15 1 0.980 ? 
3.490 3.760  ? ? ? ? ? ? 712 99.700 ? ? ? ? 0.179 ? ? ? ? ? ? ? ? 8.200 ? 10.650 ? ? 0.190 0.062 ? 16 1 0.982 ? 
3.760 4.140  ? ? ? ? ? ? 721 99.700 ? ? ? ? 0.158 ? ? ? ? ? ? ? ? 8.300 ? 12.361 ? ? 0.167 0.055 ? 17 1 0.987 ? 
4.140 4.740  ? ? ? ? ? ? 735 99.900 ? ? ? ? 0.135 ? ? ? ? ? ? ? ? 8.500 ? 11.375 ? ? 0.143 0.047 ? 18 1 0.986 ? 
4.740 5.970  ? ? ? ? ? ? 738 99.300 ? ? ? ? 0.112 ? ? ? ? ? ? ? ? 8.300 ? 8.116  ? ? 0.119 0.040 ? 19 1 0.993 ? 
5.970 50.000 ? ? ? ? ? ? 776 98.500 ? ? ? ? 0.107 ? ? ? ? ? ? ? ? 8.500 ? 9.407  ? ? 0.114 0.038 ? 20 1 0.991 ? 
# 
_refine.aniso_B[1][1]                            0.01 
_refine.aniso_B[1][2]                            0.00 
_refine.aniso_B[1][3]                            -0.00 
_refine.aniso_B[2][2]                            -0.00 
_refine.aniso_B[2][3]                            0.00 
_refine.aniso_B[3][3]                            -0.00 
_refine.B_iso_max                                ? 
_refine.B_iso_mean                               35.811 
_refine.B_iso_min                                ? 
_refine.correlation_coeff_Fo_to_Fc               0.943 
_refine.correlation_coeff_Fo_to_Fc_free          0.913 
_refine.details                                  'HYDROGENS HAVE BEEN ADDED IN THE RIDING POSITIONS' 
_refine.diff_density_max                         ? 
_refine.diff_density_max_esd                     ? 
_refine.diff_density_min                         ? 
_refine.diff_density_min_esd                     ? 
_refine.diff_density_rms                         ? 
_refine.diff_density_rms_esd                     ? 
_refine.entry_id                                 6JFQ 
_refine.pdbx_refine_id                           'X-RAY DIFFRACTION' 
_refine.ls_abs_structure_details                 ? 
_refine.ls_abs_structure_Flack                   ? 
_refine.ls_abs_structure_Flack_esd               ? 
_refine.ls_abs_structure_Rogers                  ? 
_refine.ls_abs_structure_Rogers_esd              ? 
_refine.ls_d_res_high                            2.20 
_refine.ls_d_res_low                             30.78 
_refine.ls_extinction_coef                       ? 
_refine.ls_extinction_coef_esd                   ? 
_refine.ls_extinction_expression                 ? 
_refine.ls_extinction_method                     ? 
_refine.ls_goodness_of_fit_all                   ? 
_refine.ls_goodness_of_fit_all_esd               ? 
_refine.ls_goodness_of_fit_obs                   ? 
_refine.ls_goodness_of_fit_obs_esd               ? 
_refine.ls_hydrogen_treatment                    ? 
_refine.ls_matrix_type                           ? 
_refine.ls_number_constraints                    ? 
_refine.ls_number_parameters                     ? 
_refine.ls_number_reflns_all                     ? 
_refine.ls_number_reflns_obs                     13181 
_refine.ls_number_reflns_R_free                  673 
_refine.ls_number_reflns_R_work                  ? 
_refine.ls_number_restraints                     ? 
_refine.ls_percent_reflns_obs                    97.45 
_refine.ls_percent_reflns_R_free                 4.9 
_refine.ls_R_factor_all                          ? 
_refine.ls_R_factor_obs                          0.20976 
_refine.ls_R_factor_R_free                       0.25192 
_refine.ls_R_factor_R_free_error                 ? 
_refine.ls_R_factor_R_free_error_details         ? 
_refine.ls_R_factor_R_work                       0.20762 
_refine.ls_R_Fsqd_factor_obs                     ? 
_refine.ls_R_I_factor_obs                        ? 
_refine.ls_redundancy_reflns_all                 ? 
_refine.ls_redundancy_reflns_obs                 ? 
_refine.ls_restrained_S_all                      ? 
_refine.ls_restrained_S_obs                      ? 
_refine.ls_shift_over_esd_max                    ? 
_refine.ls_shift_over_esd_mean                   ? 
_refine.ls_structure_factor_coef                 ? 
_refine.ls_weighting_details                     ? 
_refine.ls_weighting_scheme                      ? 
_refine.ls_wR_factor_all                         ? 
_refine.ls_wR_factor_obs                         ? 
_refine.ls_wR_factor_R_free                      ? 
_refine.ls_wR_factor_R_work                      ? 
_refine.occupancy_max                            ? 
_refine.occupancy_min                            ? 
_refine.solvent_model_details                    MASK 
_refine.solvent_model_param_bsol                 ? 
_refine.solvent_model_param_ksol                 ? 
_refine.ls_R_factor_gt                           ? 
_refine.ls_goodness_of_fit_gt                    ? 
_refine.ls_goodness_of_fit_ref                   ? 
_refine.ls_shift_over_su_max                     ? 
_refine.ls_shift_over_su_max_lt                  ? 
_refine.ls_shift_over_su_mean                    ? 
_refine.ls_shift_over_su_mean_lt                 ? 
_refine.pdbx_ls_sigma_I                          ? 
_refine.pdbx_ls_sigma_F                          ? 
_refine.pdbx_ls_sigma_Fsqd                       ? 
_refine.pdbx_data_cutoff_high_absF               ? 
_refine.pdbx_data_cutoff_high_rms_absF           ? 
_refine.pdbx_data_cutoff_low_absF                ? 
_refine.pdbx_isotropic_thermal_model             ? 
_refine.pdbx_ls_cross_valid_method               THROUGHOUT 
_refine.pdbx_method_to_determine_struct          'MOLECULAR REPLACEMENT' 
_refine.pdbx_starting_model                      1LM4 
_refine.pdbx_stereochemistry_target_values       'MAXIMUM LIKELIHOOD' 
_refine.pdbx_R_Free_selection_details            RANDOM 
_refine.pdbx_stereochem_target_val_spec_case     ? 
_refine.pdbx_overall_ESU_R                       0.220 
_refine.pdbx_overall_ESU_R_Free                  0.195 
_refine.pdbx_solvent_vdw_probe_radii             1.20 
_refine.pdbx_solvent_ion_probe_radii             0.80 
_refine.pdbx_solvent_shrinkage_radii             0.80 
_refine.pdbx_real_space_R                        ? 
_refine.pdbx_density_correlation                 ? 
_refine.pdbx_pd_number_of_powder_patterns        ? 
_refine.pdbx_pd_number_of_points                 ? 
_refine.pdbx_pd_meas_number_of_points            ? 
_refine.pdbx_pd_proc_ls_prof_R_factor            ? 
_refine.pdbx_pd_proc_ls_prof_wR_factor           ? 
_refine.pdbx_pd_Marquardt_correlation_coeff      ? 
_refine.pdbx_pd_Fsqrd_R_factor                   ? 
_refine.pdbx_pd_ls_matrix_band_width             ? 
_refine.pdbx_overall_phase_error                 ? 
_refine.pdbx_overall_SU_R_free_Cruickshank_DPI   ? 
_refine.pdbx_overall_SU_R_free_Blow_DPI          ? 
_refine.pdbx_overall_SU_R_Blow_DPI               ? 
_refine.pdbx_TLS_residual_ADP_flag               ? 
_refine.pdbx_diffrn_id                           1 
_refine.overall_SU_B                             7.056 
_refine.overall_SU_ML                            0.164 
_refine.overall_SU_R_Cruickshank_DPI             ? 
_refine.overall_SU_R_free                        ? 
_refine.overall_FOM_free_R_set                   ? 
_refine.overall_FOM_work_R_set                   ? 
_refine.pdbx_average_fsc_overall                 ? 
_refine.pdbx_average_fsc_work                    ? 
_refine.pdbx_average_fsc_free                    ? 
# 
_refine_hist.pdbx_refine_id                   'X-RAY DIFFRACTION' 
_refine_hist.cycle_id                         1 
_refine_hist.pdbx_number_atoms_protein        1443 
_refine_hist.pdbx_number_atoms_nucleic_acid   0 
_refine_hist.pdbx_number_atoms_ligand         23 
_refine_hist.number_atoms_solvent             82 
_refine_hist.number_atoms_total               1548 
_refine_hist.d_res_high                       2.20 
_refine_hist.d_res_low                        30.78 
# 
loop_
_refine_ls_restr.pdbx_refine_id 
_refine_ls_restr.criterion 
_refine_ls_restr.dev_ideal 
_refine_ls_restr.dev_ideal_target 
_refine_ls_restr.number 
_refine_ls_restr.rejects 
_refine_ls_restr.type 
_refine_ls_restr.weight 
_refine_ls_restr.pdbx_restraint_function 
'X-RAY DIFFRACTION' ? 0.009  0.013  1492 ? r_bond_refined_d             ? ? 
'X-RAY DIFFRACTION' ? 0.001  0.017  1412 ? r_bond_other_d               ? ? 
'X-RAY DIFFRACTION' ? 1.667  1.659  2015 ? r_angle_refined_deg          ? ? 
'X-RAY DIFFRACTION' ? 1.338  1.598  3285 ? r_angle_other_deg            ? ? 
'X-RAY DIFFRACTION' ? 7.571  5.000  182  ? r_dihedral_angle_1_deg       ? ? 
'X-RAY DIFFRACTION' ? 35.612 23.077 78   ? r_dihedral_angle_2_deg       ? ? 
'X-RAY DIFFRACTION' ? 18.464 15.000 270  ? r_dihedral_angle_3_deg       ? ? 
'X-RAY DIFFRACTION' ? 14.433 15.000 9    ? r_dihedral_angle_4_deg       ? ? 
'X-RAY DIFFRACTION' ? 0.083  0.200  196  ? r_chiral_restr               ? ? 
'X-RAY DIFFRACTION' ? 0.007  0.020  1646 ? r_gen_planes_refined         ? ? 
'X-RAY DIFFRACTION' ? 0.002  0.020  285  ? r_gen_planes_other           ? ? 
'X-RAY DIFFRACTION' ? ?      ?      ?    ? r_nbd_refined                ? ? 
'X-RAY DIFFRACTION' ? ?      ?      ?    ? r_nbd_other                  ? ? 
'X-RAY DIFFRACTION' ? ?      ?      ?    ? r_nbtor_refined              ? ? 
'X-RAY DIFFRACTION' ? ?      ?      ?    ? r_nbtor_other                ? ? 
'X-RAY DIFFRACTION' ? ?      ?      ?    ? r_xyhbond_nbd_refined        ? ? 
'X-RAY DIFFRACTION' ? ?      ?      ?    ? r_xyhbond_nbd_other          ? ? 
'X-RAY DIFFRACTION' ? ?      ?      ?    ? r_metal_ion_refined          ? ? 
'X-RAY DIFFRACTION' ? ?      ?      ?    ? r_metal_ion_other            ? ? 
'X-RAY DIFFRACTION' ? ?      ?      ?    ? r_symmetry_vdw_refined       ? ? 
'X-RAY DIFFRACTION' ? ?      ?      ?    ? r_symmetry_vdw_other         ? ? 
'X-RAY DIFFRACTION' ? ?      ?      ?    ? r_symmetry_hbond_refined     ? ? 
'X-RAY DIFFRACTION' ? ?      ?      ?    ? r_symmetry_hbond_other       ? ? 
'X-RAY DIFFRACTION' ? ?      ?      ?    ? r_symmetry_metal_ion_refined ? ? 
'X-RAY DIFFRACTION' ? ?      ?      ?    ? r_symmetry_metal_ion_other   ? ? 
'X-RAY DIFFRACTION' ? 2.656  3.497  731  ? r_mcbond_it                  ? ? 
'X-RAY DIFFRACTION' ? 2.646  3.497  730  ? r_mcbond_other               ? ? 
'X-RAY DIFFRACTION' ? 3.972  5.240  912  ? r_mcangle_it                 ? ? 
'X-RAY DIFFRACTION' ? 3.972  5.240  913  ? r_mcangle_other              ? ? 
'X-RAY DIFFRACTION' ? 3.833  4.099  761  ? r_scbond_it                  ? ? 
'X-RAY DIFFRACTION' ? 3.830  4.104  762  ? r_scbond_other               ? ? 
'X-RAY DIFFRACTION' ? ?      ?      ?    ? r_scangle_it                 ? ? 
'X-RAY DIFFRACTION' ? 6.011  5.931  1104 ? r_scangle_other              ? ? 
'X-RAY DIFFRACTION' ? 8.475  42.677 1611 ? r_long_range_B_refined       ? ? 
'X-RAY DIFFRACTION' ? 8.473  42.685 1612 ? r_long_range_B_other         ? ? 
'X-RAY DIFFRACTION' ? ?      ?      ?    ? r_rigid_bond_restr           ? ? 
'X-RAY DIFFRACTION' ? ?      ?      ?    ? r_sphericity_free            ? ? 
'X-RAY DIFFRACTION' ? ?      ?      ?    ? r_sphericity_bonded          ? ? 
# 
_refine_ls_shell.pdbx_refine_id                   'X-RAY DIFFRACTION' 
_refine_ls_shell.d_res_high                       2.200 
_refine_ls_shell.d_res_low                        2.257 
_refine_ls_shell.number_reflns_all                ? 
_refine_ls_shell.number_reflns_obs                ? 
_refine_ls_shell.number_reflns_R_free             46 
_refine_ls_shell.number_reflns_R_work             896 
_refine_ls_shell.percent_reflns_obs               91.72 
_refine_ls_shell.percent_reflns_R_free            ? 
_refine_ls_shell.R_factor_all                     ? 
_refine_ls_shell.R_factor_obs                     ? 
_refine_ls_shell.R_factor_R_free                  0.405 
_refine_ls_shell.R_factor_R_free_error            ? 
_refine_ls_shell.R_factor_R_work                  0.364 
_refine_ls_shell.redundancy_reflns_all            ? 
_refine_ls_shell.redundancy_reflns_obs            ? 
_refine_ls_shell.wR_factor_all                    ? 
_refine_ls_shell.wR_factor_obs                    ? 
_refine_ls_shell.wR_factor_R_free                 ? 
_refine_ls_shell.wR_factor_R_work                 ? 
_refine_ls_shell.pdbx_total_number_of_bins_used   20 
_refine_ls_shell.pdbx_phase_error                 ? 
_refine_ls_shell.pdbx_fsc_work                    ? 
_refine_ls_shell.pdbx_fsc_free                    ? 
# 
_struct.entry_id                     6JFQ 
_struct.title                        
'K2U bound crystal structure of class II peptide deformylase from methicillin resistant Staphylococcus aureus' 
_struct.pdbx_model_details           ? 
_struct.pdbx_formula_weight          ? 
_struct.pdbx_formula_weight_method   ? 
_struct.pdbx_model_type_details      ? 
_struct.pdbx_CASP_flag               N 
# 
_struct_keywords.entry_id        6JFQ 
_struct_keywords.text            'peptide deformylase, hydrolase' 
_struct_keywords.pdbx_keywords   HYDROLASE 
# 
loop_
_struct_asym.id 
_struct_asym.pdbx_blank_PDB_chainid_flag 
_struct_asym.pdbx_modified 
_struct_asym.entity_id 
_struct_asym.details 
A N N 1 ? 
B N N 2 ? 
C N N 3 ? 
D N N 4 ? 
# 
loop_
_struct_conf.conf_type_id 
_struct_conf.id 
_struct_conf.pdbx_PDB_helix_id 
_struct_conf.beg_label_comp_id 
_struct_conf.beg_label_asym_id 
_struct_conf.beg_label_seq_id 
_struct_conf.pdbx_beg_PDB_ins_code 
_struct_conf.end_label_comp_id 
_struct_conf.end_label_asym_id 
_struct_conf.end_label_seq_id 
_struct_conf.pdbx_end_PDB_ins_code 
_struct_conf.beg_auth_comp_id 
_struct_conf.beg_auth_asym_id 
_struct_conf.beg_auth_seq_id 
_struct_conf.end_auth_comp_id 
_struct_conf.end_auth_asym_id 
_struct_conf.end_auth_seq_id 
_struct_conf.pdbx_PDB_helix_class 
_struct_conf.details 
_struct_conf.pdbx_PDB_helix_length 
HELX_P HELX_P1 AA1 THR A 3   ? ILE A 7   ? THR A 3   ILE A 7   5 ? 5  
HELX_P HELX_P2 AA2 HIS A 12  ? GLN A 17  ? HIS A 12  GLN A 17  5 ? 6  
HELX_P HELX_P3 AA3 THR A 27  ? ASP A 46  ? THR A 27  ASP A 46  1 ? 20 
HELX_P HELX_P4 AA4 ASP A 46  ? TYR A 53  ? ASP A 46  TYR A 53  1 ? 8  
HELX_P HELX_P5 AA5 PRO A 64  ? ASN A 67  ? PRO A 64  ASN A 67  5 ? 4  
HELX_P HELX_P6 AA6 GLY A 146 ? ASN A 160 ? GLY A 146 ASN A 160 1 ? 15 
HELX_P HELX_P7 AA7 MET A 163 ? ILE A 168 ? MET A 163 ILE A 168 5 ? 6  
# 
_struct_conf_type.id          HELX_P 
_struct_conf_type.criteria    ? 
_struct_conf_type.reference   ? 
# 
loop_
_struct_conn.id 
_struct_conn.conn_type_id 
_struct_conn.pdbx_leaving_atom_flag 
_struct_conn.pdbx_PDB_id 
_struct_conn.ptnr1_label_asym_id 
_struct_conn.ptnr1_label_comp_id 
_struct_conn.ptnr1_label_seq_id 
_struct_conn.ptnr1_label_atom_id 
_struct_conn.pdbx_ptnr1_label_alt_id 
_struct_conn.pdbx_ptnr1_PDB_ins_code 
_struct_conn.pdbx_ptnr1_standard_comp_id 
_struct_conn.ptnr1_symmetry 
_struct_conn.ptnr2_label_asym_id 
_struct_conn.ptnr2_label_comp_id 
_struct_conn.ptnr2_label_seq_id 
_struct_conn.ptnr2_label_atom_id 
_struct_conn.pdbx_ptnr2_label_alt_id 
_struct_conn.pdbx_ptnr2_PDB_ins_code 
_struct_conn.ptnr1_auth_asym_id 
_struct_conn.ptnr1_auth_comp_id 
_struct_conn.ptnr1_auth_seq_id 
_struct_conn.ptnr2_auth_asym_id 
_struct_conn.ptnr2_auth_comp_id 
_struct_conn.ptnr2_auth_seq_id 
_struct_conn.ptnr2_symmetry 
_struct_conn.pdbx_ptnr3_label_atom_id 
_struct_conn.pdbx_ptnr3_label_seq_id 
_struct_conn.pdbx_ptnr3_label_comp_id 
_struct_conn.pdbx_ptnr3_label_asym_id 
_struct_conn.pdbx_ptnr3_label_alt_id 
_struct_conn.pdbx_ptnr3_PDB_ins_code 
_struct_conn.details 
_struct_conn.pdbx_dist_value 
_struct_conn.pdbx_value_order 
_struct_conn.pdbx_role 
metalc1 metalc ? ? A HIS 154 NE2 ? ? ? 1_555 B NI  . NI  ? ? A HIS 154 A NI  201 1_555 ? ? ? ? ? ? ? 2.622 ? ? 
metalc2 metalc ? ? A HIS 158 NE2 ? ? ? 1_555 B NI  . NI  ? ? A HIS 158 A NI  201 1_555 ? ? ? ? ? ? ? 2.506 ? ? 
metalc3 metalc ? ? B NI  .   NI  ? ? ? 1_555 C K2U . O22 ? ? A NI  201 A K2U 202 1_555 ? ? ? ? ? ? ? 2.768 ? ? 
# 
_struct_conn_type.id          metalc 
_struct_conn_type.criteria    ? 
_struct_conn_type.reference   ? 
# 
_struct_mon_prot_cis.pdbx_id                1 
_struct_mon_prot_cis.label_comp_id          LEU 
_struct_mon_prot_cis.label_seq_id           24 
_struct_mon_prot_cis.label_asym_id          A 
_struct_mon_prot_cis.label_alt_id           . 
_struct_mon_prot_cis.pdbx_PDB_ins_code      ? 
_struct_mon_prot_cis.auth_comp_id           LEU 
_struct_mon_prot_cis.auth_seq_id            24 
_struct_mon_prot_cis.auth_asym_id           A 
_struct_mon_prot_cis.pdbx_label_comp_id_2   PRO 
_struct_mon_prot_cis.pdbx_label_seq_id_2    25 
_struct_mon_prot_cis.pdbx_label_asym_id_2   A 
_struct_mon_prot_cis.pdbx_PDB_ins_code_2    ? 
_struct_mon_prot_cis.pdbx_auth_comp_id_2    PRO 
_struct_mon_prot_cis.pdbx_auth_seq_id_2     25 
_struct_mon_prot_cis.pdbx_auth_asym_id_2    A 
_struct_mon_prot_cis.pdbx_PDB_model_num     1 
_struct_mon_prot_cis.pdbx_omega_angle       1.19 
# 
loop_
_struct_sheet.id 
_struct_sheet.type 
_struct_sheet.number_strands 
_struct_sheet.details 
AA1 ? 5 ? 
AA2 ? 3 ? 
# 
loop_
_struct_sheet_order.sheet_id 
_struct_sheet_order.range_id_1 
_struct_sheet_order.range_id_2 
_struct_sheet_order.offset 
_struct_sheet_order.sense 
AA1 1 2 ? anti-parallel 
AA1 2 3 ? anti-parallel 
AA1 3 4 ? anti-parallel 
AA1 4 5 ? anti-parallel 
AA2 1 2 ? anti-parallel 
AA2 2 3 ? parallel      
# 
loop_
_struct_sheet_range.sheet_id 
_struct_sheet_range.id 
_struct_sheet_range.beg_label_comp_id 
_struct_sheet_range.beg_label_asym_id 
_struct_sheet_range.beg_label_seq_id 
_struct_sheet_range.pdbx_beg_PDB_ins_code 
_struct_sheet_range.end_label_comp_id 
_struct_sheet_range.end_label_asym_id 
_struct_sheet_range.end_label_seq_id 
_struct_sheet_range.pdbx_end_PDB_ins_code 
_struct_sheet_range.beg_auth_comp_id 
_struct_sheet_range.beg_auth_asym_id 
_struct_sheet_range.beg_auth_seq_id 
_struct_sheet_range.end_auth_comp_id 
_struct_sheet_range.end_auth_asym_id 
_struct_sheet_range.end_auth_seq_id 
AA1 1 GLY A 60  ? ALA A 62  ? GLY A 60  ALA A 62  
AA1 2 MET A 72  ? ILE A 77  ? MET A 72  ILE A 77  
AA1 3 TYR A 86  ? HIS A 98  ? TYR A 86  HIS A 98  
AA1 4 ARG A 127 ? LYS A 133 ? ARG A 127 LYS A 133 
AA1 5 ASP A 139 ? LYS A 145 ? ASP A 139 LYS A 145 
AA2 1 ARG A 124 ? HIS A 125 ? ARG A 124 HIS A 125 
AA2 2 GLU A 102 ? TYR A 104 ? GLU A 102 TYR A 104 
AA2 3 VAL A 181 ? GLU A 182 ? VAL A 181 GLU A 182 
# 
loop_
_pdbx_struct_sheet_hbond.sheet_id 
_pdbx_struct_sheet_hbond.range_id_1 
_pdbx_struct_sheet_hbond.range_id_2 
_pdbx_struct_sheet_hbond.range_1_label_atom_id 
_pdbx_struct_sheet_hbond.range_1_label_comp_id 
_pdbx_struct_sheet_hbond.range_1_label_asym_id 
_pdbx_struct_sheet_hbond.range_1_label_seq_id 
_pdbx_struct_sheet_hbond.range_1_PDB_ins_code 
_pdbx_struct_sheet_hbond.range_1_auth_atom_id 
_pdbx_struct_sheet_hbond.range_1_auth_comp_id 
_pdbx_struct_sheet_hbond.range_1_auth_asym_id 
_pdbx_struct_sheet_hbond.range_1_auth_seq_id 
_pdbx_struct_sheet_hbond.range_2_label_atom_id 
_pdbx_struct_sheet_hbond.range_2_label_comp_id 
_pdbx_struct_sheet_hbond.range_2_label_asym_id 
_pdbx_struct_sheet_hbond.range_2_label_seq_id 
_pdbx_struct_sheet_hbond.range_2_PDB_ins_code 
_pdbx_struct_sheet_hbond.range_2_auth_atom_id 
_pdbx_struct_sheet_hbond.range_2_auth_comp_id 
_pdbx_struct_sheet_hbond.range_2_auth_asym_id 
_pdbx_struct_sheet_hbond.range_2_auth_seq_id 
AA1 1 2 N LEU A 61  ? N LEU A 61  O ALA A 74  ? O ALA A 74  
AA1 2 3 N ILE A 77  ? N ILE A 77  O TYR A 86  ? O TYR A 86  
AA1 3 4 N VAL A 91  ? N VAL A 91  O LYS A 133 ? O LYS A 133 
AA1 4 5 N ILE A 128 ? N ILE A 128 O LEU A 144 ? O LEU A 144 
AA2 1 2 O ARG A 124 ? O ARG A 124 N ALA A 103 ? N ALA A 103 
AA2 2 3 N GLU A 102 ? N GLU A 102 O VAL A 181 ? O VAL A 181 
# 
loop_
_struct_site.id 
_struct_site.pdbx_evidence_code 
_struct_site.pdbx_auth_asym_id 
_struct_site.pdbx_auth_comp_id 
_struct_site.pdbx_auth_seq_id 
_struct_site.pdbx_auth_ins_code 
_struct_site.pdbx_num_residues 
_struct_site.details 
AC1 Software A NI  201 ? 6  'binding site for residue NI A 201'  
AC2 Software A K2U 202 ? 14 'binding site for residue K2U A 202' 
# 
loop_
_struct_site_gen.id 
_struct_site_gen.site_id 
_struct_site_gen.pdbx_num_res 
_struct_site_gen.label_comp_id 
_struct_site_gen.label_asym_id 
_struct_site_gen.label_seq_id 
_struct_site_gen.pdbx_auth_ins_code 
_struct_site_gen.auth_comp_id 
_struct_site_gen.auth_asym_id 
_struct_site_gen.auth_seq_id 
_struct_site_gen.label_atom_id 
_struct_site_gen.label_alt_id 
_struct_site_gen.symmetry 
_struct_site_gen.details 
1  AC1 6  GLN A 65  ? GLN A 65  . ? 1_555 ? 
2  AC1 6  CYS A 111 ? CYS A 111 . ? 1_555 ? 
3  AC1 6  HIS A 154 ? HIS A 154 . ? 1_555 ? 
4  AC1 6  HIS A 158 ? HIS A 158 . ? 1_555 ? 
5  AC1 6  K2U C .   ? K2U A 202 . ? 1_555 ? 
6  AC1 6  HOH D .   ? HOH A 375 . ? 1_555 ? 
7  AC2 14 SER A 57  ? SER A 57  . ? 1_555 ? 
8  AC2 14 GLY A 58  ? GLY A 58  . ? 1_555 ? 
9  AC2 14 VAL A 59  ? VAL A 59  . ? 1_555 ? 
10 AC2 14 GLY A 60  ? GLY A 60  . ? 1_555 ? 
11 AC2 14 GLN A 65  ? GLN A 65  . ? 1_555 ? 
12 AC2 14 LEU A 105 ? LEU A 105 . ? 1_555 ? 
13 AC2 14 GLU A 109 ? GLU A 109 . ? 1_555 ? 
14 AC2 14 GLY A 110 ? GLY A 110 . ? 1_555 ? 
15 AC2 14 CYS A 111 ? CYS A 111 . ? 1_555 ? 
16 AC2 14 LEU A 112 ? LEU A 112 . ? 1_555 ? 
17 AC2 14 HIS A 154 ? HIS A 154 . ? 1_555 ? 
18 AC2 14 GLU A 155 ? GLU A 155 . ? 1_555 ? 
19 AC2 14 HIS A 158 ? HIS A 158 . ? 1_555 ? 
20 AC2 14 NI  B .   ? NI  A 201 . ? 1_555 ? 
# 
_atom_sites.entry_id                    6JFQ 
_atom_sites.fract_transf_matrix[1][1]   -0.00925931 
_atom_sites.fract_transf_matrix[1][2]   0.00488430 
_atom_sites.fract_transf_matrix[1][3]   0.00046711 
_atom_sites.fract_transf_matrix[2][1]   0.00086939 
_atom_sites.fract_transf_matrix[2][2]   0.00086452 
_atom_sites.fract_transf_matrix[2][3]   0.00819378 
_atom_sites.fract_transf_matrix[3][1]   0.00968403 
_atom_sites.fract_transf_matrix[3][2]   0.01864469 
_atom_sites.fract_transf_matrix[3][3]   -0.00299470 
_atom_sites.fract_transf_vector[1]      -0.335678 
_atom_sites.fract_transf_vector[2]      0.150883 
_atom_sites.fract_transf_vector[3]      0.136930 
# 
loop_
_atom_type.symbol 
C  
N  
NI 
O  
S  
# 
loop_
_atom_site.group_PDB 
_atom_site.id 
_atom_site.type_symbol 
_atom_site.label_atom_id 
_atom_site.label_alt_id 
_atom_site.label_comp_id 
_atom_site.label_asym_id 
_atom_site.label_entity_id 
_atom_site.label_seq_id 
_atom_site.pdbx_PDB_ins_code 
_atom_site.Cartn_x 
_atom_site.Cartn_y 
_atom_site.Cartn_z 
_atom_site.occupancy 
_atom_site.B_iso_or_equiv 
_atom_site.pdbx_formal_charge 
_atom_site.auth_seq_id 
_atom_site.auth_comp_id 
_atom_site.auth_asym_id 
_atom_site.auth_atom_id 
_atom_site.pdbx_PDB_model_num 
ATOM   1    N  N   . MET A 1 1   ? 10.346  11.778  12.919  1.00 44.81  ? 1   MET A N   1 
ATOM   2    C  CA  . MET A 1 1   ? 9.660   10.498  13.085  1.00 41.15  ? 1   MET A CA  1 
ATOM   3    C  C   . MET A 1 1   ? 8.158   10.691  12.855  1.00 41.83  ? 1   MET A C   1 
ATOM   4    O  O   . MET A 1 1   ? 7.528   11.523  13.550  1.00 42.75  ? 1   MET A O   1 
ATOM   5    C  CB  . MET A 1 1   ? 9.909   9.937   14.482  1.00 44.27  ? 1   MET A CB  1 
ATOM   6    C  CG  . MET A 1 1   ? 8.745   9.141   15.028  1.00 48.36  ? 1   MET A CG  1 
ATOM   7    S  SD  . MET A 1 1   ? 9.179   8.223   16.526  1.00 49.52  ? 1   MET A SD  1 
ATOM   8    C  CE  . MET A 1 1   ? 7.768   7.126   16.656  1.00 52.78  ? 1   MET A CE  1 
ATOM   9    N  N   . LEU A 1 2   ? 7.593   9.922   11.929  1.00 39.76  ? 2   LEU A N   1 
ATOM   10   C  CA  . LEU A 1 2   ? 6.145   9.983   11.627  1.00 39.24  ? 2   LEU A CA  1 
ATOM   11   C  C   . LEU A 1 2   ? 5.372   9.218   12.703  1.00 38.57  ? 2   LEU A C   1 
ATOM   12   O  O   . LEU A 1 2   ? 5.938   8.275   13.295  1.00 39.02  ? 2   LEU A O   1 
ATOM   13   C  CB  . LEU A 1 2   ? 5.888   9.367   10.256  1.00 41.85  ? 2   LEU A CB  1 
ATOM   14   C  CG  . LEU A 1 2   ? 6.454   10.127  9.065   1.00 41.91  ? 2   LEU A CG  1 
ATOM   15   C  CD1 . LEU A 1 2   ? 6.314   9.280   7.816   1.00 41.90  ? 2   LEU A CD1 1 
ATOM   16   C  CD2 . LEU A 1 2   ? 5.754   11.464  8.882   1.00 43.84  ? 2   LEU A CD2 1 
ATOM   17   N  N   . THR A 1 3   ? 4.122   9.619   12.923  1.00 35.31  ? 3   THR A N   1 
ATOM   18   C  CA  . THR A 1 3   ? 3.129   8.964   13.818  1.00 36.99  ? 3   THR A CA  1 
ATOM   19   C  C   . THR A 1 3   ? 1.738   9.070   13.178  1.00 36.68  ? 3   THR A C   1 
ATOM   20   O  O   . THR A 1 3   ? 1.628   9.689   12.095  1.00 32.32  ? 3   THR A O   1 
ATOM   21   C  CB  . THR A 1 3   ? 3.094   9.643   15.193  1.00 38.05  ? 3   THR A CB  1 
ATOM   22   O  OG1 . THR A 1 3   ? 2.549   10.957  15.009  1.00 41.21  ? 3   THR A OG1 1 
ATOM   23   C  CG2 . THR A 1 3   ? 4.454   9.710   15.849  1.00 38.28  ? 3   THR A CG2 1 
ATOM   24   N  N   . MET A 1 4   ? 0.705   8.574   13.864  1.00 38.55  ? 4   MET A N   1 
ATOM   25   C  CA  . MET A 1 4   ? -0.686  8.601   13.355  1.00 41.07  ? 4   MET A CA  1 
ATOM   26   C  C   . MET A 1 4   ? -1.109  10.048  13.075  1.00 43.08  ? 4   MET A C   1 
ATOM   27   O  O   . MET A 1 4   ? -1.983  10.241  12.200  1.00 42.04  ? 4   MET A O   1 
ATOM   28   C  CB  . MET A 1 4   ? -1.674  7.968   14.333  1.00 40.47  ? 4   MET A CB  1 
ATOM   29   C  CG  . MET A 1 4   ? -1.355  6.520   14.665  1.00 44.64  ? 4   MET A CG  1 
ATOM   30   S  SD  . MET A 1 4   ? -1.016  5.477   13.230  1.00 43.04  ? 4   MET A SD  1 
ATOM   31   C  CE  . MET A 1 4   ? -2.604  5.520   12.392  1.00 42.52  ? 4   MET A CE  1 
ATOM   32   N  N   . LYS A 1 5   ? -0.540  11.047  13.754  1.00 40.16  ? 5   LYS A N   1 
ATOM   33   C  CA  . LYS A 1 5   ? -1.067  12.416  13.553  1.00 45.28  ? 5   LYS A CA  1 
ATOM   34   C  C   . LYS A 1 5   ? -0.610  12.906  12.176  1.00 43.05  ? 5   LYS A C   1 
ATOM   35   O  O   . LYS A 1 5   ? -1.255  13.809  11.649  1.00 45.89  ? 5   LYS A O   1 
ATOM   36   C  CB  . LYS A 1 5   ? -0.797  13.335  14.755  1.00 51.05  ? 5   LYS A CB  1 
ATOM   37   C  CG  . LYS A 1 5   ? 0.602   13.898  14.946  1.00 56.39  ? 5   LYS A CG  1 
ATOM   38   C  CD  . LYS A 1 5   ? 0.570   15.105  15.874  1.00 63.33  ? 5   LYS A CD  1 
ATOM   39   C  CE  . LYS A 1 5   ? 1.758   15.201  16.809  1.00 69.61  ? 5   LYS A CE  1 
ATOM   40   N  NZ  . LYS A 1 5   ? 1.851   16.551  17.417  1.00 72.92  ? 5   LYS A NZ  1 
ATOM   41   N  N   . ASP A 1 6   ? 0.366   12.246  11.557  1.00 45.21  ? 6   ASP A N   1 
ATOM   42   C  CA  . ASP A 1 6   ? 0.862   12.564  10.187  1.00 41.57  ? 6   ASP A CA  1 
ATOM   43   C  C   . ASP A 1 6   ? -0.055  11.958  9.107   1.00 39.62  ? 6   ASP A C   1 
ATOM   44   O  O   . ASP A 1 6   ? -0.008  12.436  7.954   1.00 35.35  ? 6   ASP A O   1 
ATOM   45   C  CB  . ASP A 1 6   ? 2.299   12.071  10.024  1.00 43.63  ? 6   ASP A CB  1 
ATOM   46   C  CG  . ASP A 1 6   ? 3.283   12.776  10.946  1.00 47.53  ? 6   ASP A CG  1 
ATOM   47   O  OD1 . ASP A 1 6   ? 3.560   13.974  10.686  1.00 47.39  ? 6   ASP A OD1 1 
ATOM   48   O  OD2 . ASP A 1 6   ? 3.755   12.132  11.926  1.00 48.10  ? 6   ASP A OD2 1 
ATOM   49   N  N   . ILE A 1 7   ? -0.851  10.943  9.446   1.00 36.66  ? 7   ILE A N   1 
ATOM   50   C  CA  . ILE A 1 7   ? -1.728  10.217  8.489   1.00 35.66  ? 7   ILE A CA  1 
ATOM   51   C  C   . ILE A 1 7   ? -3.041  10.982  8.357   1.00 33.78  ? 7   ILE A C   1 
ATOM   52   O  O   . ILE A 1 7   ? -3.768  11.033  9.327   1.00 39.07  ? 7   ILE A O   1 
ATOM   53   C  CB  . ILE A 1 7   ? -2.017  8.794   8.991   1.00 39.09  ? 7   ILE A CB  1 
ATOM   54   C  CG1 . ILE A 1 7   ? -0.760  8.025   9.404   1.00 40.89  ? 7   ILE A CG1 1 
ATOM   55   C  CG2 . ILE A 1 7   ? -2.875  8.037   7.989   1.00 37.79  ? 7   ILE A CG2 1 
ATOM   56   C  CD1 . ILE A 1 7   ? 0.247   7.838   8.312   1.00 46.78  ? 7   ILE A CD1 1 
ATOM   57   N  N   . ILE A 1 8   ? -3.367  11.484  7.180   1.00 35.34  ? 8   ILE A N   1 
ATOM   58   C  CA  . ILE A 1 8   ? -4.669  12.152  6.900   1.00 34.50  ? 8   ILE A CA  1 
ATOM   59   C  C   . ILE A 1 8   ? -5.755  11.085  6.805   1.00 35.39  ? 8   ILE A C   1 
ATOM   60   O  O   . ILE A 1 8   ? -5.468  9.924   6.487   1.00 37.45  ? 8   ILE A O   1 
ATOM   61   C  CB  . ILE A 1 8   ? -4.565  13.007  5.631   1.00 36.59  ? 8   ILE A CB  1 
ATOM   62   C  CG1 . ILE A 1 8   ? -4.370  12.148  4.375   1.00 37.88  ? 8   ILE A CG1 1 
ATOM   63   C  CG2 . ILE A 1 8   ? -3.441  14.011  5.796   1.00 35.95  ? 8   ILE A CG2 1 
ATOM   64   C  CD1 . ILE A 1 8   ? -4.255  12.945  3.090   1.00 38.59  ? 8   ILE A CD1 1 
ATOM   65   N  N   . ARG A 1 9   ? -6.980  11.478  7.082   1.00 37.31  ? 9   ARG A N   1 
ATOM   66   C  CA  . ARG A 1 9   ? -8.091  10.531  7.253   1.00 39.34  ? 9   ARG A CA  1 
ATOM   67   C  C   . ARG A 1 9   ? -9.010  10.628  6.048   1.00 36.87  ? 9   ARG A C   1 
ATOM   68   O  O   . ARG A 1 9   ? -9.013  11.661  5.376   1.00 35.99  ? 9   ARG A O   1 
ATOM   69   C  CB  . ARG A 1 9   ? -8.815  10.831  8.568   1.00 43.79  ? 9   ARG A CB  1 
ATOM   70   C  CG  . ARG A 1 9   ? -7.899  10.763  9.780   1.00 44.94  ? 9   ARG A CG  1 
ATOM   71   C  CD  . ARG A 1 9   ? -6.956  9.576   9.723   1.00 45.94  ? 9   ARG A CD  1 
ATOM   72   N  NE  . ARG A 1 9   ? -6.731  9.078   11.063  1.00 53.23  ? 9   ARG A NE  1 
ATOM   73   C  CZ  . ARG A 1 9   ? -5.594  9.166   11.744  1.00 55.00  ? 9   ARG A CZ  1 
ATOM   74   N  NH1 . ARG A 1 9   ? -4.513  9.707   11.212  1.00 54.10  ? 9   ARG A NH1 1 
ATOM   75   N  NH2 . ARG A 1 9   ? -5.539  8.681   12.969  1.00 54.00  ? 9   ARG A NH2 1 
ATOM   76   N  N   . ASP A 1 10  ? -9.695  9.529   5.783   1.00 37.42  ? 10  ASP A N   1 
ATOM   77   C  CA  . ASP A 1 10  ? -10.772 9.430   4.777   1.00 42.83  ? 10  ASP A CA  1 
ATOM   78   C  C   . ASP A 1 10  ? -11.591 10.728  4.831   1.00 44.59  ? 10  ASP A C   1 
ATOM   79   O  O   . ASP A 1 10  ? -11.922 11.147  5.942   1.00 56.02  ? 10  ASP A O   1 
ATOM   80   C  CB  . ASP A 1 10  ? -11.565 8.162   5.072   1.00 43.55  ? 10  ASP A CB  1 
ATOM   81   C  CG  . ASP A 1 10  ? -12.528 7.773   3.980   1.00 45.42  ? 10  ASP A CG  1 
ATOM   82   O  OD1 . ASP A 1 10  ? -12.291 8.168   2.846   1.00 50.07  ? 10  ASP A OD1 1 
ATOM   83   O  OD2 . ASP A 1 10  ? -13.499 7.070   4.287   1.00 58.88  ? 10  ASP A OD2 1 
ATOM   84   N  N   . GLY A 1 11  ? -11.899 11.342  3.686   1.00 42.77  ? 11  GLY A N   1 
ATOM   85   C  CA  . GLY A 1 11  ? -12.550 12.663  3.619   1.00 38.18  ? 11  GLY A CA  1 
ATOM   86   C  C   . GLY A 1 11  ? -11.545 13.752  3.303   1.00 37.95  ? 11  GLY A C   1 
ATOM   87   O  O   . GLY A 1 11  ? -11.924 14.760  2.685   1.00 39.38  ? 11  GLY A O   1 
ATOM   88   N  N   . HIS A 1 12  ? -10.287 13.591  3.695   1.00 35.71  ? 12  HIS A N   1 
ATOM   89   C  CA  . HIS A 1 12  ? -9.246  14.559  3.285   1.00 38.89  ? 12  HIS A CA  1 
ATOM   90   C  C   . HIS A 1 12  ? -9.142  14.514  1.760   1.00 40.01  ? 12  HIS A C   1 
ATOM   91   O  O   . HIS A 1 12  ? -9.045  13.435  1.179   1.00 38.51  ? 12  HIS A O   1 
ATOM   92   C  CB  . HIS A 1 12  ? -7.923  14.291  3.998   1.00 42.59  ? 12  HIS A CB  1 
ATOM   93   C  CG  . HIS A 1 12  ? -6.954  15.397  3.775   1.00 44.75  ? 12  HIS A CG  1 
ATOM   94   N  ND1 . HIS A 1 12  ? -6.462  15.699  2.520   1.00 49.71  ? 12  HIS A ND1 1 
ATOM   95   C  CD2 . HIS A 1 12  ? -6.413  16.292  4.623   1.00 45.44  ? 12  HIS A CD2 1 
ATOM   96   C  CE1 . HIS A 1 12  ? -5.631  16.718  2.613   1.00 50.25  ? 12  HIS A CE1 1 
ATOM   97   N  NE2 . HIS A 1 12  ? -5.580  17.096  3.894   1.00 49.09  ? 12  HIS A NE2 1 
ATOM   98   N  N   . PRO A 1 13  ? -9.195  15.672  1.058   1.00 39.53  ? 13  PRO A N   1 
ATOM   99   C  CA  . PRO A 1 13  ? -9.236  15.692  -0.402  1.00 36.73  ? 13  PRO A CA  1 
ATOM   100  C  C   . PRO A 1 13  ? -7.994  15.084  -1.072  1.00 36.77  ? 13  PRO A C   1 
ATOM   101  O  O   . PRO A 1 13  ? -8.163  14.551  -2.140  1.00 35.35  ? 13  PRO A O   1 
ATOM   102  C  CB  . PRO A 1 13  ? -9.299  17.187  -0.762  1.00 36.38  ? 13  PRO A CB  1 
ATOM   103  C  CG  . PRO A 1 13  ? -9.792  17.857  0.486   1.00 36.08  ? 13  PRO A CG  1 
ATOM   104  C  CD  . PRO A 1 13  ? -9.242  17.029  1.622   1.00 40.23  ? 13  PRO A CD  1 
ATOM   105  N  N   . THR A 1 14  ? -6.805  15.203  -0.462  1.00 34.58  ? 14  THR A N   1 
ATOM   106  C  CA  . THR A 1 14  ? -5.522  14.713  -1.038  1.00 33.88  ? 14  THR A CA  1 
ATOM   107  C  C   . THR A 1 14  ? -5.625  13.216  -1.323  1.00 34.14  ? 14  THR A C   1 
ATOM   108  O  O   . THR A 1 14  ? -4.964  12.753  -2.279  1.00 39.21  ? 14  THR A O   1 
ATOM   109  C  CB  . THR A 1 14  ? -4.323  14.999  -0.135  1.00 33.88  ? 14  THR A CB  1 
ATOM   110  O  OG1 . THR A 1 14  ? -4.189  16.408  0.019   1.00 35.48  ? 14  THR A OG1 1 
ATOM   111  C  CG2 . THR A 1 14  ? -3.024  14.470  -0.695  1.00 34.01  ? 14  THR A CG2 1 
ATOM   112  N  N   . LEU A 1 15  ? -6.431  12.491  -0.543  1.00 34.57  ? 15  LEU A N   1 
ATOM   113  C  CA  . LEU A 1 15  ? -6.596  11.021  -0.690  1.00 37.13  ? 15  LEU A CA  1 
ATOM   114  C  C   . LEU A 1 15  ? -7.328  10.713  -1.993  1.00 40.05  ? 15  LEU A C   1 
ATOM   115  O  O   . LEU A 1 15  ? -7.162  9.584   -2.476  1.00 46.95  ? 15  LEU A O   1 
ATOM   116  C  CB  . LEU A 1 15  ? -7.380  10.438  0.490   1.00 39.05  ? 15  LEU A CB  1 
ATOM   117  C  CG  . LEU A 1 15  ? -6.625  10.354  1.820   1.00 39.99  ? 15  LEU A CG  1 
ATOM   118  C  CD1 . LEU A 1 15  ? -7.570  9.952   2.953   1.00 38.89  ? 15  LEU A CD1 1 
ATOM   119  C  CD2 . LEU A 1 15  ? -5.430  9.407   1.736   1.00 37.62  ? 15  LEU A CD2 1 
ATOM   120  N  N   . ARG A 1 16  ? -8.105  11.663  -2.529  1.00 38.71  ? 16  ARG A N   1 
ATOM   121  C  CA  . ARG A 1 16  ? -8.903  11.453  -3.771  1.00 37.67  ? 16  ARG A CA  1 
ATOM   122  C  C   . ARG A 1 16  ? -8.226  12.116  -4.973  1.00 37.27  ? 16  ARG A C   1 
ATOM   123  O  O   . ARG A 1 16  ? -8.844  12.139  -6.027  1.00 36.88  ? 16  ARG A O   1 
ATOM   124  C  CB  . ARG A 1 16  ? -10.331 12.005  -3.640  1.00 35.10  ? 16  ARG A CB  1 
ATOM   125  C  CG  . ARG A 1 16  ? -11.298 11.110  -2.880  1.00 34.12  ? 16  ARG A CG  1 
ATOM   126  C  CD  . ARG A 1 16  ? -11.240 9.671   -3.327  1.00 35.78  ? 16  ARG A CD  1 
ATOM   127  N  NE  . ARG A 1 16  ? -12.207 8.847   -2.624  1.00 37.16  ? 16  ARG A NE  1 
ATOM   128  C  CZ  . ARG A 1 16  ? -12.399 7.557   -2.861  1.00 37.89  ? 16  ARG A CZ  1 
ATOM   129  N  NH1 . ARG A 1 16  ? -11.682 6.933   -3.776  1.00 39.63  ? 16  ARG A NH1 1 
ATOM   130  N  NH2 . ARG A 1 16  ? -13.302 6.880   -2.181  1.00 41.17  ? 16  ARG A NH2 1 
ATOM   131  N  N   . GLN A 1 17  ? -7.024  12.667  -4.853  1.00 39.32  ? 17  GLN A N   1 
ATOM   132  C  CA  . GLN A 1 17  ? -6.383  13.263  -6.048  1.00 40.22  ? 17  GLN A CA  1 
ATOM   133  C  C   . GLN A 1 17  ? -5.551  12.192  -6.727  1.00 38.61  ? 17  GLN A C   1 
ATOM   134  O  O   . GLN A 1 17  ? -5.532  11.076  -6.214  1.00 41.02  ? 17  GLN A O   1 
ATOM   135  C  CB  . GLN A 1 17  ? -5.616  14.513  -5.670  1.00 43.42  ? 17  GLN A CB  1 
ATOM   136  C  CG  . GLN A 1 17  ? -6.580  15.627  -5.296  1.00 45.24  ? 17  GLN A CG  1 
ATOM   137  C  CD  . GLN A 1 17  ? -5.965  16.506  -4.248  1.00 50.60  ? 17  GLN A CD  1 
ATOM   138  O  OE1 . GLN A 1 17  ? -4.791  16.874  -4.339  1.00 51.92  ? 17  GLN A OE1 1 
ATOM   139  N  NE2 . GLN A 1 17  ? -6.746  16.784  -3.216  1.00 59.34  ? 17  GLN A NE2 1 
ATOM   140  N  N   . LYS A 1 18  ? -4.987  12.519  -7.884  1.00 40.97  ? 18  LYS A N   1 
ATOM   141  C  CA  . LYS A 1 18  ? -4.055  11.650  -8.635  1.00 40.02  ? 18  LYS A CA  1 
ATOM   142  C  C   . LYS A 1 18  ? -2.664  12.175  -8.329  1.00 33.66  ? 18  LYS A C   1 
ATOM   143  O  O   . LYS A 1 18  ? -2.383  13.303  -8.714  1.00 32.13  ? 18  LYS A O   1 
ATOM   144  C  CB  . LYS A 1 18  ? -4.364  11.674  -10.133 1.00 50.91  ? 18  LYS A CB  1 
ATOM   145  C  CG  . LYS A 1 18  ? -5.071  10.441  -10.691 1.00 63.84  ? 18  LYS A CG  1 
ATOM   146  C  CD  . LYS A 1 18  ? -6.540  10.273  -10.268 1.00 72.33  ? 18  LYS A CD  1 
ATOM   147  C  CE  . LYS A 1 18  ? -7.514  11.197  -10.973 1.00 79.35  ? 18  LYS A CE  1 
ATOM   148  N  NZ  . LYS A 1 18  ? -7.528  10.968  -12.438 1.00 87.45  ? 18  LYS A NZ  1 
ATOM   149  N  N   . ALA A 1 19  ? -1.846  11.391  -7.634  1.00 30.28  ? 19  ALA A N   1 
ATOM   150  C  CA  . ALA A 1 19  ? -0.493  11.789  -7.198  1.00 28.78  ? 19  ALA A CA  1 
ATOM   151  C  C   . ALA A 1 19  ? 0.360   12.070  -8.436  1.00 30.63  ? 19  ALA A C   1 
ATOM   152  O  O   . ALA A 1 19  ? 0.100   11.445  -9.477  1.00 30.03  ? 19  ALA A O   1 
ATOM   153  C  CB  . ALA A 1 19  ? 0.095   10.699  -6.326  1.00 30.09  ? 19  ALA A CB  1 
ATOM   154  N  N   . ALA A 1 20  ? 1.346   12.963  -8.336  1.00 31.04  ? 20  ALA A N   1 
ATOM   155  C  CA  . ALA A 1 20  ? 2.199   13.360  -9.479  1.00 31.43  ? 20  ALA A CA  1 
ATOM   156  C  C   . ALA A 1 20  ? 3.400   12.435  -9.564  1.00 34.06  ? 20  ALA A C   1 
ATOM   157  O  O   . ALA A 1 20  ? 3.971   12.089  -8.480  1.00 34.93  ? 20  ALA A O   1 
ATOM   158  C  CB  . ALA A 1 20  ? 2.692   14.779  -9.340  1.00 30.40  ? 20  ALA A CB  1 
ATOM   159  N  N   . GLU A 1 21  ? 3.839   12.176  -10.799 1.00 35.78  ? 21  GLU A N   1 
ATOM   160  C  CA  . GLU A 1 21  ? 5.098   11.459  -11.090 1.00 36.45  ? 21  GLU A CA  1 
ATOM   161  C  C   . GLU A 1 21  ? 6.235   12.267  -10.506 1.00 36.85  ? 21  GLU A C   1 
ATOM   162  O  O   . GLU A 1 21  ? 6.141   13.480  -10.520 1.00 47.75  ? 21  GLU A O   1 
ATOM   163  C  CB  . GLU A 1 21  ? 5.319   11.288  -12.579 1.00 39.63  ? 21  GLU A CB  1 
ATOM   164  C  CG  . GLU A 1 21  ? 4.431   10.221  -13.166 1.00 50.85  ? 21  GLU A CG  1 
ATOM   165  C  CD  . GLU A 1 21  ? 5.206   9.206   -13.984 1.00 64.10  ? 21  GLU A CD  1 
ATOM   166  O  OE1 . GLU A 1 21  ? 5.903   9.640   -14.940 1.00 67.94  ? 21  GLU A OE1 1 
ATOM   167  O  OE2 . GLU A 1 21  ? 5.143   7.990   -13.641 1.00 73.55  ? 21  GLU A OE2 1 
ATOM   168  N  N   . LEU A 1 22  ? 7.259   11.594  -10.017 1.00 34.86  ? 22  LEU A N   1 
ATOM   169  C  CA  . LEU A 1 22  ? 8.505   12.235  -9.560  1.00 35.01  ? 22  LEU A CA  1 
ATOM   170  C  C   . LEU A 1 22  ? 9.490   12.328  -10.707 1.00 36.18  ? 22  LEU A C   1 
ATOM   171  O  O   . LEU A 1 22  ? 9.530   11.410  -11.539 1.00 38.53  ? 22  LEU A O   1 
ATOM   172  C  CB  . LEU A 1 22  ? 9.077   11.415  -8.407  1.00 34.31  ? 22  LEU A CB  1 
ATOM   173  C  CG  . LEU A 1 22  ? 8.255   11.632  -7.147  1.00 37.86  ? 22  LEU A CG  1 
ATOM   174  C  CD1 . LEU A 1 22  ? 7.539   10.363  -6.727  1.00 39.38  ? 22  LEU A CD1 1 
ATOM   175  C  CD2 . LEU A 1 22  ? 9.107   12.235  -6.044  1.00 38.89  ? 22  LEU A CD2 1 
ATOM   176  N  N   . GLU A 1 23  ? 10.264  13.406  -10.690 1.00 39.74  ? 23  GLU A N   1 
ATOM   177  C  CA  . GLU A 1 23  ? 11.451  13.599  -11.543 1.00 42.00  ? 23  GLU A CA  1 
ATOM   178  C  C   . GLU A 1 23  ? 12.644  12.987  -10.817 1.00 40.40  ? 23  GLU A C   1 
ATOM   179  O  O   . GLU A 1 23  ? 12.714  13.023  -9.569  1.00 35.60  ? 23  GLU A O   1 
ATOM   180  C  CB  . GLU A 1 23  ? 11.705  15.079  -11.805 1.00 49.58  ? 23  GLU A CB  1 
ATOM   181  C  CG  . GLU A 1 23  ? 11.811  15.427  -13.277 1.00 60.55  ? 23  GLU A CG  1 
ATOM   182  C  CD  . GLU A 1 23  ? 10.527  16.004  -13.849 1.00 70.24  ? 23  GLU A CD  1 
ATOM   183  O  OE1 . GLU A 1 23  ? 9.446   15.618  -13.356 1.00 74.46  ? 23  GLU A OE1 1 
ATOM   184  O  OE2 . GLU A 1 23  ? 10.610  16.855  -14.768 1.00 74.16  ? 23  GLU A OE2 1 
ATOM   185  N  N   . LEU A 1 24  ? 13.574  12.464  -11.588 1.00 38.56  ? 24  LEU A N   1 
ATOM   186  C  CA  . LEU A 1 24  ? 14.737  11.781  -11.018 1.00 37.36  ? 24  LEU A CA  1 
ATOM   187  C  C   . LEU A 1 24  ? 15.980  12.535  -11.448 1.00 39.63  ? 24  LEU A C   1 
ATOM   188  O  O   . LEU A 1 24  ? 16.035  13.038  -12.563 1.00 42.87  ? 24  LEU A O   1 
ATOM   189  C  CB  . LEU A 1 24  ? 14.661  10.326  -11.468 1.00 38.73  ? 24  LEU A CB  1 
ATOM   190  C  CG  . LEU A 1 24  ? 13.769  9.490   -10.553 1.00 40.79  ? 24  LEU A CG  1 
ATOM   191  C  CD1 . LEU A 1 24  ? 12.620  8.861   -11.288 1.00 40.28  ? 24  LEU A CD1 1 
ATOM   192  C  CD2 . LEU A 1 24  ? 14.581  8.454   -9.808  1.00 41.43  ? 24  LEU A CD2 1 
ATOM   193  N  N   . PRO A 1 25  ? 16.982  12.696  -10.558 1.00 40.54  ? 25  PRO A N   1 
ATOM   194  C  CA  . PRO A 1 25  ? 16.924  12.149  -9.201  1.00 41.79  ? 25  PRO A CA  1 
ATOM   195  C  C   . PRO A 1 25  ? 15.959  12.886  -8.259  1.00 42.81  ? 25  PRO A C   1 
ATOM   196  O  O   . PRO A 1 25  ? 15.590  14.014  -8.536  1.00 42.79  ? 25  PRO A O   1 
ATOM   197  C  CB  . PRO A 1 25  ? 18.356  12.302  -8.676  1.00 43.16  ? 25  PRO A CB  1 
ATOM   198  C  CG  . PRO A 1 25  ? 18.939  13.432  -9.494  1.00 43.94  ? 25  PRO A CG  1 
ATOM   199  C  CD  . PRO A 1 25  ? 18.244  13.386  -10.838 1.00 41.17  ? 25  PRO A CD  1 
ATOM   200  N  N   . LEU A 1 26  ? 15.556  12.189  -7.195  1.00 39.58  ? 26  LEU A N   1 
ATOM   201  C  CA  . LEU A 1 26  ? 14.730  12.710  -6.080  1.00 39.20  ? 26  LEU A CA  1 
ATOM   202  C  C   . LEU A 1 26  ? 15.476  13.831  -5.362  1.00 41.41  ? 26  LEU A C   1 
ATOM   203  O  O   . LEU A 1 26  ? 16.722  13.737  -5.255  1.00 45.31  ? 26  LEU A O   1 
ATOM   204  C  CB  . LEU A 1 26  ? 14.506  11.583  -5.071  1.00 39.62  ? 26  LEU A CB  1 
ATOM   205  C  CG  . LEU A 1 26  ? 13.745  10.359  -5.565  1.00 40.72  ? 26  LEU A CG  1 
ATOM   206  C  CD1 . LEU A 1 26  ? 13.581  9.388   -4.411  1.00 39.80  ? 26  LEU A CD1 1 
ATOM   207  C  CD2 . LEU A 1 26  ? 12.389  10.753  -6.169  1.00 41.35  ? 26  LEU A CD2 1 
ATOM   208  N  N   . THR A 1 27  ? 14.741  14.771  -4.768  1.00 39.18  ? 27  THR A N   1 
ATOM   209  C  CA  . THR A 1 27  ? 15.333  15.800  -3.879  1.00 38.76  ? 27  THR A CA  1 
ATOM   210  C  C   . THR A 1 27  ? 15.756  15.111  -2.585  1.00 43.15  ? 27  THR A C   1 
ATOM   211  O  O   . THR A 1 27  ? 15.166  14.053  -2.227  1.00 42.89  ? 27  THR A O   1 
ATOM   212  C  CB  . THR A 1 27  ? 14.360  16.936  -3.567  1.00 37.78  ? 27  THR A CB  1 
ATOM   213  O  OG1 . THR A 1 27  ? 13.266  16.389  -2.835  1.00 38.86  ? 27  THR A OG1 1 
ATOM   214  C  CG2 . THR A 1 27  ? 13.843  17.635  -4.802  1.00 37.24  ? 27  THR A CG2 1 
ATOM   215  N  N   . LYS A 1 28  ? 16.719  15.689  -1.890  1.00 42.20  ? 28  LYS A N   1 
ATOM   216  C  CA  . LYS A 1 28  ? 17.036  15.238  -0.518  1.00 48.50  ? 28  LYS A CA  1 
ATOM   217  C  C   . LYS A 1 28  ? 15.712  15.100  0.239   1.00 44.21  ? 28  LYS A C   1 
ATOM   218  O  O   . LYS A 1 28  ? 15.489  14.052  0.884   1.00 40.26  ? 28  LYS A O   1 
ATOM   219  C  CB  . LYS A 1 28  ? 17.984  16.227  0.163   1.00 54.62  ? 28  LYS A CB  1 
ATOM   220  C  CG  . LYS A 1 28  ? 17.785  16.378  1.664   1.00 65.97  ? 28  LYS A CG  1 
ATOM   221  C  CD  . LYS A 1 28  ? 19.059  16.182  2.445   1.00 76.79  ? 28  LYS A CD  1 
ATOM   222  C  CE  . LYS A 1 28  ? 19.547  14.751  2.375   1.00 79.78  ? 28  LYS A CE  1 
ATOM   223  N  NZ  . LYS A 1 28  ? 20.721  14.547  3.253   1.00 85.95  ? 28  LYS A NZ  1 
ATOM   224  N  N   . GLU A 1 29  ? 14.858  16.119  0.161   1.00 42.94  ? 29  GLU A N   1 
ATOM   225  C  CA  . GLU A 1 29  ? 13.638  16.145  0.992   1.00 42.64  ? 29  GLU A CA  1 
ATOM   226  C  C   . GLU A 1 29  ? 12.777  14.937  0.620   1.00 38.40  ? 29  GLU A C   1 
ATOM   227  O  O   . GLU A 1 29  ? 12.193  14.320  1.525   1.00 32.87  ? 29  GLU A O   1 
ATOM   228  C  CB  . GLU A 1 29  ? 12.857  17.439  0.841   1.00 48.21  ? 29  GLU A CB  1 
ATOM   229  C  CG  . GLU A 1 29  ? 11.471  17.312  1.441   1.00 56.62  ? 29  GLU A CG  1 
ATOM   230  C  CD  . GLU A 1 29  ? 10.947  18.590  2.050   1.00 68.99  ? 29  GLU A CD  1 
ATOM   231  O  OE1 . GLU A 1 29  ? 11.501  18.998  3.095   1.00 79.25  ? 29  GLU A OE1 1 
ATOM   232  O  OE2 . GLU A 1 29  ? 9.997   19.174  1.475   1.00 70.29  ? 29  GLU A OE2 1 
ATOM   233  N  N   . GLU A 1 30  ? 12.734  14.578  -0.656  1.00 34.63  ? 30  GLU A N   1 
ATOM   234  C  CA  . GLU A 1 30  ? 11.891  13.431  -1.101  1.00 38.10  ? 30  GLU A CA  1 
ATOM   235  C  C   . GLU A 1 30  ? 12.449  12.116  -0.549  1.00 34.02  ? 30  GLU A C   1 
ATOM   236  O  O   . GLU A 1 30  ? 11.635  11.307  -0.094  1.00 31.47  ? 30  GLU A O   1 
ATOM   237  C  CB  . GLU A 1 30  ? 11.762  13.381  -2.616  1.00 38.23  ? 30  GLU A CB  1 
ATOM   238  C  CG  . GLU A 1 30  ? 10.763  14.396  -3.136  1.00 39.44  ? 30  GLU A CG  1 
ATOM   239  C  CD  . GLU A 1 30  ? 11.060  14.855  -4.551  1.00 38.53  ? 30  GLU A CD  1 
ATOM   240  O  OE1 . GLU A 1 30  ? 12.186  14.595  -5.047  1.00 40.53  ? 30  GLU A OE1 1 
ATOM   241  O  OE2 . GLU A 1 30  ? 10.163  15.463  -5.151  1.00 40.21  ? 30  GLU A OE2 1 
ATOM   242  N  N   . LYS A 1 31  ? 13.772  11.942  -0.556  1.00 31.43  ? 31  LYS A N   1 
ATOM   243  C  CA  . LYS A 1 31  ? 14.441  10.741  0.008   1.00 32.74  ? 31  LYS A CA  1 
ATOM   244  C  C   . LYS A 1 31  ? 14.058  10.632  1.480   1.00 31.69  ? 31  LYS A C   1 
ATOM   245  O  O   . LYS A 1 31  ? 13.549  9.571   1.885   1.00 32.89  ? 31  LYS A O   1 
ATOM   246  C  CB  . LYS A 1 31  ? 15.957  10.784  -0.211  1.00 30.31  ? 31  LYS A CB  1 
ATOM   247  C  CG  . LYS A 1 31  ? 16.356  10.749  -1.684  1.00 32.69  ? 31  LYS A CG  1 
ATOM   248  C  CD  . LYS A 1 31  ? 17.791  10.362  -1.972  1.00 33.96  ? 31  LYS A CD  1 
ATOM   249  C  CE  . LYS A 1 31  ? 18.261  10.972  -3.270  1.00 37.75  ? 31  LYS A CE  1 
ATOM   250  N  NZ  . LYS A 1 31  ? 19.556  10.397  -3.684  1.00 41.12  ? 31  LYS A NZ  1 
ATOM   251  N  N   . GLU A 1 32  ? 14.219  11.723  2.220   1.00 35.15  ? 32  GLU A N   1 
ATOM   252  C  CA  . GLU A 1 32  ? 13.941  11.772  3.673   1.00 34.37  ? 32  GLU A CA  1 
ATOM   253  C  C   . GLU A 1 32  ? 12.511  11.293  3.903   1.00 29.00  ? 32  GLU A C   1 
ATOM   254  O  O   . GLU A 1 32  ? 12.288  10.478  4.799   1.00 29.32  ? 32  GLU A O   1 
ATOM   255  C  CB  . GLU A 1 32  ? 14.143  13.187  4.204   1.00 39.31  ? 32  GLU A CB  1 
ATOM   256  C  CG  . GLU A 1 32  ? 15.605  13.583  4.310   1.00 48.20  ? 32  GLU A CG  1 
ATOM   257  C  CD  . GLU A 1 32  ? 15.899  15.006  4.783   1.00 55.86  ? 32  GLU A CD  1 
ATOM   258  O  OE1 . GLU A 1 32  ? 14.946  15.805  4.991   1.00 62.04  ? 32  GLU A OE1 1 
ATOM   259  O  OE2 . GLU A 1 32  ? 17.095  15.323  4.931   1.00 64.57  ? 32  GLU A OE2 1 
ATOM   260  N  N   . THR A 1 33  ? 11.561  11.766  3.117   1.00 26.86  ? 33  THR A N   1 
ATOM   261  C  CA  . THR A 1 33  ? 10.144  11.458  3.406   1.00 28.89  ? 33  THR A CA  1 
ATOM   262  C  C   . THR A 1 33  ? 9.917   9.981   3.078   1.00 27.73  ? 33  THR A C   1 
ATOM   263  O  O   . THR A 1 33  ? 9.203   9.340   3.833   1.00 26.42  ? 33  THR A O   1 
ATOM   264  C  CB  . THR A 1 33  ? 9.137   12.461  2.806   1.00 29.09  ? 33  THR A CB  1 
ATOM   265  O  OG1 . THR A 1 33  ? 8.299   11.818  1.848   1.00 36.73  ? 33  THR A OG1 1 
ATOM   266  C  CG2 . THR A 1 33  ? 9.754   13.703  2.227   1.00 29.39  ? 33  THR A CG2 1 
ATOM   267  N  N   . LEU A 1 34  ? 10.557  9.428   2.042   1.00 29.88  ? 34  LEU A N   1 
ATOM   268  C  CA  . LEU A 1 34  ? 10.361  8.000   1.684   1.00 29.95  ? 34  LEU A CA  1 
ATOM   269  C  C   . LEU A 1 34  ? 10.987  7.095   2.754   1.00 29.98  ? 34  LEU A C   1 
ATOM   270  O  O   . LEU A 1 34  ? 10.345  6.082   3.133   1.00 30.10  ? 34  LEU A O   1 
ATOM   271  C  CB  . LEU A 1 34  ? 10.937  7.732   0.293   1.00 35.25  ? 34  LEU A CB  1 
ATOM   272  C  CG  . LEU A 1 34  ? 10.519  6.403   -0.333  1.00 36.37  ? 34  LEU A CG  1 
ATOM   273  C  CD1 . LEU A 1 34  ? 9.011   6.233   -0.349  1.00 36.26  ? 34  LEU A CD1 1 
ATOM   274  C  CD2 . LEU A 1 34  ? 11.077  6.296   -1.726  1.00 40.94  ? 34  LEU A CD2 1 
ATOM   275  N  N   . ILE A 1 35  ? 12.167  7.444   3.271   1.00 29.87  ? 35  ILE A N   1 
ATOM   276  C  CA  . ILE A 1 35  ? 12.806  6.685   4.389   1.00 27.86  ? 35  ILE A CA  1 
ATOM   277  C  C   . ILE A 1 35  ? 11.913  6.750   5.642   1.00 29.29  ? 35  ILE A C   1 
ATOM   278  O  O   . ILE A 1 35  ? 11.695  5.690   6.302   1.00 28.55  ? 35  ILE A O   1 
ATOM   279  C  CB  . ILE A 1 35  ? 14.223  7.228   4.606   1.00 30.61  ? 35  ILE A CB  1 
ATOM   280  C  CG1 . ILE A 1 35  ? 15.093  6.877   3.402   1.00 32.17  ? 35  ILE A CG1 1 
ATOM   281  C  CG2 . ILE A 1 35  ? 14.847  6.711   5.889   1.00 31.07  ? 35  ILE A CG2 1 
ATOM   282  C  CD1 . ILE A 1 35  ? 16.376  7.657   3.334   1.00 34.08  ? 35  ILE A CD1 1 
ATOM   283  N  N   . ALA A 1 36  ? 11.346  7.914   5.962   1.00 27.38  ? 36  ALA A N   1 
ATOM   284  C  CA  . ALA A 1 36  ? 10.464  8.058   7.148   1.00 27.39  ? 36  ALA A CA  1 
ATOM   285  C  C   . ALA A 1 36  ? 9.210   7.194   6.974   1.00 27.39  ? 36  ALA A C   1 
ATOM   286  O  O   . ALA A 1 36  ? 8.650   6.726   7.986   1.00 33.77  ? 36  ALA A O   1 
ATOM   287  C  CB  . ALA A 1 36  ? 10.102  9.511   7.374   1.00 25.39  ? 36  ALA A CB  1 
ATOM   288  N  N   . MET A 1 37  ? 8.738   7.012   5.743   1.00 29.25  ? 37  MET A N   1 
ATOM   289  C  CA  . MET A 1 37  ? 7.507   6.217   5.482   1.00 29.85  ? 37  MET A CA  1 
ATOM   290  C  C   . MET A 1 37  ? 7.811   4.754   5.823   1.00 27.53  ? 37  MET A C   1 
ATOM   291  O  O   . MET A 1 37  ? 7.007   4.061   6.525   1.00 23.79  ? 37  MET A O   1 
ATOM   292  C  CB  . MET A 1 37  ? 7.066   6.357   4.022   1.00 31.12  ? 37  MET A CB  1 
ATOM   293  C  CG  . MET A 1 37  ? 6.349   7.685   3.712   1.00 31.69  ? 37  MET A CG  1 
ATOM   294  S  SD  . MET A 1 37  ? 6.122   8.042   1.914   1.00 34.00  ? 37  MET A SD  1 
ATOM   295  C  CE  . MET A 1 37  ? 5.136   6.635   1.393   1.00 35.50  ? 37  MET A CE  1 
ATOM   296  N  N   . ARG A 1 38  ? 8.959   4.289   5.362   1.00 25.95  ? 38  ARG A N   1 
ATOM   297  C  CA  . ARG A 1 38  ? 9.408   2.912   5.669   1.00 27.22  ? 38  ARG A CA  1 
ATOM   298  C  C   . ARG A 1 38  ? 9.581   2.820   7.184   1.00 26.73  ? 38  ARG A C   1 
ATOM   299  O  O   . ARG A 1 38  ? 9.070   1.853   7.793   1.00 26.51  ? 38  ARG A O   1 
ATOM   300  C  CB  . ARG A 1 38  ? 10.678  2.603   4.880   1.00 27.44  ? 38  ARG A CB  1 
ATOM   301  C  CG  . ARG A 1 38  ? 11.495  1.473   5.463   1.00 26.55  ? 38  ARG A CG  1 
ATOM   302  C  CD  . ARG A 1 38  ? 12.589  1.056   4.514   1.00 28.29  ? 38  ARG A CD  1 
ATOM   303  N  NE  . ARG A 1 38  ? 13.079  -0.209  5.024   1.00 29.92  ? 38  ARG A NE  1 
ATOM   304  C  CZ  . ARG A 1 38  ? 13.852  -0.362  6.096   1.00 32.08  ? 38  ARG A CZ  1 
ATOM   305  N  NH1 . ARG A 1 38  ? 14.190  -1.574  6.497   1.00 35.32  ? 38  ARG A NH1 1 
ATOM   306  N  NH2 . ARG A 1 38  ? 14.268  0.679   6.786   1.00 33.45  ? 38  ARG A NH2 1 
ATOM   307  N  N   . GLU A 1 39  ? 10.230  3.828   7.764   1.00 29.97  ? 39  GLU A N   1 
ATOM   308  C  CA  . GLU A 1 39  ? 10.570  3.852   9.208   1.00 32.66  ? 39  GLU A CA  1 
ATOM   309  C  C   . GLU A 1 39  ? 9.271   3.787   10.019  1.00 31.39  ? 39  GLU A C   1 
ATOM   310  O  O   . GLU A 1 39  ? 9.243   3.102   11.067  1.00 27.51  ? 39  GLU A O   1 
ATOM   311  C  CB  . GLU A 1 39  ? 11.415  5.076   9.534   1.00 37.92  ? 39  GLU A CB  1 
ATOM   312  C  CG  . GLU A 1 39  ? 12.158  4.952   10.850  1.00 43.76  ? 39  GLU A CG  1 
ATOM   313  C  CD  . GLU A 1 39  ? 12.847  3.611   11.076  1.00 52.45  ? 39  GLU A CD  1 
ATOM   314  O  OE1 . GLU A 1 39  ? 13.784  3.283   10.332  1.00 54.90  ? 39  GLU A OE1 1 
ATOM   315  O  OE2 . GLU A 1 39  ? 12.428  2.888   11.991  1.00 65.34  ? 39  GLU A OE2 1 
ATOM   316  N  N   . PHE A 1 40  ? 8.207   4.407   9.514   1.00 29.79  ? 40  PHE A N   1 
ATOM   317  C  CA  . PHE A 1 40  ? 6.877   4.343   10.146  1.00 27.82  ? 40  PHE A CA  1 
ATOM   318  C  C   . PHE A 1 40  ? 6.412   2.893   10.185  1.00 28.73  ? 40  PHE A C   1 
ATOM   319  O  O   . PHE A 1 40  ? 5.844   2.445   11.207  1.00 28.69  ? 40  PHE A O   1 
ATOM   320  C  CB  . PHE A 1 40  ? 5.864   5.201   9.396   1.00 30.48  ? 40  PHE A CB  1 
ATOM   321  C  CG  . PHE A 1 40  ? 4.464   5.006   9.908   1.00 30.96  ? 40  PHE A CG  1 
ATOM   322  C  CD1 . PHE A 1 40  ? 3.679   3.965   9.436   1.00 30.57  ? 40  PHE A CD1 1 
ATOM   323  C  CD2 . PHE A 1 40  ? 3.965   5.807   10.930  1.00 34.38  ? 40  PHE A CD2 1 
ATOM   324  C  CE1 . PHE A 1 40  ? 2.408   3.744   9.954   1.00 34.01  ? 40  PHE A CE1 1 
ATOM   325  C  CE2 . PHE A 1 40  ? 2.685   5.600   11.436  1.00 34.02  ? 40  PHE A CE2 1 
ATOM   326  C  CZ  . PHE A 1 40  ? 1.913   4.563   10.955  1.00 34.94  ? 40  PHE A CZ  1 
ATOM   327  N  N   . LEU A 1 41  ? 6.581   2.166   9.077   1.00 30.66  ? 41  LEU A N   1 
ATOM   328  C  CA  . LEU A 1 41  ? 6.025   0.786   8.996   1.00 27.02  ? 41  LEU A CA  1 
ATOM   329  C  C   . LEU A 1 41  ? 6.812   -0.080  9.978   1.00 25.35  ? 41  LEU A C   1 
ATOM   330  O  O   . LEU A 1 41  ? 6.175   -0.745  10.831  1.00 21.95  ? 41  LEU A O   1 
ATOM   331  C  CB  . LEU A 1 41  ? 6.082   0.258   7.568   1.00 27.75  ? 41  LEU A CB  1 
ATOM   332  C  CG  . LEU A 1 41  ? 5.211   1.006   6.552   1.00 27.71  ? 41  LEU A CG  1 
ATOM   333  C  CD1 . LEU A 1 41  ? 5.517   0.536   5.144   1.00 26.83  ? 41  LEU A CD1 1 
ATOM   334  C  CD2 . LEU A 1 41  ? 3.731   0.859   6.843   1.00 25.35  ? 41  LEU A CD2 1 
ATOM   335  N  N   . VAL A 1 42  ? 8.138   0.062   9.949   1.00 25.94  ? 42  VAL A N   1 
ATOM   336  C  CA  . VAL A 1 42  ? 9.065   -0.635  10.892  1.00 26.42  ? 42  VAL A CA  1 
ATOM   337  C  C   . VAL A 1 42  ? 8.624   -0.349  12.327  1.00 28.50  ? 42  VAL A C   1 
ATOM   338  O  O   . VAL A 1 42  ? 8.460   -1.317  13.068  1.00 29.27  ? 42  VAL A O   1 
ATOM   339  C  CB  . VAL A 1 42  ? 10.519  -0.196  10.680  1.00 27.85  ? 42  VAL A CB  1 
ATOM   340  C  CG1 . VAL A 1 42  ? 11.425  -0.715  11.780  1.00 28.47  ? 42  VAL A CG1 1 
ATOM   341  C  CG2 . VAL A 1 42  ? 11.048  -0.614  9.321   1.00 29.07  ? 42  VAL A CG2 1 
ATOM   342  N  N   . ASN A 1 43  ? 8.431   0.934   12.684  1.00 30.19  ? 43  ASN A N   1 
ATOM   343  C  CA  . ASN A 1 43  ? 8.018   1.358   14.046  1.00 28.56  ? 43  ASN A CA  1 
ATOM   344  C  C   . ASN A 1 43  ? 6.662   0.744   14.366  1.00 27.27  ? 43  ASN A C   1 
ATOM   345  O  O   . ASN A 1 43  ? 6.542   0.139   15.443  1.00 27.53  ? 43  ASN A O   1 
ATOM   346  C  CB  . ASN A 1 43  ? 7.982   2.873   14.244  1.00 30.45  ? 43  ASN A CB  1 
ATOM   347  C  CG  . ASN A 1 43  ? 9.356   3.509   14.330  1.00 33.06  ? 43  ASN A CG  1 
ATOM   348  O  OD1 . ASN A 1 43  ? 10.318  2.877   14.782  1.00 36.26  ? 43  ASN A OD1 1 
ATOM   349  N  ND2 . ASN A 1 43  ? 9.471   4.743   13.856  1.00 27.96  ? 43  ASN A ND2 1 
ATOM   350  N  N   . SER A 1 44  ? 5.688   0.843   13.469  1.00 29.77  ? 44  SER A N   1 
ATOM   351  C  CA  . SER A 1 44  ? 4.309   0.331   13.736  1.00 31.44  ? 44  SER A CA  1 
ATOM   352  C  C   . SER A 1 44  ? 4.327   -1.195  13.969  1.00 33.96  ? 44  SER A C   1 
ATOM   353  O  O   . SER A 1 44  ? 3.352   -1.737  14.498  1.00 34.45  ? 44  SER A O   1 
ATOM   354  C  CB  . SER A 1 44  ? 3.361   0.691   12.632  1.00 30.98  ? 44  SER A CB  1 
ATOM   355  O  OG  . SER A 1 44  ? 3.519   -0.197  11.528  1.00 30.36  ? 44  SER A OG  1 
ATOM   356  N  N   . GLN A 1 45  ? 5.380   -1.884  13.552  1.00 35.21  ? 45  GLN A N   1 
ATOM   357  C  CA  . GLN A 1 45  ? 5.441   -3.360  13.629  1.00 39.41  ? 45  GLN A CA  1 
ATOM   358  C  C   . GLN A 1 45  ? 6.243   -3.806  14.865  1.00 41.69  ? 45  GLN A C   1 
ATOM   359  O  O   . GLN A 1 45  ? 6.183   -4.997  15.187  1.00 40.84  ? 45  GLN A O   1 
ATOM   360  C  CB  . GLN A 1 45  ? 6.038   -3.888  12.327  1.00 38.10  ? 45  GLN A CB  1 
ATOM   361  C  CG  . GLN A 1 45  ? 5.002   -3.981  11.215  1.00 38.84  ? 45  GLN A CG  1 
ATOM   362  C  CD  . GLN A 1 45  ? 5.642   -4.352  9.899   1.00 38.65  ? 45  GLN A CD  1 
ATOM   363  O  OE1 . GLN A 1 45  ? 6.663   -5.044  9.863   1.00 36.03  ? 45  GLN A OE1 1 
ATOM   364  N  NE2 . GLN A 1 45  ? 5.046   -3.880  8.815   1.00 35.54  ? 45  GLN A NE2 1 
ATOM   365  N  N   . ASP A 1 46  ? 6.993   -2.903  15.497  1.00 38.92  ? 46  ASP A N   1 
ATOM   366  C  CA  . ASP A 1 46  ? 7.649   -3.137  16.808  1.00 42.59  ? 46  ASP A CA  1 
ATOM   367  C  C   . ASP A 1 46  ? 6.633   -2.931  17.949  1.00 45.99  ? 46  ASP A C   1 
ATOM   368  O  O   . ASP A 1 46  ? 6.076   -1.818  18.068  1.00 43.71  ? 46  ASP A O   1 
ATOM   369  C  CB  . ASP A 1 46  ? 8.835   -2.195  16.967  1.00 47.03  ? 46  ASP A CB  1 
ATOM   370  C  CG  . ASP A 1 46  ? 9.661   -2.531  18.190  1.00 52.73  ? 46  ASP A CG  1 
ATOM   371  O  OD1 . ASP A 1 46  ? 9.056   -2.658  19.293  1.00 51.13  ? 46  ASP A OD1 1 
ATOM   372  O  OD2 . ASP A 1 46  ? 10.887  -2.713  18.019  1.00 50.96  ? 46  ASP A OD2 1 
ATOM   373  N  N   . GLU A 1 47  ? 6.397   -3.936  18.794  1.00 48.29  ? 47  GLU A N   1 
ATOM   374  C  CA  . GLU A 1 47  ? 5.267   -3.884  19.765  1.00 50.59  ? 47  GLU A CA  1 
ATOM   375  C  C   . GLU A 1 47  ? 5.540   -2.781  20.809  1.00 50.83  ? 47  GLU A C   1 
ATOM   376  O  O   . GLU A 1 47  ? 4.561   -2.093  21.205  1.00 47.13  ? 47  GLU A O   1 
ATOM   377  C  CB  . GLU A 1 47  ? 4.987   -5.265  20.365  1.00 53.99  ? 47  GLU A CB  1 
ATOM   378  C  CG  . GLU A 1 47  ? 6.209   -5.950  20.955  1.00 65.76  ? 47  GLU A CG  1 
ATOM   379  C  CD  . GLU A 1 47  ? 5.901   -6.960  22.053  1.00 72.82  ? 47  GLU A CD  1 
ATOM   380  O  OE1 . GLU A 1 47  ? 4.759   -7.478  22.080  1.00 72.24  ? 47  GLU A OE1 1 
ATOM   381  O  OE2 . GLU A 1 47  ? 6.800   -7.218  22.893  1.00 72.43  ? 47  GLU A OE2 1 
ATOM   382  N  N   . GLU A 1 48  ? 6.806   -2.572  21.201  1.00 43.92  ? 48  GLU A N   1 
ATOM   383  C  CA  . GLU A 1 48  ? 7.193   -1.549  22.212  1.00 47.08  ? 48  GLU A CA  1 
ATOM   384  C  C   . GLU A 1 48  ? 6.899   -0.175  21.610  1.00 42.26  ? 48  GLU A C   1 
ATOM   385  O  O   . GLU A 1 48  ? 5.977   0.494   22.073  1.00 42.73  ? 48  GLU A O   1 
ATOM   386  C  CB  . GLU A 1 48  ? 8.674   -1.590  22.614  1.00 52.57  ? 48  GLU A CB  1 
ATOM   387  C  CG  . GLU A 1 48  ? 9.286   -2.979  22.684  1.00 64.59  ? 48  GLU A CG  1 
ATOM   388  C  CD  . GLU A 1 48  ? 9.427   -3.587  24.069  1.00 74.41  ? 48  GLU A CD  1 
ATOM   389  O  OE1 . GLU A 1 48  ? 10.524  -4.134  24.367  1.00 78.31  ? 48  GLU A OE1 1 
ATOM   390  O  OE2 . GLU A 1 48  ? 8.436   -3.535  24.838  1.00 75.65  ? 48  GLU A OE2 1 
ATOM   391  N  N   . ILE A 1 49  ? 7.625   0.173   20.555  1.00 36.91  ? 49  ILE A N   1 
ATOM   392  C  CA  . ILE A 1 49  ? 7.565   1.513   19.919  1.00 37.15  ? 49  ILE A CA  1 
ATOM   393  C  C   . ILE A 1 49  ? 6.121   1.837   19.551  1.00 36.98  ? 49  ILE A C   1 
ATOM   394  O  O   . ILE A 1 49  ? 5.717   2.985   19.763  1.00 38.24  ? 49  ILE A O   1 
ATOM   395  C  CB  . ILE A 1 49  ? 8.516   1.584   18.717  1.00 35.43  ? 49  ILE A CB  1 
ATOM   396  C  CG1 . ILE A 1 49  ? 9.974   1.442   19.163  1.00 37.68  ? 49  ILE A CG1 1 
ATOM   397  C  CG2 . ILE A 1 49  ? 8.296   2.865   17.932  1.00 32.18  ? 49  ILE A CG2 1 
ATOM   398  C  CD1 . ILE A 1 49  ? 10.883  0.901   18.099  1.00 39.71  ? 49  ILE A CD1 1 
ATOM   399  N  N   . ALA A 1 50  ? 5.371   0.867   19.034  1.00 37.71  ? 50  ALA A N   1 
ATOM   400  C  CA  . ALA A 1 50  ? 3.998   1.077   18.524  1.00 37.72  ? 50  ALA A CA  1 
ATOM   401  C  C   . ALA A 1 50  ? 3.087   1.404   19.706  1.00 42.58  ? 50  ALA A C   1 
ATOM   402  O  O   . ALA A 1 50  ? 2.113   2.188   19.531  1.00 39.57  ? 50  ALA A O   1 
ATOM   403  C  CB  . ALA A 1 50  ? 3.516   -0.152  17.792  1.00 34.70  ? 50  ALA A CB  1 
ATOM   404  N  N   . LYS A 1 51  ? 3.363   0.775   20.852  1.00 46.18  ? 51  LYS A N   1 
ATOM   405  C  CA  . LYS A 1 51  ? 2.608   1.018   22.111  1.00 51.44  ? 51  LYS A CA  1 
ATOM   406  C  C   . LYS A 1 51  ? 2.972   2.409   22.640  1.00 44.96  ? 51  LYS A C   1 
ATOM   407  O  O   . LYS A 1 51  ? 2.059   3.184   22.912  1.00 43.58  ? 51  LYS A O   1 
ATOM   408  C  CB  . LYS A 1 51  ? 2.904   -0.040  23.172  1.00 55.72  ? 51  LYS A CB  1 
ATOM   409  C  CG  . LYS A 1 51  ? 2.068   0.132   24.430  1.00 65.69  ? 51  LYS A CG  1 
ATOM   410  C  CD  . LYS A 1 51  ? 1.550   -1.153  25.043  1.00 73.78  ? 51  LYS A CD  1 
ATOM   411  C  CE  . LYS A 1 51  ? 0.133   -0.996  25.559  1.00 79.07  ? 51  LYS A CE  1 
ATOM   412  N  NZ  . LYS A 1 51  ? -0.267  -2.137  26.414  1.00 83.45  ? 51  LYS A NZ  1 
ATOM   413  N  N   . ARG A 1 52  ? 4.263   2.712   22.719  1.00 38.28  ? 52  ARG A N   1 
ATOM   414  C  CA  . ARG A 1 52  ? 4.774   3.999   23.237  1.00 40.01  ? 52  ARG A CA  1 
ATOM   415  C  C   . ARG A 1 52  ? 4.260   5.168   22.387  1.00 40.01  ? 52  ARG A C   1 
ATOM   416  O  O   . ARG A 1 52  ? 4.056   6.243   22.968  1.00 40.07  ? 52  ARG A O   1 
ATOM   417  C  CB  . ARG A 1 52  ? 6.298   3.975   23.298  1.00 38.64  ? 52  ARG A CB  1 
ATOM   418  C  CG  . ARG A 1 52  ? 6.890   5.261   23.848  1.00 45.83  ? 52  ARG A CG  1 
ATOM   419  C  CD  . ARG A 1 52  ? 8.397   5.231   24.017  1.00 52.91  ? 52  ARG A CD  1 
ATOM   420  N  NE  . ARG A 1 52  ? 8.844   3.975   24.596  1.00 63.23  ? 52  ARG A NE  1 
ATOM   421  C  CZ  . ARG A 1 52  ? 9.348   2.942   23.915  1.00 72.07  ? 52  ARG A CZ  1 
ATOM   422  N  NH1 . ARG A 1 52  ? 9.494   2.995   22.599  1.00 76.17  ? 52  ARG A NH1 1 
ATOM   423  N  NH2 . ARG A 1 52  ? 9.712   1.846   24.558  1.00 76.84  ? 52  ARG A NH2 1 
ATOM   424  N  N   . TYR A 1 53  ? 4.033   4.991   21.080  1.00 35.80  ? 53  TYR A N   1 
ATOM   425  C  CA  . TYR A 1 53  ? 3.665   6.119   20.188  1.00 34.07  ? 53  TYR A CA  1 
ATOM   426  C  C   . TYR A 1 53  ? 2.273   5.954   19.599  1.00 32.45  ? 53  TYR A C   1 
ATOM   427  O  O   . TYR A 1 53  ? 1.950   6.753   18.737  1.00 35.08  ? 53  TYR A O   1 
ATOM   428  C  CB  . TYR A 1 53  ? 4.714   6.299   19.104  1.00 36.27  ? 53  TYR A CB  1 
ATOM   429  C  CG  . TYR A 1 53  ? 6.039   6.710   19.674  1.00 39.03  ? 53  TYR A CG  1 
ATOM   430  C  CD1 . TYR A 1 53  ? 6.309   8.040   19.958  1.00 42.58  ? 53  TYR A CD1 1 
ATOM   431  C  CD2 . TYR A 1 53  ? 7.003   5.772   19.981  1.00 42.19  ? 53  TYR A CD2 1 
ATOM   432  C  CE1 . TYR A 1 53  ? 7.511   8.425   20.525  1.00 41.38  ? 53  TYR A CE1 1 
ATOM   433  C  CE2 . TYR A 1 53  ? 8.230   6.144   20.507  1.00 42.31  ? 53  TYR A CE2 1 
ATOM   434  C  CZ  . TYR A 1 53  ? 8.475   7.473   20.792  1.00 42.56  ? 53  TYR A CZ  1 
ATOM   435  O  OH  . TYR A 1 53  ? 9.675   7.836   21.322  1.00 48.02  ? 53  TYR A OH  1 
ATOM   436  N  N   . GLY A 1 54  ? 1.472   5.024   20.107  1.00 37.03  ? 54  GLY A N   1 
ATOM   437  C  CA  . GLY A 1 54  ? 0.101   4.742   19.624  1.00 39.76  ? 54  GLY A CA  1 
ATOM   438  C  C   . GLY A 1 54  ? 0.010   4.501   18.122  1.00 41.55  ? 54  GLY A C   1 
ATOM   439  O  O   . GLY A 1 54  ? -0.914  5.047   17.497  1.00 43.43  ? 54  GLY A O   1 
ATOM   440  N  N   . LEU A 1 55  ? 0.902   3.686   17.547  1.00 41.09  ? 55  LEU A N   1 
ATOM   441  C  CA  . LEU A 1 55  ? 0.902   3.370   16.085  1.00 39.17  ? 55  LEU A CA  1 
ATOM   442  C  C   . LEU A 1 55  ? -0.046  2.203   15.784  1.00 35.59  ? 55  LEU A C   1 
ATOM   443  O  O   . LEU A 1 55  ? 0.051   1.205   16.465  1.00 34.69  ? 55  LEU A O   1 
ATOM   444  C  CB  . LEU A 1 55  ? 2.329   3.013   15.676  1.00 38.71  ? 55  LEU A CB  1 
ATOM   445  C  CG  . LEU A 1 55  ? 3.399   4.031   16.057  1.00 39.46  ? 55  LEU A CG  1 
ATOM   446  C  CD1 . LEU A 1 55  ? 4.766   3.601   15.530  1.00 38.25  ? 55  LEU A CD1 1 
ATOM   447  C  CD2 . LEU A 1 55  ? 3.020   5.420   15.545  1.00 39.28  ? 55  LEU A CD2 1 
ATOM   448  N  N   . ARG A 1 56  ? -0.919  2.310   14.781  1.00 40.69  ? 56  ARG A N   1 
ATOM   449  C  CA  . ARG A 1 56  ? -1.556  1.130   14.127  1.00 42.58  ? 56  ARG A CA  1 
ATOM   450  C  C   . ARG A 1 56  ? -0.494  0.393   13.299  1.00 42.28  ? 56  ARG A C   1 
ATOM   451  O  O   . ARG A 1 56  ? 0.288   1.067   12.586  1.00 43.51  ? 56  ARG A O   1 
ATOM   452  C  CB  . ARG A 1 56  ? -2.641  1.536   13.129  1.00 48.17  ? 56  ARG A CB  1 
ATOM   453  C  CG  . ARG A 1 56  ? -4.053  1.576   13.678  1.00 51.22  ? 56  ARG A CG  1 
ATOM   454  C  CD  . ARG A 1 56  ? -5.014  2.092   12.613  1.00 51.11  ? 56  ARG A CD  1 
ATOM   455  N  NE  . ARG A 1 56  ? -5.581  1.054   11.771  1.00 47.50  ? 56  ARG A NE  1 
ATOM   456  C  CZ  . ARG A 1 56  ? -6.568  1.245   10.896  1.00 50.83  ? 56  ARG A CZ  1 
ATOM   457  N  NH1 . ARG A 1 56  ? -7.098  2.453   10.729  1.00 51.35  ? 56  ARG A NH1 1 
ATOM   458  N  NH2 . ARG A 1 56  ? -7.013  0.225   10.176  1.00 45.76  ? 56  ARG A NH2 1 
ATOM   459  N  N   . SER A 1 57  ? -0.477  -0.933  13.346  1.00 42.09  ? 57  SER A N   1 
ATOM   460  C  CA  . SER A 1 57  ? 0.449   -1.752  12.520  1.00 48.05  ? 57  SER A CA  1 
ATOM   461  C  C   . SER A 1 57  ? 0.123   -1.554  11.033  1.00 42.79  ? 57  SER A C   1 
ATOM   462  O  O   . SER A 1 57  ? -1.079  -1.530  10.649  1.00 40.66  ? 57  SER A O   1 
ATOM   463  C  CB  . SER A 1 57  ? 0.432   -3.208  12.902  1.00 47.37  ? 57  SER A CB  1 
ATOM   464  O  OG  . SER A 1 57  ? 1.636   -3.807  12.456  1.00 58.10  ? 57  SER A OG  1 
ATOM   465  N  N   . GLY A 1 58  ? 1.158   -1.391  10.222  1.00 36.62  ? 58  GLY A N   1 
ATOM   466  C  CA  . GLY A 1 58  ? 0.986   -1.258  8.769   1.00 38.17  ? 58  GLY A CA  1 
ATOM   467  C  C   . GLY A 1 58  ? 1.971   -2.127  8.020   1.00 34.36  ? 58  GLY A C   1 
ATOM   468  O  O   . GLY A 1 58  ? 3.105   -2.349  8.544   1.00 27.21  ? 58  GLY A O   1 
ATOM   469  N  N   . VAL A 1 59  ? 1.590   -2.551  6.812   1.00 31.85  ? 59  VAL A N   1 
ATOM   470  C  CA  . VAL A 1 59  ? 2.541   -3.234  5.881   1.00 30.18  ? 59  VAL A CA  1 
ATOM   471  C  C   . VAL A 1 59  ? 2.789   -2.379  4.646   1.00 29.86  ? 59  VAL A C   1 
ATOM   472  O  O   . VAL A 1 59  ? 3.703   -2.758  3.881   1.00 33.38  ? 59  VAL A O   1 
ATOM   473  C  CB  . VAL A 1 59  ? 2.072   -4.650  5.514   1.00 29.10  ? 59  VAL A CB  1 
ATOM   474  C  CG1 . VAL A 1 59  ? 2.162   -5.549  6.733   1.00 30.92  ? 59  VAL A CG1 1 
ATOM   475  C  CG2 . VAL A 1 59  ? 0.676   -4.681  4.920   1.00 27.94  ? 59  VAL A CG2 1 
ATOM   476  N  N   . GLY A 1 60  ? 2.029   -1.290  4.471   1.00 30.69  ? 60  GLY A N   1 
ATOM   477  C  CA  . GLY A 1 60  ? 2.082   -0.400  3.285   1.00 29.70  ? 60  GLY A CA  1 
ATOM   478  C  C   . GLY A 1 60  ? 1.781   1.062   3.613   1.00 28.38  ? 60  GLY A C   1 
ATOM   479  O  O   . GLY A 1 60  ? 0.921   1.363   4.486   1.00 26.19  ? 60  GLY A O   1 
ATOM   480  N  N   . LEU A 1 61  ? 2.452   1.977   2.935   1.00 27.80  ? 61  LEU A N   1 
ATOM   481  C  CA  . LEU A 1 61  ? 2.163   3.428   3.082   1.00 28.07  ? 61  LEU A CA  1 
ATOM   482  C  C   . LEU A 1 61  ? 2.476   4.138   1.764   1.00 28.56  ? 61  LEU A C   1 
ATOM   483  O  O   . LEU A 1 61  ? 3.598   3.976   1.230   1.00 30.07  ? 61  LEU A O   1 
ATOM   484  C  CB  . LEU A 1 61  ? 3.018   3.948   4.233   1.00 29.00  ? 61  LEU A CB  1 
ATOM   485  C  CG  . LEU A 1 61  ? 2.748   5.370   4.707   1.00 28.94  ? 61  LEU A CG  1 
ATOM   486  C  CD1 . LEU A 1 61  ? 1.344   5.518   5.274   1.00 29.02  ? 61  LEU A CD1 1 
ATOM   487  C  CD2 . LEU A 1 61  ? 3.788   5.743   5.740   1.00 29.45  ? 61  LEU A CD2 1 
ATOM   488  N  N   . ALA A 1 62  ? 1.492   4.862   1.247   1.00 26.58  ? 62  ALA A N   1 
ATOM   489  C  CA  . ALA A 1 62  ? 1.612   5.714   0.053   1.00 24.12  ? 62  ALA A CA  1 
ATOM   490  C  C   . ALA A 1 62  ? 1.722   7.191   0.480   1.00 26.31  ? 62  ALA A C   1 
ATOM   491  O  O   . ALA A 1 62  ? 1.018   7.617   1.456   1.00 28.38  ? 62  ALA A O   1 
ATOM   492  C  CB  . ALA A 1 62  ? 0.415   5.440   -0.798  1.00 23.52  ? 62  ALA A CB  1 
ATOM   493  N  N   . ALA A 1 63  ? 2.534   7.980   -0.229  1.00 24.34  ? 63  ALA A N   1 
ATOM   494  C  CA  . ALA A 1 63  ? 2.790   9.392   0.136   1.00 27.36  ? 63  ALA A CA  1 
ATOM   495  C  C   . ALA A 1 63  ? 1.484   10.196  0.304   1.00 28.66  ? 63  ALA A C   1 
ATOM   496  O  O   . ALA A 1 63  ? 1.401   11.029  1.203   1.00 27.25  ? 63  ALA A O   1 
ATOM   497  C  CB  . ALA A 1 63  ? 3.719   10.026  -0.841  1.00 26.61  ? 63  ALA A CB  1 
ATOM   498  N  N   . PRO A 1 64  ? 0.423   10.023  -0.516  1.00 28.70  ? 64  PRO A N   1 
ATOM   499  C  CA  . PRO A 1 64  ? -0.825  10.769  -0.304  1.00 30.21  ? 64  PRO A CA  1 
ATOM   500  C  C   . PRO A 1 64  ? -1.381  10.669  1.126   1.00 32.48  ? 64  PRO A C   1 
ATOM   501  O  O   . PRO A 1 64  ? -1.937  11.623  1.625   1.00 31.99  ? 64  PRO A O   1 
ATOM   502  C  CB  . PRO A 1 64  ? -1.807  10.117  -1.280  1.00 28.82  ? 64  PRO A CB  1 
ATOM   503  C  CG  . PRO A 1 64  ? -0.924  9.586   -2.385  1.00 29.02  ? 64  PRO A CG  1 
ATOM   504  C  CD  . PRO A 1 64  ? 0.363   9.158   -1.703  1.00 30.45  ? 64  PRO A CD  1 
ATOM   505  N  N   . GLN A 1 65  ? -1.171  9.521   1.773   1.00 34.40  ? 65  GLN A N   1 
ATOM   506  C  CA  . GLN A 1 65  ? -1.669  9.250   3.143   1.00 33.21  ? 65  GLN A CA  1 
ATOM   507  C  C   . GLN A 1 65  ? -1.019  10.161  4.195   1.00 32.47  ? 65  GLN A C   1 
ATOM   508  O  O   . GLN A 1 65  ? -1.630  10.344  5.237   1.00 32.89  ? 65  GLN A O   1 
ATOM   509  C  CB  . GLN A 1 65  ? -1.417  7.794   3.501   1.00 34.51  ? 65  GLN A CB  1 
ATOM   510  C  CG  . GLN A 1 65  ? -2.348  6.865   2.757   1.00 35.59  ? 65  GLN A CG  1 
ATOM   511  C  CD  . GLN A 1 65  ? -2.133  5.457   3.236   1.00 35.66  ? 65  GLN A CD  1 
ATOM   512  O  OE1 . GLN A 1 65  ? -1.155  4.815   2.837   1.00 32.82  ? 65  GLN A OE1 1 
ATOM   513  N  NE2 . GLN A 1 65  ? -3.042  5.004   4.098   1.00 30.04  ? 65  GLN A NE2 1 
ATOM   514  N  N   . ILE A 1 66  ? 0.180   10.678  3.962   1.00 30.86  ? 66  ILE A N   1 
ATOM   515  C  CA  . ILE A 1 66  ? 0.781   11.761  4.789   1.00 29.60  ? 66  ILE A CA  1 
ATOM   516  C  C   . ILE A 1 66  ? 0.660   13.076  4.022   1.00 30.61  ? 66  ILE A C   1 
ATOM   517  O  O   . ILE A 1 66  ? 1.499   13.964  4.225   1.00 33.61  ? 66  ILE A O   1 
ATOM   518  C  CB  . ILE A 1 66  ? 2.220   11.415  5.194   1.00 27.60  ? 66  ILE A CB  1 
ATOM   519  C  CG1 . ILE A 1 66  ? 3.111   11.102  3.989   1.00 31.24  ? 66  ILE A CG1 1 
ATOM   520  C  CG2 . ILE A 1 66  ? 2.181   10.251  6.160   1.00 28.54  ? 66  ILE A CG2 1 
ATOM   521  C  CD1 . ILE A 1 66  ? 4.575   11.000  4.347   1.00 30.41  ? 66  ILE A CD1 1 
ATOM   522  N  N   . ASN A 1 67  ? -0.348  13.177  3.161   1.00 30.96  ? 67  ASN A N   1 
ATOM   523  C  CA  . ASN A 1 67  ? -0.728  14.432  2.474   1.00 32.50  ? 67  ASN A CA  1 
ATOM   524  C  C   . ASN A 1 67  ? 0.405   14.985  1.611   1.00 33.88  ? 67  ASN A C   1 
ATOM   525  O  O   . ASN A 1 67  ? 0.587   16.203  1.613   1.00 31.70  ? 67  ASN A O   1 
ATOM   526  C  CB  . ASN A 1 67  ? -1.117  15.494  3.490   1.00 33.61  ? 67  ASN A CB  1 
ATOM   527  C  CG  . ASN A 1 67  ? -1.915  16.602  2.855   1.00 35.46  ? 67  ASN A CG  1 
ATOM   528  O  OD1 . ASN A 1 67  ? -1.859  17.727  3.328   1.00 40.34  ? 67  ASN A OD1 1 
ATOM   529  N  ND2 . ASN A 1 67  ? -2.607  16.306  1.765   1.00 36.55  ? 67  ASN A ND2 1 
ATOM   530  N  N   . ILE A 1 68  ? 1.106   14.127  0.870   1.00 37.56  ? 68  ILE A N   1 
ATOM   531  C  CA  . ILE A 1 68  ? 2.122   14.517  -0.154  1.00 35.41  ? 68  ILE A CA  1 
ATOM   532  C  C   . ILE A 1 68  ? 1.706   13.856  -1.469  1.00 37.07  ? 68  ILE A C   1 
ATOM   533  O  O   . ILE A 1 68  ? 1.752   12.606  -1.537  1.00 40.18  ? 68  ILE A O   1 
ATOM   534  C  CB  . ILE A 1 68  ? 3.515   14.063  0.295   1.00 37.94  ? 68  ILE A CB  1 
ATOM   535  C  CG1 . ILE A 1 68  ? 3.921   14.741  1.601   1.00 39.18  ? 68  ILE A CG1 1 
ATOM   536  C  CG2 . ILE A 1 68  ? 4.545   14.275  -0.805  1.00 39.37  ? 68  ILE A CG2 1 
ATOM   537  C  CD1 . ILE A 1 68  ? 4.998   14.008  2.360   1.00 40.03  ? 68  ILE A CD1 1 
ATOM   538  N  N   . SER A 1 69  ? 1.278   14.638  -2.459  1.00 31.51  ? 69  SER A N   1 
ATOM   539  C  CA  . SER A 1 69  ? 0.589   14.107  -3.657  1.00 32.35  ? 69  SER A CA  1 
ATOM   540  C  C   . SER A 1 69  ? 1.629   13.659  -4.687  1.00 31.60  ? 69  SER A C   1 
ATOM   541  O  O   . SER A 1 69  ? 1.673   14.219  -5.793  1.00 31.96  ? 69  SER A O   1 
ATOM   542  C  CB  . SER A 1 69  ? -0.389  15.087  -4.221  1.00 30.26  ? 69  SER A CB  1 
ATOM   543  O  OG  . SER A 1 69  ? -1.387  14.368  -4.920  1.00 32.77  ? 69  SER A OG  1 
ATOM   544  N  N   . LYS A 1 70  ? 2.431   12.661  -4.320  1.00 29.95  ? 70  LYS A N   1 
ATOM   545  C  CA  . LYS A 1 70  ? 3.571   12.196  -5.135  1.00 28.59  ? 70  LYS A CA  1 
ATOM   546  C  C   . LYS A 1 70  ? 3.582   10.671  -5.194  1.00 26.74  ? 70  LYS A C   1 
ATOM   547  O  O   . LYS A 1 70  ? 3.065   10.020  -4.282  1.00 23.74  ? 70  LYS A O   1 
ATOM   548  C  CB  . LYS A 1 70  ? 4.853   12.764  -4.555  1.00 30.21  ? 70  LYS A CB  1 
ATOM   549  C  CG  . LYS A 1 70  ? 4.941   14.262  -4.692  1.00 33.82  ? 70  LYS A CG  1 
ATOM   550  C  CD  . LYS A 1 70  ? 6.286   14.790  -4.243  1.00 38.95  ? 70  LYS A CD  1 
ATOM   551  C  CE  . LYS A 1 70  ? 6.376   16.305  -4.271  1.00 40.39  ? 70  LYS A CE  1 
ATOM   552  N  NZ  . LYS A 1 70  ? 7.655   16.759  -3.668  1.00 43.22  ? 70  LYS A NZ  1 
ATOM   553  N  N   . ARG A 1 71  ? 4.124   10.134  -6.276  1.00 27.16  ? 71  ARG A N   1 
ATOM   554  C  CA  . ARG A 1 71  ? 3.941   8.711   -6.621  1.00 27.92  ? 71  ARG A CA  1 
ATOM   555  C  C   . ARG A 1 71  ? 5.089   7.938   -5.987  1.00 26.38  ? 71  ARG A C   1 
ATOM   556  O  O   . ARG A 1 71  ? 5.951   7.495   -6.719  1.00 27.23  ? 71  ARG A O   1 
ATOM   557  C  CB  . ARG A 1 71  ? 3.851   8.560   -8.140  1.00 28.74  ? 71  ARG A CB  1 
ATOM   558  C  CG  . ARG A 1 71  ? 2.551   9.109   -8.710  1.00 30.65  ? 71  ARG A CG  1 
ATOM   559  C  CD  . ARG A 1 71  ? 2.403   8.788   -10.181 1.00 29.37  ? 71  ARG A CD  1 
ATOM   560  N  NE  . ARG A 1 71  ? 1.632   7.563   -10.387 1.00 30.57  ? 71  ARG A NE  1 
ATOM   561  C  CZ  . ARG A 1 71  ? 0.307   7.481   -10.222 1.00 32.30  ? 71  ARG A CZ  1 
ATOM   562  N  NH1 . ARG A 1 71  ? -0.383  8.533   -9.794  1.00 32.28  ? 71  ARG A NH1 1 
ATOM   563  N  NH2 . ARG A 1 71  ? -0.316  6.338   -10.441 1.00 30.03  ? 71  ARG A NH2 1 
ATOM   564  N  N   . MET A 1 72  ? 5.112   7.834   -4.662  1.00 26.84  ? 72  MET A N   1 
ATOM   565  C  CA  . MET A 1 72  ? 6.054   6.921   -3.965  1.00 28.66  ? 72  MET A CA  1 
ATOM   566  C  C   . MET A 1 72  ? 5.350   6.153   -2.860  1.00 26.50  ? 72  MET A C   1 
ATOM   567  O  O   . MET A 1 72  ? 4.424   6.678   -2.232  1.00 25.14  ? 72  MET A O   1 
ATOM   568  C  CB  . MET A 1 72  ? 7.261   7.633   -3.374  1.00 32.48  ? 72  MET A CB  1 
ATOM   569  C  CG  . MET A 1 72  ? 6.980   9.001   -2.855  1.00 37.41  ? 72  MET A CG  1 
ATOM   570  S  SD  . MET A 1 72  ? 8.572   9.869   -2.699  1.00 40.38  ? 72  MET A SD  1 
ATOM   571  C  CE  . MET A 1 72  ? 8.103   11.051  -1.431  1.00 44.21  ? 72  MET A CE  1 
ATOM   572  N  N   . ILE A 1 73  ? 5.790   4.921   -2.675  1.00 25.30  ? 73  ILE A N   1 
ATOM   573  C  CA  . ILE A 1 73  ? 5.168   3.982   -1.716  1.00 25.71  ? 73  ILE A CA  1 
ATOM   574  C  C   . ILE A 1 73  ? 6.264   3.249   -0.960  1.00 24.12  ? 73  ILE A C   1 
ATOM   575  O  O   . ILE A 1 73  ? 7.402   3.092   -1.458  1.00 23.67  ? 73  ILE A O   1 
ATOM   576  C  CB  . ILE A 1 73  ? 4.205   3.027   -2.435  1.00 26.15  ? 73  ILE A CB  1 
ATOM   577  C  CG1 . ILE A 1 73  ? 4.931   2.216   -3.509  1.00 27.63  ? 73  ILE A CG1 1 
ATOM   578  C  CG2 . ILE A 1 73  ? 3.037   3.792   -3.029  1.00 27.68  ? 73  ILE A CG2 1 
ATOM   579  C  CD1 . ILE A 1 73  ? 4.224   0.947   -3.907  1.00 28.73  ? 73  ILE A CD1 1 
ATOM   580  N  N   . ALA A 1 74  ? 5.893   2.786   0.213   1.00 25.10  ? 74  ALA A N   1 
ATOM   581  C  CA  . ALA A 1 74  ? 6.747   1.925   1.047   1.00 27.55  ? 74  ALA A CA  1 
ATOM   582  C  C   . ALA A 1 74  ? 5.963   0.649   1.331   1.00 29.69  ? 74  ALA A C   1 
ATOM   583  O  O   . ALA A 1 74  ? 4.733   0.715   1.566   1.00 35.61  ? 74  ALA A O   1 
ATOM   584  C  CB  . ALA A 1 74  ? 7.148   2.669   2.287   1.00 27.30  ? 74  ALA A CB  1 
ATOM   585  N  N   . VAL A 1 75  ? 6.644   -0.481  1.249   1.00 30.01  ? 75  VAL A N   1 
ATOM   586  C  CA  . VAL A 1 75  ? 6.060   -1.785  1.638   1.00 29.20  ? 75  VAL A CA  1 
ATOM   587  C  C   . VAL A 1 75  ? 7.070   -2.515  2.512   1.00 29.45  ? 75  VAL A C   1 
ATOM   588  O  O   . VAL A 1 75  ? 8.285   -2.567  2.166   1.00 27.94  ? 75  VAL A O   1 
ATOM   589  C  CB  . VAL A 1 75  ? 5.621   -2.589  0.406   1.00 31.48  ? 75  VAL A CB  1 
ATOM   590  C  CG1 . VAL A 1 75  ? 5.218   -4.012  0.758   1.00 29.43  ? 75  VAL A CG1 1 
ATOM   591  C  CG2 . VAL A 1 75  ? 4.485   -1.867  -0.299  1.00 33.74  ? 75  VAL A CG2 1 
ATOM   592  N  N   . LEU A 1 76  ? 6.567   -2.986  3.649   1.00 29.65  ? 76  LEU A N   1 
ATOM   593  C  CA  . LEU A 1 76  ? 7.318   -3.793  4.628   1.00 29.50  ? 76  LEU A CA  1 
ATOM   594  C  C   . LEU A 1 76  ? 6.411   -4.949  5.026   1.00 27.75  ? 76  LEU A C   1 
ATOM   595  O  O   . LEU A 1 76  ? 5.475   -4.719  5.802   1.00 31.45  ? 76  LEU A O   1 
ATOM   596  C  CB  . LEU A 1 76  ? 7.681   -2.930  5.837   1.00 33.13  ? 76  LEU A CB  1 
ATOM   597  C  CG  . LEU A 1 76  ? 8.677   -3.570  6.806   1.00 35.15  ? 76  LEU A CG  1 
ATOM   598  C  CD1 . LEU A 1 76  ? 10.032  -3.749  6.131   1.00 33.65  ? 76  LEU A CD1 1 
ATOM   599  C  CD2 . LEU A 1 76  ? 8.808   -2.728  8.076   1.00 36.47  ? 76  LEU A CD2 1 
ATOM   600  N  N   . ILE A 1 77  ? 6.621   -6.116  4.437   1.00 25.00  ? 77  ILE A N   1 
ATOM   601  C  CA  . ILE A 1 77  ? 5.896   -7.346  4.851   1.00 26.67  ? 77  ILE A CA  1 
ATOM   602  C  C   . ILE A 1 77  ? 6.914   -8.299  5.437   1.00 28.38  ? 77  ILE A C   1 
ATOM   603  O  O   . ILE A 1 77  ? 7.758   -8.829  4.728   1.00 28.85  ? 77  ILE A O   1 
ATOM   604  C  CB  . ILE A 1 77  ? 5.099   -8.023  3.730   1.00 25.86  ? 77  ILE A CB  1 
ATOM   605  C  CG1 . ILE A 1 77  ? 4.255   -7.005  2.970   1.00 24.93  ? 77  ILE A CG1 1 
ATOM   606  C  CG2 . ILE A 1 77  ? 4.243   -9.148  4.315   1.00 26.85  ? 77  ILE A CG2 1 
ATOM   607  C  CD1 . ILE A 1 77  ? 3.761   -7.503  1.665   1.00 25.35  ? 77  ILE A CD1 1 
ATOM   608  N  N   . PRO A 1 78  ? 6.799   -8.562  6.747   1.00 31.77  ? 78  PRO A N   1 
ATOM   609  C  CA  . PRO A 1 78  ? 7.776   -9.396  7.437   1.00 33.79  ? 78  PRO A CA  1 
ATOM   610  C  C   . PRO A 1 78  ? 7.587   -10.859 7.018   1.00 32.52  ? 78  PRO A C   1 
ATOM   611  O  O   . PRO A 1 78  ? 6.525   -11.203 6.495   1.00 28.41  ? 78  PRO A O   1 
ATOM   612  C  CB  . PRO A 1 78  ? 7.431   -9.107  8.898   1.00 32.30  ? 78  PRO A CB  1 
ATOM   613  C  CG  . PRO A 1 78  ? 5.922   -8.941  8.873   1.00 32.43  ? 78  PRO A CG  1 
ATOM   614  C  CD  . PRO A 1 78  ? 5.669   -8.160  7.608   1.00 30.69  ? 78  PRO A CD  1 
ATOM   615  N  N   . ASP A 1 79  ? 8.644   -11.652 7.189   1.00 36.73  ? 79  ASP A N   1 
ATOM   616  C  CA  . ASP A 1 79  ? 8.643   -13.107 6.910   1.00 40.97  ? 79  ASP A CA  1 
ATOM   617  C  C   . ASP A 1 79  ? 7.530   -13.727 7.743   1.00 48.31  ? 79  ASP A C   1 
ATOM   618  O  O   . ASP A 1 79  ? 7.442   -13.413 8.937   1.00 54.41  ? 79  ASP A O   1 
ATOM   619  C  CB  . ASP A 1 79  ? 9.989   -13.749 7.238   1.00 41.41  ? 79  ASP A CB  1 
ATOM   620  C  CG  . ASP A 1 79  ? 10.057  -15.235 6.929   1.00 41.41  ? 79  ASP A CG  1 
ATOM   621  O  OD1 . ASP A 1 79  ? 9.072   -15.808 6.403   1.00 40.74  ? 79  ASP A OD1 1 
ATOM   622  O  OD2 . ASP A 1 79  ? 11.106  -15.817 7.224   1.00 51.77  ? 79  ASP A OD2 1 
ATOM   623  N  N   . ASP A 1 80  ? 6.697   -14.548 7.121   1.00 53.79  ? 80  ASP A N   1 
ATOM   624  C  CA  . ASP A 1 80  ? 5.457   -15.049 7.755   1.00 61.26  ? 80  ASP A CA  1 
ATOM   625  C  C   . ASP A 1 80  ? 5.612   -16.532 8.098   1.00 63.66  ? 80  ASP A C   1 
ATOM   626  O  O   . ASP A 1 80  ? 4.709   -17.067 8.764   1.00 73.52  ? 80  ASP A O   1 
ATOM   627  C  CB  . ASP A 1 80  ? 4.275   -14.819 6.819   1.00 61.58  ? 80  ASP A CB  1 
ATOM   628  C  CG  . ASP A 1 80  ? 4.388   -15.622 5.541   1.00 66.77  ? 80  ASP A CG  1 
ATOM   629  O  OD1 . ASP A 1 80  ? 5.445   -16.274 5.338   1.00 73.42  ? 80  ASP A OD1 1 
ATOM   630  O  OD2 . ASP A 1 80  ? 3.424   -15.595 4.767   1.00 68.53  ? 80  ASP A OD2 1 
ATOM   631  N  N   . GLY A 1 81  ? 6.690   -17.175 7.647   1.00 58.40  ? 81  GLY A N   1 
ATOM   632  C  CA  . GLY A 1 81  ? 6.781   -18.642 7.613   1.00 57.89  ? 81  GLY A CA  1 
ATOM   633  C  C   . GLY A 1 81  ? 7.342   -19.122 6.295   1.00 58.59  ? 81  GLY A C   1 
ATOM   634  O  O   . GLY A 1 81  ? 8.116   -20.086 6.314   1.00 60.45  ? 81  GLY A O   1 
ATOM   635  N  N   . SER A 1 82  ? 6.999   -18.450 5.195   1.00 55.28  ? 82  SER A N   1 
ATOM   636  C  CA  . SER A 1 82  ? 7.484   -18.770 3.822   1.00 55.36  ? 82  SER A CA  1 
ATOM   637  C  C   . SER A 1 82  ? 9.017   -18.734 3.750   1.00 52.83  ? 82  SER A C   1 
ATOM   638  O  O   . SER A 1 82  ? 9.577   -19.573 3.039   1.00 56.29  ? 82  SER A O   1 
ATOM   639  C  CB  . SER A 1 82  ? 6.889   -17.834 2.801   1.00 53.65  ? 82  SER A CB  1 
ATOM   640  O  OG  . SER A 1 82  ? 6.898   -16.493 3.282   1.00 52.08  ? 82  SER A OG  1 
ATOM   641  N  N   . GLY A 1 83  ? 9.667   -17.811 4.466   1.00 49.81  ? 83  GLY A N   1 
ATOM   642  C  CA  . GLY A 1 83  ? 11.046  -17.356 4.172   1.00 48.47  ? 83  GLY A CA  1 
ATOM   643  C  C   . GLY A 1 83  ? 11.038  -16.164 3.208   1.00 47.80  ? 83  GLY A C   1 
ATOM   644  O  O   . GLY A 1 83  ? 12.120  -15.640 2.911   1.00 48.33  ? 83  GLY A O   1 
ATOM   645  N  N   . LYS A 1 84  ? 9.856   -15.734 2.749   1.00 43.38  ? 84  LYS A N   1 
ATOM   646  C  CA  . LYS A 1 84  ? 9.671   -14.584 1.827   1.00 43.09  ? 84  LYS A CA  1 
ATOM   647  C  C   . LYS A 1 84  ? 9.299   -13.334 2.625   1.00 40.36  ? 84  LYS A C   1 
ATOM   648  O  O   . LYS A 1 84  ? 8.351   -13.372 3.442   1.00 39.55  ? 84  LYS A O   1 
ATOM   649  C  CB  . LYS A 1 84  ? 8.614   -14.927 0.779   1.00 47.97  ? 84  LYS A CB  1 
ATOM   650  C  CG  . LYS A 1 84  ? 9.083   -15.986 -0.212  1.00 53.06  ? 84  LYS A CG  1 
ATOM   651  C  CD  . LYS A 1 84  ? 7.966   -16.742 -0.887  1.00 58.30  ? 84  LYS A CD  1 
ATOM   652  C  CE  . LYS A 1 84  ? 7.508   -16.107 -2.180  1.00 59.60  ? 84  LYS A CE  1 
ATOM   653  N  NZ  . LYS A 1 84  ? 6.899   -17.115 -3.077  1.00 63.75  ? 84  LYS A NZ  1 
ATOM   654  N  N   . SER A 1 85  ? 10.054  -12.262 2.425   1.00 37.06  ? 85  SER A N   1 
ATOM   655  C  CA  . SER A 1 85  ? 9.737   -10.937 3.001   1.00 35.77  ? 85  SER A CA  1 
ATOM   656  C  C   . SER A 1 85  ? 9.921   -9.883  1.909   1.00 31.67  ? 85  SER A C   1 
ATOM   657  O  O   . SER A 1 85  ? 10.451  -10.210 0.828   1.00 30.37  ? 85  SER A O   1 
ATOM   658  C  CB  . SER A 1 85  ? 10.544  -10.663 4.255   1.00 36.11  ? 85  SER A CB  1 
ATOM   659  O  OG  . SER A 1 85  ? 11.892  -10.379 3.937   1.00 37.72  ? 85  SER A OG  1 
ATOM   660  N  N   . TYR A 1 86  ? 9.396   -8.699  2.169   1.00 29.33  ? 86  TYR A N   1 
ATOM   661  C  CA  . TYR A 1 86  ? 9.154   -7.626  1.183   1.00 29.98  ? 86  TYR A CA  1 
ATOM   662  C  C   . TYR A 1 86  ? 9.445   -6.305  1.880   1.00 29.20  ? 86  TYR A C   1 
ATOM   663  O  O   . TYR A 1 86  ? 8.666   -5.906  2.785   1.00 28.55  ? 86  TYR A O   1 
ATOM   664  C  CB  . TYR A 1 86  ? 7.727   -7.716  0.637   1.00 32.14  ? 86  TYR A CB  1 
ATOM   665  C  CG  . TYR A 1 86  ? 7.459   -9.023  -0.058  1.00 34.51  ? 86  TYR A CG  1 
ATOM   666  C  CD1 . TYR A 1 86  ? 7.894   -9.254  -1.347  1.00 34.15  ? 86  TYR A CD1 1 
ATOM   667  C  CD2 . TYR A 1 86  ? 6.850   -10.063 0.615   1.00 40.02  ? 86  TYR A CD2 1 
ATOM   668  C  CE1 . TYR A 1 86  ? 7.686   -10.472 -1.969  1.00 38.24  ? 86  TYR A CE1 1 
ATOM   669  C  CE2 . TYR A 1 86  ? 6.629   -11.289 0.010   1.00 42.67  ? 86  TYR A CE2 1 
ATOM   670  C  CZ  . TYR A 1 86  ? 7.059   -11.501 -1.285  1.00 41.07  ? 86  TYR A CZ  1 
ATOM   671  O  OH  . TYR A 1 86  ? 6.840   -12.718 -1.862  1.00 40.88  ? 86  TYR A OH  1 
ATOM   672  N  N   . ASP A 1 87  ? 10.558  -5.694  1.489   1.00 26.74  ? 87  ASP A N   1 
ATOM   673  C  CA  . ASP A 1 87  ? 11.068  -4.433  2.058   1.00 29.50  ? 87  ASP A CA  1 
ATOM   674  C  C   . ASP A 1 87  ? 11.439  -3.534  0.881   1.00 29.41  ? 87  ASP A C   1 
ATOM   675  O  O   . ASP A 1 87  ? 12.518  -3.737  0.300   1.00 29.03  ? 87  ASP A O   1 
ATOM   676  C  CB  . ASP A 1 87  ? 12.215  -4.748  3.017   1.00 32.48  ? 87  ASP A CB  1 
ATOM   677  C  CG  . ASP A 1 87  ? 12.673  -3.548  3.819   1.00 35.32  ? 87  ASP A CG  1 
ATOM   678  O  OD1 . ASP A 1 87  ? 12.213  -2.421  3.492   1.00 34.77  ? 87  ASP A OD1 1 
ATOM   679  O  OD2 . ASP A 1 87  ? 13.507  -3.750  4.742   1.00 37.03  ? 87  ASP A OD2 1 
ATOM   680  N  N   . TYR A 1 88  ? 10.520  -2.649  0.479   1.00 31.51  ? 88  TYR A N   1 
ATOM   681  C  CA  . TYR A 1 88  ? 10.570  -1.931  -0.824  1.00 29.37  ? 88  TYR A CA  1 
ATOM   682  C  C   . TYR A 1 88  ? 10.114  -0.480  -0.633  1.00 30.01  ? 88  TYR A C   1 
ATOM   683  O  O   . TYR A 1 88  ? 9.018   -0.201  -0.100  1.00 29.24  ? 88  TYR A O   1 
ATOM   684  C  CB  . TYR A 1 88  ? 9.749   -2.683  -1.875  1.00 28.84  ? 88  TYR A CB  1 
ATOM   685  C  CG  . TYR A 1 88  ? 10.366  -3.969  -2.370  1.00 26.56  ? 88  TYR A CG  1 
ATOM   686  C  CD1 . TYR A 1 88  ? 11.432  -3.956  -3.253  1.00 24.89  ? 88  TYR A CD1 1 
ATOM   687  C  CD2 . TYR A 1 88  ? 9.887   -5.210  -1.970  1.00 25.55  ? 88  TYR A CD2 1 
ATOM   688  C  CE1 . TYR A 1 88  ? 12.030  -5.125  -3.697  1.00 24.07  ? 88  TYR A CE1 1 
ATOM   689  C  CE2 . TYR A 1 88  ? 10.474  -6.391  -2.419  1.00 23.64  ? 88  TYR A CE2 1 
ATOM   690  C  CZ  . TYR A 1 88  ? 11.542  -6.358  -3.300  1.00 24.01  ? 88  TYR A CZ  1 
ATOM   691  O  OH  . TYR A 1 88  ? 12.126  -7.529  -3.759  1.00 24.05  ? 88  TYR A OH  1 
ATOM   692  N  N   . MET A 1 89  ? 10.979  0.436   -1.042  1.00 30.94  ? 89  MET A N   1 
ATOM   693  C  CA  . MET A 1 89  ? 10.656  1.867   -1.246  1.00 30.26  ? 89  MET A CA  1 
ATOM   694  C  C   . MET A 1 89  ? 10.672  2.124   -2.751  1.00 28.29  ? 89  MET A C   1 
ATOM   695  O  O   . MET A 1 89  ? 11.754  1.997   -3.361  1.00 29.28  ? 89  MET A O   1 
ATOM   696  C  CB  . MET A 1 89  ? 11.678  2.763   -0.549  1.00 31.03  ? 89  MET A CB  1 
ATOM   697  C  CG  . MET A 1 89  ? 11.536  2.759   0.960   1.00 32.11  ? 89  MET A CG  1 
ATOM   698  S  SD  . MET A 1 89  ? 12.837  3.745   1.802   1.00 33.04  ? 89  MET A SD  1 
ATOM   699  C  CE  . MET A 1 89  ? 14.309  2.811   1.377   1.00 30.19  ? 89  MET A CE  1 
ATOM   700  N  N   . LEU A 1 90  ? 9.502   2.387   -3.326  1.00 26.20  ? 90  LEU A N   1 
ATOM   701  C  CA  . LEU A 1 90  ? 9.334   2.481   -4.802  1.00 29.63  ? 90  LEU A CA  1 
ATOM   702  C  C   . LEU A 1 90  ? 8.915   3.888   -5.226  1.00 27.44  ? 90  LEU A C   1 
ATOM   703  O  O   . LEU A 1 90  ? 7.937   4.450   -4.637  1.00 24.87  ? 90  LEU A O   1 
ATOM   704  C  CB  . LEU A 1 90  ? 8.320   1.439   -5.285  1.00 30.63  ? 90  LEU A CB  1 
ATOM   705  C  CG  . LEU A 1 90  ? 8.731   -0.022  -5.063  1.00 31.64  ? 90  LEU A CG  1 
ATOM   706  C  CD1 . LEU A 1 90  ? 7.803   -0.950  -5.831  1.00 33.36  ? 90  LEU A CD1 1 
ATOM   707  C  CD2 . LEU A 1 90  ? 10.167  -0.274  -5.474  1.00 30.46  ? 90  LEU A CD2 1 
ATOM   708  N  N   . VAL A 1 91  ? 9.607   4.384   -6.252  1.00 26.11  ? 91  VAL A N   1 
ATOM   709  C  CA  . VAL A 1 91  ? 9.277   5.654   -6.952  1.00 29.64  ? 91  VAL A CA  1 
ATOM   710  C  C   . VAL A 1 91  ? 8.652   5.351   -8.308  1.00 27.53  ? 91  VAL A C   1 
ATOM   711  O  O   . VAL A 1 91  ? 9.170   4.475   -9.057  1.00 28.50  ? 91  VAL A O   1 
ATOM   712  C  CB  . VAL A 1 91  ? 10.519  6.554   -7.067  1.00 33.85  ? 91  VAL A CB  1 
ATOM   713  C  CG1 . VAL A 1 91  ? 10.234  7.784   -7.908  1.00 34.16  ? 91  VAL A CG1 1 
ATOM   714  C  CG2 . VAL A 1 91  ? 11.036  6.944   -5.684  1.00 34.09  ? 91  VAL A CG2 1 
ATOM   715  N  N   . ASN A 1 92  ? 7.560   6.061   -8.584  1.00 25.18  ? 92  ASN A N   1 
ATOM   716  C  CA  . ASN A 1 92  ? 6.742   5.969   -9.820  1.00 23.14  ? 92  ASN A CA  1 
ATOM   717  C  C   . ASN A 1 92  ? 6.473   4.510   -10.122 1.00 23.44  ? 92  ASN A C   1 
ATOM   718  O  O   . ASN A 1 92  ? 6.698   4.058   -11.234 1.00 22.45  ? 92  ASN A O   1 
ATOM   719  C  CB  . ASN A 1 92  ? 7.422   6.633   -11.010 1.00 23.47  ? 92  ASN A CB  1 
ATOM   720  C  CG  . ASN A 1 92  ? 7.690   8.100   -10.775 1.00 26.11  ? 92  ASN A CG  1 
ATOM   721  O  OD1 . ASN A 1 92  ? 6.958   8.746   -10.023 1.00 24.77  ? 92  ASN A OD1 1 
ATOM   722  N  ND2 . ASN A 1 92  ? 8.744   8.613   -11.389 1.00 23.29  ? 92  ASN A ND2 1 
ATOM   723  N  N   . PRO A 1 93  ? 5.923   3.721   -9.182  1.00 25.19  ? 93  PRO A N   1 
ATOM   724  C  CA  . PRO A 1 93  ? 5.636   2.322   -9.481  1.00 26.06  ? 93  PRO A CA  1 
ATOM   725  C  C   . PRO A 1 93  ? 4.459   2.231   -10.461 1.00 28.85  ? 93  PRO A C   1 
ATOM   726  O  O   . PRO A 1 93  ? 3.543   3.064   -10.376 1.00 27.19  ? 93  PRO A O   1 
ATOM   727  C  CB  . PRO A 1 93  ? 5.273   1.770   -8.106  1.00 25.06  ? 93  PRO A CB  1 
ATOM   728  C  CG  . PRO A 1 93  ? 4.578   2.950   -7.453  1.00 25.37  ? 93  PRO A CG  1 
ATOM   729  C  CD  . PRO A 1 93  ? 5.426   4.134   -7.863  1.00 24.94  ? 93  PRO A CD  1 
ATOM   730  N  N   . LYS A 1 94  ? 4.484   1.212   -11.330 1.00 31.89  ? 94  LYS A N   1 
ATOM   731  C  CA  . LYS A 1 94  ? 3.463   1.025   -12.388 1.00 36.59  ? 94  LYS A CA  1 
ATOM   732  C  C   . LYS A 1 94  ? 3.210   -0.472  -12.597 1.00 34.12  ? 94  LYS A C   1 
ATOM   733  O  O   . LYS A 1 94  ? 4.188   -1.209  -12.867 1.00 30.12  ? 94  LYS A O   1 
ATOM   734  C  CB  . LYS A 1 94  ? 3.971   1.753   -13.635 1.00 40.82  ? 94  LYS A CB  1 
ATOM   735  C  CG  . LYS A 1 94  ? 3.153   1.589   -14.904 1.00 50.57  ? 94  LYS A CG  1 
ATOM   736  C  CD  . LYS A 1 94  ? 3.612   2.550   -16.006 1.00 58.24  ? 94  LYS A CD  1 
ATOM   737  C  CE  . LYS A 1 94  ? 3.076   2.216   -17.385 1.00 67.26  ? 94  LYS A CE  1 
ATOM   738  N  NZ  . LYS A 1 94  ? 1.659   1.767   -17.347 1.00 69.68  ? 94  LYS A NZ  1 
ATOM   739  N  N   . ILE A 1 95  ? 1.948   -0.903  -12.501 1.00 31.90  ? 95  ILE A N   1 
ATOM   740  C  CA  . ILE A 1 95  ? 1.549   -2.294  -12.873 1.00 30.73  ? 95  ILE A CA  1 
ATOM   741  C  C   . ILE A 1 95  ? 1.560   -2.398  -14.399 1.00 29.05  ? 95  ILE A C   1 
ATOM   742  O  O   . ILE A 1 95  ? 0.769   -1.691  -15.075 1.00 30.64  ? 95  ILE A O   1 
ATOM   743  C  CB  . ILE A 1 95  ? 0.199   -2.720  -12.269 1.00 30.49  ? 95  ILE A CB  1 
ATOM   744  C  CG1 . ILE A 1 95  ? 0.258   -2.736  -10.739 1.00 32.52  ? 95  ILE A CG1 1 
ATOM   745  C  CG2 . ILE A 1 95  ? -0.236  -4.083  -12.813 1.00 28.94  ? 95  ILE A CG2 1 
ATOM   746  C  CD1 . ILE A 1 95  ? -1.100  -2.576  -10.046 1.00 32.30  ? 95  ILE A CD1 1 
ATOM   747  N  N   . VAL A 1 96  ? 2.430   -3.247  -14.933 1.00 25.45  ? 96  VAL A N   1 
ATOM   748  C  CA  . VAL A 1 96  ? 2.626   -3.334  -16.407 1.00 25.81  ? 96  VAL A CA  1 
ATOM   749  C  C   . VAL A 1 96  ? 1.929   -4.581  -16.966 1.00 25.99  ? 96  VAL A C   1 
ATOM   750  O  O   . VAL A 1 96  ? 1.514   -4.527  -18.115 1.00 25.70  ? 96  VAL A O   1 
ATOM   751  C  CB  . VAL A 1 96  ? 4.106   -3.297  -16.786 1.00 25.21  ? 96  VAL A CB  1 
ATOM   752  C  CG1 . VAL A 1 96  ? 4.697   -1.942  -16.469 1.00 27.63  ? 96  VAL A CG1 1 
ATOM   753  C  CG2 . VAL A 1 96  ? 4.887   -4.407  -16.124 1.00 25.00  ? 96  VAL A CG2 1 
ATOM   754  N  N   . SER A 1 97  ? 1.778   -5.642  -16.180 1.00 25.25  ? 97  SER A N   1 
ATOM   755  C  CA  . SER A 1 97  ? 0.984   -6.827  -16.566 1.00 26.66  ? 97  SER A CA  1 
ATOM   756  C  C   . SER A 1 97  ? 0.349   -7.424  -15.321 1.00 26.29  ? 97  SER A C   1 
ATOM   757  O  O   . SER A 1 97  ? 0.759   -7.081  -14.196 1.00 26.27  ? 97  SER A O   1 
ATOM   758  C  CB  . SER A 1 97  ? 1.832   -7.848  -17.271 1.00 27.68  ? 97  SER A CB  1 
ATOM   759  O  OG  . SER A 1 97  ? 2.965   -8.094  -16.481 1.00 29.14  ? 97  SER A OG  1 
ATOM   760  N  N   . HIS A 1 98  ? -0.611  -8.313  -15.522 1.00 24.26  ? 98  HIS A N   1 
ATOM   761  C  CA  . HIS A 1 98  ? -1.254  -8.994  -14.386 1.00 23.94  ? 98  HIS A CA  1 
ATOM   762  C  C   . HIS A 1 98  ? -2.053  -10.185 -14.882 1.00 23.05  ? 98  HIS A C   1 
ATOM   763  O  O   . HIS A 1 98  ? -2.340  -10.253 -16.067 1.00 20.54  ? 98  HIS A O   1 
ATOM   764  C  CB  . HIS A 1 98  ? -2.081  -7.995  -13.569 1.00 21.82  ? 98  HIS A CB  1 
ATOM   765  C  CG  . HIS A 1 98  ? -3.256  -7.476  -14.294 1.00 20.96  ? 98  HIS A CG  1 
ATOM   766  N  ND1 . HIS A 1 98  ? -4.325  -8.280  -14.605 1.00 20.81  ? 98  HIS A ND1 1 
ATOM   767  C  CD2 . HIS A 1 98  ? -3.520  -6.249  -14.798 1.00 22.46  ? 98  HIS A CD2 1 
ATOM   768  C  CE1 . HIS A 1 98  ? -5.230  -7.552  -15.235 1.00 21.02  ? 98  HIS A CE1 1 
ATOM   769  N  NE2 . HIS A 1 98  ? -4.755  -6.301  -15.368 1.00 20.03  ? 98  HIS A NE2 1 
ATOM   770  N  N   . SER A 1 99  ? -2.396  -11.064 -13.945 1.00 23.30  ? 99  SER A N   1 
ATOM   771  C  CA  . SER A 1 99  ? -3.197  -12.277 -14.201 1.00 23.67  ? 99  SER A CA  1 
ATOM   772  C  C   . SER A 1 99  ? -4.643  -11.838 -14.432 1.00 25.01  ? 99  SER A C   1 
ATOM   773  O  O   . SER A 1 99  ? -5.029  -10.753 -13.950 1.00 22.88  ? 99  SER A O   1 
ATOM   774  C  CB  . SER A 1 99  ? -3.091  -13.218 -13.038 1.00 23.27  ? 99  SER A CB  1 
ATOM   775  O  OG  . SER A 1 99  ? -3.486  -12.557 -11.846 1.00 24.60  ? 99  SER A OG  1 
ATOM   776  N  N   . VAL A 1 100 ? -5.416  -12.663 -15.113 1.00 24.23  ? 100 VAL A N   1 
ATOM   777  C  CA  . VAL A 1 100 ? -6.883  -12.472 -15.196 1.00 27.62  ? 100 VAL A CA  1 
ATOM   778  C  C   . VAL A 1 100 ? -7.483  -12.942 -13.876 1.00 30.75  ? 100 VAL A C   1 
ATOM   779  O  O   . VAL A 1 100 ? -8.405  -12.287 -13.352 1.00 33.30  ? 100 VAL A O   1 
ATOM   780  C  CB  . VAL A 1 100 ? -7.444  -13.252 -16.392 1.00 31.25  ? 100 VAL A CB  1 
ATOM   781  C  CG1 . VAL A 1 100 ? -8.961  -13.407 -16.309 1.00 29.17  ? 100 VAL A CG1 1 
ATOM   782  C  CG2 . VAL A 1 100 ? -6.988  -12.607 -17.702 1.00 30.49  ? 100 VAL A CG2 1 
ATOM   783  N  N   . GLN A 1 101 ? -6.945  -14.033 -13.337 1.00 32.23  ? 101 GLN A N   1 
ATOM   784  C  CA  . GLN A 1 101 ? -7.398  -14.576 -12.045 1.00 31.47  ? 101 GLN A CA  1 
ATOM   785  C  C   . GLN A 1 101 ? -7.262  -13.522 -10.940 1.00 30.90  ? 101 GLN A C   1 
ATOM   786  O  O   . GLN A 1 101 ? -6.169  -12.890 -10.818 1.00 26.51  ? 101 GLN A O   1 
ATOM   787  C  CB  . GLN A 1 101 ? -6.617  -15.825 -11.680 1.00 32.99  ? 101 GLN A CB  1 
ATOM   788  C  CG  . GLN A 1 101 ? -7.312  -16.565 -10.561 1.00 34.13  ? 101 GLN A CG  1 
ATOM   789  C  CD  . GLN A 1 101 ? -6.640  -17.879 -10.298 1.00 36.94  ? 101 GLN A CD  1 
ATOM   790  O  OE1 . GLN A 1 101 ? -5.412  -17.969 -10.300 1.00 37.59  ? 101 GLN A OE1 1 
ATOM   791  N  NE2 . GLN A 1 101 ? -7.455  -18.892 -10.049 1.00 33.95  ? 101 GLN A NE2 1 
ATOM   792  N  N   . GLU A 1 102 ? -8.315  -13.406 -10.122 1.00 30.35  ? 102 GLU A N   1 
ATOM   793  C  CA  . GLU A 1 102 ? -8.410  -12.453 -8.989  1.00 30.36  ? 102 GLU A CA  1 
ATOM   794  C  C   . GLU A 1 102 ? -8.028  -13.146 -7.677  1.00 31.06  ? 102 GLU A C   1 
ATOM   795  O  O   . GLU A 1 102 ? -7.929  -14.382 -7.647  1.00 32.06  ? 102 GLU A O   1 
ATOM   796  C  CB  . GLU A 1 102 ? -9.828  -11.908 -8.860  1.00 31.54  ? 102 GLU A CB  1 
ATOM   797  C  CG  . GLU A 1 102 ? -10.318 -11.219 -10.101 1.00 34.64  ? 102 GLU A CG  1 
ATOM   798  C  CD  . GLU A 1 102 ? -11.740 -10.695 -9.982  1.00 39.69  ? 102 GLU A CD  1 
ATOM   799  O  OE1 . GLU A 1 102 ? -12.624 -11.431 -9.501  1.00 43.63  ? 102 GLU A OE1 1 
ATOM   800  O  OE2 . GLU A 1 102 ? -11.964 -9.547  -10.358 1.00 47.51  ? 102 GLU A OE2 1 
ATOM   801  N  N   . ALA A 1 103 ? -7.782  -12.349 -6.632  1.00 32.40  ? 103 ALA A N   1 
ATOM   802  C  CA  . ALA A 1 103 ? -7.596  -12.807 -5.234  1.00 32.89  ? 103 ALA A CA  1 
ATOM   803  C  C   . ALA A 1 103 ? -8.216  -11.801 -4.254  1.00 30.44  ? 103 ALA A C   1 
ATOM   804  O  O   . ALA A 1 103 ? -8.549  -10.627 -4.612  1.00 28.54  ? 103 ALA A O   1 
ATOM   805  C  CB  . ALA A 1 103 ? -6.138  -13.081 -4.932  1.00 31.72  ? 103 ALA A CB  1 
ATOM   806  N  N   . TYR A 1 104 ? -8.440  -12.271 -3.043  1.00 30.79  ? 104 TYR A N   1 
ATOM   807  C  CA  . TYR A 1 104 ? -9.098  -11.479 -1.984  1.00 31.36  ? 104 TYR A CA  1 
ATOM   808  C  C   . TYR A 1 104 ? -8.645  -12.079 -0.663  1.00 30.46  ? 104 TYR A C   1 
ATOM   809  O  O   . TYR A 1 104 ? -8.512  -13.327 -0.584  1.00 31.42  ? 104 TYR A O   1 
ATOM   810  C  CB  . TYR A 1 104 ? -10.613 -11.469 -2.180  1.00 31.85  ? 104 TYR A CB  1 
ATOM   811  C  CG  . TYR A 1 104 ? -11.216 -12.826 -1.964  1.00 35.39  ? 104 TYR A CG  1 
ATOM   812  C  CD1 . TYR A 1 104 ? -11.269 -13.751 -2.989  1.00 40.06  ? 104 TYR A CD1 1 
ATOM   813  C  CD2 . TYR A 1 104 ? -11.666 -13.217 -0.714  1.00 37.86  ? 104 TYR A CD2 1 
ATOM   814  C  CE1 . TYR A 1 104 ? -11.770 -15.028 -2.790  1.00 43.78  ? 104 TYR A CE1 1 
ATOM   815  C  CE2 . TYR A 1 104 ? -12.197 -14.480 -0.502  1.00 41.12  ? 104 TYR A CE2 1 
ATOM   816  C  CZ  . TYR A 1 104 ? -12.240 -15.394 -1.542  1.00 43.96  ? 104 TYR A CZ  1 
ATOM   817  O  OH  . TYR A 1 104 ? -12.730 -16.651 -1.344  1.00 45.85  ? 104 TYR A OH  1 
ATOM   818  N  N   . LEU A 1 105 ? -8.325  -11.175 0.260   1.00 29.78  ? 105 LEU A N   1 
ATOM   819  C  CA  . LEU A 1 105 ? -8.348  -11.353 1.732   1.00 31.66  ? 105 LEU A CA  1 
ATOM   820  C  C   . LEU A 1 105 ? -9.788  -11.612 2.158   1.00 32.74  ? 105 LEU A C   1 
ATOM   821  O  O   . LEU A 1 105 ? -10.702 -10.817 1.882   1.00 29.09  ? 105 LEU A O   1 
ATOM   822  C  CB  . LEU A 1 105 ? -7.790  -10.091 2.389   1.00 31.46  ? 105 LEU A CB  1 
ATOM   823  C  CG  . LEU A 1 105 ? -6.281  -10.101 2.630   1.00 32.77  ? 105 LEU A CG  1 
ATOM   824  C  CD1 . LEU A 1 105 ? -5.519  -10.847 1.546   1.00 31.69  ? 105 LEU A CD1 1 
ATOM   825  C  CD2 . LEU A 1 105 ? -5.750  -8.691  2.768   1.00 34.96  ? 105 LEU A CD2 1 
ATOM   826  N  N   . PRO A 1 106 ? -10.013 -12.753 2.840   1.00 34.57  ? 106 PRO A N   1 
ATOM   827  C  CA  . PRO A 1 106 ? -11.370 -13.186 3.202   1.00 35.84  ? 106 PRO A CA  1 
ATOM   828  C  C   . PRO A 1 106 ? -11.925 -12.334 4.349   1.00 35.48  ? 106 PRO A C   1 
ATOM   829  O  O   . PRO A 1 106 ? -13.092 -12.250 4.504   1.00 34.98  ? 106 PRO A O   1 
ATOM   830  C  CB  . PRO A 1 106 ? -11.134 -14.637 3.608   1.00 34.85  ? 106 PRO A CB  1 
ATOM   831  C  CG  . PRO A 1 106 ? -9.758  -14.575 4.236   1.00 34.83  ? 106 PRO A CG  1 
ATOM   832  C  CD  . PRO A 1 106 ? -8.964  -13.650 3.339   1.00 33.92  ? 106 PRO A CD  1 
ATOM   833  N  N   . THR A 1 107 ? -11.042 -11.651 5.064   1.00 38.02  ? 107 THR A N   1 
ATOM   834  C  CA  . THR A 1 107 ? -11.388 -10.686 6.134   1.00 44.94  ? 107 THR A CA  1 
ATOM   835  C  C   . THR A 1 107 ? -11.729 -9.327  5.534   1.00 44.40  ? 107 THR A C   1 
ATOM   836  O  O   . THR A 1 107 ? -12.206 -8.475  6.288   1.00 48.92  ? 107 THR A O   1 
ATOM   837  C  CB  . THR A 1 107 ? -10.224 -10.590 7.126   1.00 47.70  ? 107 THR A CB  1 
ATOM   838  O  OG1 . THR A 1 107 ? -9.003  -10.643 6.376   1.00 47.86  ? 107 THR A OG1 1 
ATOM   839  C  CG2 . THR A 1 107 ? -10.262 -11.727 8.121   1.00 46.05  ? 107 THR A CG2 1 
ATOM   840  N  N   . GLY A 1 108 ? -11.511 -9.131  4.234   1.00 40.86  ? 108 GLY A N   1 
ATOM   841  C  CA  . GLY A 1 108 ? -11.632 -7.794  3.620   1.00 38.77  ? 108 GLY A CA  1 
ATOM   842  C  C   . GLY A 1 108 ? -10.350 -7.042  3.882   1.00 33.11  ? 108 GLY A C   1 
ATOM   843  O  O   . GLY A 1 108 ? -9.355  -7.727  4.157   1.00 31.80  ? 108 GLY A O   1 
ATOM   844  N  N   . GLU A 1 109 ? -10.355 -5.713  3.813   1.00 31.83  ? 109 GLU A N   1 
ATOM   845  C  CA  . GLU A 1 109 ? -9.106  -4.907  3.926   1.00 36.18  ? 109 GLU A CA  1 
ATOM   846  C  C   . GLU A 1 109 ? -9.260  -3.824  4.994   1.00 37.43  ? 109 GLU A C   1 
ATOM   847  O  O   . GLU A 1 109 ? -10.391 -3.557  5.434   1.00 38.08  ? 109 GLU A O   1 
ATOM   848  C  CB  . GLU A 1 109 ? -8.720  -4.315  2.569   1.00 39.14  ? 109 GLU A CB  1 
ATOM   849  C  CG  . GLU A 1 109 ? -8.128  -5.369  1.642   1.00 42.27  ? 109 GLU A CG  1 
ATOM   850  C  CD  . GLU A 1 109 ? -7.551  -4.877  0.322   1.00 44.96  ? 109 GLU A CD  1 
ATOM   851  O  OE1 . GLU A 1 109 ? -7.423  -3.633  0.158   1.00 43.16  ? 109 GLU A OE1 1 
ATOM   852  O  OE2 . GLU A 1 109 ? -7.237  -5.746  -0.542  1.00 37.33  ? 109 GLU A OE2 1 
ATOM   853  N  N   . GLY A 1 110 ? -8.137  -3.239  5.397   1.00 36.70  ? 110 GLY A N   1 
ATOM   854  C  CA  . GLY A 1 110 ? -8.102  -2.092  6.310   1.00 37.29  ? 110 GLY A CA  1 
ATOM   855  C  C   . GLY A 1 110 ? -7.192  -1.023  5.770   1.00 36.75  ? 110 GLY A C   1 
ATOM   856  O  O   . GLY A 1 110 ? -6.505  -1.278  4.779   1.00 40.83  ? 110 GLY A O   1 
ATOM   857  N  N   . CYS A 1 111 ? -7.182  0.136   6.403   1.00 35.62  ? 111 CYS A N   1 
ATOM   858  C  CA  . CYS A 1 111 ? -6.441  1.314   5.905   1.00 37.03  ? 111 CYS A CA  1 
ATOM   859  C  C   . CYS A 1 111 ? -6.164  2.254   7.084   1.00 39.16  ? 111 CYS A C   1 
ATOM   860  O  O   . CYS A 1 111 ? -7.131  2.633   7.811   1.00 34.77  ? 111 CYS A O   1 
ATOM   861  C  CB  . CYS A 1 111 ? -7.256  1.973   4.792   1.00 36.93  ? 111 CYS A CB  1 
ATOM   862  S  SG  . CYS A 1 111 ? -6.369  3.257   3.876   1.00 34.45  ? 111 CYS A SG  1 
ATOM   863  N  N   . LEU A 1 112 ? -4.885  2.582   7.274   1.00 39.28  ? 112 LEU A N   1 
ATOM   864  C  CA  . LEU A 1 112 ? -4.391  3.601   8.233   1.00 41.37  ? 112 LEU A CA  1 
ATOM   865  C  C   . LEU A 1 112 ? -5.242  4.878   8.129   1.00 41.37  ? 112 LEU A C   1 
ATOM   866  O  O   . LEU A 1 112 ? -5.445  5.522   9.156   1.00 46.62  ? 112 LEU A O   1 
ATOM   867  C  CB  . LEU A 1 112 ? -2.916  3.892   7.924   1.00 42.83  ? 112 LEU A CB  1 
ATOM   868  C  CG  . LEU A 1 112 ? -1.854  3.053   8.644   1.00 46.55  ? 112 LEU A CG  1 
ATOM   869  C  CD1 . LEU A 1 112 ? -2.410  1.755   9.191   1.00 46.55  ? 112 LEU A CD1 1 
ATOM   870  C  CD2 . LEU A 1 112 ? -0.676  2.773   7.714   1.00 48.71  ? 112 LEU A CD2 1 
ATOM   871  N  N   . SER A 1 113 ? -5.705  5.253   6.936   1.00 40.71  ? 113 SER A N   1 
ATOM   872  C  CA  . SER A 1 113 ? -6.421  6.532   6.712   1.00 41.95  ? 113 SER A CA  1 
ATOM   873  C  C   . SER A 1 113 ? -7.901  6.346   7.033   1.00 42.81  ? 113 SER A C   1 
ATOM   874  O  O   . SER A 1 113 ? -8.630  7.350   7.056   1.00 45.93  ? 113 SER A O   1 
ATOM   875  C  CB  . SER A 1 113 ? -6.214  7.042   5.313   1.00 40.55  ? 113 SER A CB  1 
ATOM   876  O  OG  . SER A 1 113 ? -4.848  7.360   5.093   1.00 32.90  ? 113 SER A OG  1 
ATOM   877  N  N   . VAL A 1 114 ? -8.318  5.109   7.291   1.00 43.40  ? 114 VAL A N   1 
ATOM   878  C  CA  . VAL A 1 114 ? -9.745  4.796   7.576   1.00 44.13  ? 114 VAL A CA  1 
ATOM   879  C  C   . VAL A 1 114 ? -9.898  4.305   9.016   1.00 42.63  ? 114 VAL A C   1 
ATOM   880  O  O   . VAL A 1 114 ? -9.481  3.169   9.317   1.00 39.43  ? 114 VAL A O   1 
ATOM   881  C  CB  . VAL A 1 114 ? -10.293 3.794   6.554   1.00 45.98  ? 114 VAL A CB  1 
ATOM   882  C  CG1 . VAL A 1 114 ? -11.760 3.483   6.813   1.00 47.74  ? 114 VAL A CG1 1 
ATOM   883  C  CG2 . VAL A 1 114 ? -10.100 4.323   5.141   1.00 45.50  ? 114 VAL A CG2 1 
ATOM   884  N  N   . ASP A 1 115 ? -10.513 5.141   9.855   1.00 44.26  ? 115 ASP A N   1 
ATOM   885  C  CA  . ASP A 1 115 ? -10.624 4.926   11.319  1.00 51.13  ? 115 ASP A CA  1 
ATOM   886  C  C   . ASP A 1 115 ? -11.583 3.764   11.572  1.00 50.17  ? 115 ASP A C   1 
ATOM   887  O  O   . ASP A 1 115 ? -11.250 2.911   12.418  1.00 50.74  ? 115 ASP A O   1 
ATOM   888  C  CB  . ASP A 1 115 ? -11.054 6.203   12.042  1.00 54.88  ? 115 ASP A CB  1 
ATOM   889  C  CG  . ASP A 1 115 ? -10.025 7.323   11.977  1.00 60.18  ? 115 ASP A CG  1 
ATOM   890  O  OD1 . ASP A 1 115 ? -8.837  7.035   11.685  1.00 59.41  ? 115 ASP A OD1 1 
ATOM   891  O  OD2 . ASP A 1 115 ? -10.419 8.482   12.222  1.00 66.94  ? 115 ASP A OD2 1 
ATOM   892  N  N   . ASP A 1 116 ? -12.697 3.720   10.845  1.00 50.11  ? 116 ASP A N   1 
ATOM   893  C  CA  . ASP A 1 116 ? -13.700 2.627   10.938  1.00 55.98  ? 116 ASP A CA  1 
ATOM   894  C  C   . ASP A 1 116 ? -13.299 1.468   10.018  1.00 57.93  ? 116 ASP A C   1 
ATOM   895  O  O   . ASP A 1 116 ? -12.568 1.699   9.053   1.00 64.98  ? 116 ASP A O   1 
ATOM   896  C  CB  . ASP A 1 116 ? -15.097 3.170   10.646  1.00 60.34  ? 116 ASP A CB  1 
ATOM   897  C  CG  . ASP A 1 116 ? -15.563 4.145   11.717  1.00 67.81  ? 116 ASP A CG  1 
ATOM   898  O  OD1 . ASP A 1 116 ? -15.250 3.903   12.899  1.00 73.13  ? 116 ASP A OD1 1 
ATOM   899  O  OD2 . ASP A 1 116 ? -16.213 5.156   11.366  1.00 80.41  ? 116 ASP A OD2 1 
ATOM   900  N  N   . ASN A 1 117 ? -13.735 0.250   10.343  1.00 55.54  ? 117 ASN A N   1 
ATOM   901  C  CA  . ASN A 1 117 ? -13.707 -0.908  9.415   1.00 53.30  ? 117 ASN A CA  1 
ATOM   902  C  C   . ASN A 1 117 ? -14.905 -0.835  8.465   1.00 57.15  ? 117 ASN A C   1 
ATOM   903  O  O   . ASN A 1 117 ? -15.978 -0.368  8.886   1.00 57.41  ? 117 ASN A O   1 
ATOM   904  C  CB  . ASN A 1 117 ? -13.702 -2.226  10.168  1.00 51.10  ? 117 ASN A CB  1 
ATOM   905  C  CG  . ASN A 1 117 ? -12.449 -2.371  10.995  1.00 52.39  ? 117 ASN A CG  1 
ATOM   906  O  OD1 . ASN A 1 117 ? -11.443 -1.740  10.704  1.00 63.04  ? 117 ASN A OD1 1 
ATOM   907  N  ND2 . ASN A 1 117 ? -12.504 -3.185  12.032  1.00 52.86  ? 117 ASN A ND2 1 
ATOM   908  N  N   . VAL A 1 118 ? -14.695 -1.227  7.206   1.00 57.51  ? 118 VAL A N   1 
ATOM   909  C  CA  . VAL A 1 118 ? -15.783 -1.450  6.210   1.00 53.80  ? 118 VAL A CA  1 
ATOM   910  C  C   . VAL A 1 118 ? -15.723 -2.927  5.838   1.00 51.83  ? 118 VAL A C   1 
ATOM   911  O  O   . VAL A 1 118 ? -14.639 -3.395  5.453   1.00 51.02  ? 118 VAL A O   1 
ATOM   912  C  CB  . VAL A 1 118 ? -15.657 -0.541  4.971   1.00 49.82  ? 118 VAL A CB  1 
ATOM   913  C  CG1 . VAL A 1 118 ? -16.928 -0.578  4.130   1.00 49.04  ? 118 VAL A CG1 1 
ATOM   914  C  CG2 . VAL A 1 118 ? -15.316 0.889   5.355   1.00 48.56  ? 118 VAL A CG2 1 
ATOM   915  N  N   . ALA A 1 119 ? -16.822 -3.649  6.019   1.00 50.09  ? 119 ALA A N   1 
ATOM   916  C  CA  . ALA A 1 119 ? -16.898 -5.078  5.658   1.00 49.65  ? 119 ALA A CA  1 
ATOM   917  C  C   . ALA A 1 119 ? -17.000 -5.177  4.138   1.00 46.84  ? 119 ALA A C   1 
ATOM   918  O  O   . ALA A 1 119 ? -17.583 -4.249  3.520   1.00 43.65  ? 119 ALA A O   1 
ATOM   919  C  CB  . ALA A 1 119 ? -18.065 -5.740  6.333   1.00 51.11  ? 119 ALA A CB  1 
ATOM   920  N  N   . GLY A 1 120 ? -16.463 -6.257  3.577   1.00 39.04  ? 120 GLY A N   1 
ATOM   921  C  CA  . GLY A 1 120 ? -16.576 -6.530  2.140   1.00 41.15  ? 120 GLY A CA  1 
ATOM   922  C  C   . GLY A 1 120 ? -15.264 -7.002  1.553   1.00 38.10  ? 120 GLY A C   1 
ATOM   923  O  O   . GLY A 1 120 ? -14.207 -6.483  1.950   1.00 36.50  ? 120 GLY A O   1 
ATOM   924  N  N   . LEU A 1 121 ? -15.347 -7.978  0.652   1.00 38.61  ? 121 LEU A N   1 
ATOM   925  C  CA  . LEU A 1 121 ? -14.189 -8.516  -0.104  1.00 37.34  ? 121 LEU A CA  1 
ATOM   926  C  C   . LEU A 1 121 ? -13.755 -7.494  -1.161  1.00 35.20  ? 121 LEU A C   1 
ATOM   927  O  O   . LEU A 1 121 ? -14.634 -6.828  -1.812  1.00 28.02  ? 121 LEU A O   1 
ATOM   928  C  CB  . LEU A 1 121 ? -14.595 -9.843  -0.745  1.00 40.01  ? 121 LEU A CB  1 
ATOM   929  C  CG  . LEU A 1 121 ? -15.015 -10.936 0.228   1.00 41.39  ? 121 LEU A CG  1 
ATOM   930  C  CD1 . LEU A 1 121 ? -15.396 -12.193 -0.537  1.00 44.05  ? 121 LEU A CD1 1 
ATOM   931  C  CD2 . LEU A 1 121 ? -13.908 -11.212 1.233   1.00 40.97  ? 121 LEU A CD2 1 
ATOM   932  N  N   . VAL A 1 122 ? -12.441 -7.337  -1.288  1.00 32.49  ? 122 VAL A N   1 
ATOM   933  C  CA  . VAL A 1 122 ? -11.804 -6.454  -2.304  1.00 31.13  ? 122 VAL A CA  1 
ATOM   934  C  C   . VAL A 1 122 ? -11.006 -7.376  -3.221  1.00 32.05  ? 122 VAL A C   1 
ATOM   935  O  O   . VAL A 1 122 ? -9.926  -7.854  -2.800  1.00 25.73  ? 122 VAL A O   1 
ATOM   936  C  CB  . VAL A 1 122 ? -10.954 -5.368  -1.633  1.00 31.55  ? 122 VAL A CB  1 
ATOM   937  C  CG1 . VAL A 1 122 ? -10.194 -4.513  -2.633  1.00 30.59  ? 122 VAL A CG1 1 
ATOM   938  C  CG2 . VAL A 1 122 ? -11.821 -4.502  -0.718  1.00 33.19  ? 122 VAL A CG2 1 
ATOM   939  N  N   . HIS A 1 123 ? -11.605 -7.679  -4.376  1.00 30.57  ? 123 HIS A N   1 
ATOM   940  C  CA  . HIS A 1 123 ? -11.027 -8.530  -5.449  1.00 31.26  ? 123 HIS A CA  1 
ATOM   941  C  C   . HIS A 1 123 ? -9.950  -7.725  -6.172  1.00 29.40  ? 123 HIS A C   1 
ATOM   942  O  O   . HIS A 1 123 ? -10.216 -6.592  -6.570  1.00 30.94  ? 123 HIS A O   1 
ATOM   943  C  CB  . HIS A 1 123 ? -12.115 -9.014  -6.402  1.00 30.26  ? 123 HIS A CB  1 
ATOM   944  C  CG  . HIS A 1 123 ? -13.082 -9.960  -5.778  1.00 33.99  ? 123 HIS A CG  1 
ATOM   945  N  ND1 . HIS A 1 123 ? -14.263 -9.532  -5.205  1.00 37.20  ? 123 HIS A ND1 1 
ATOM   946  C  CD2 . HIS A 1 123 ? -13.057 -11.304 -5.648  1.00 37.24  ? 123 HIS A CD2 1 
ATOM   947  C  CE1 . HIS A 1 123 ? -14.920 -10.578 -4.735  1.00 40.11  ? 123 HIS A CE1 1 
ATOM   948  N  NE2 . HIS A 1 123 ? -14.198 -11.679 -4.993  1.00 38.48  ? 123 HIS A NE2 1 
ATOM   949  N  N   . ARG A 1 124 ? -8.764  -8.285  -6.262  1.00 27.17  ? 124 ARG A N   1 
ATOM   950  C  CA  . ARG A 1 124 ? -7.614  -7.701  -6.976  1.00 27.70  ? 124 ARG A CA  1 
ATOM   951  C  C   . ARG A 1 124 ? -7.020  -8.796  -7.879  1.00 25.34  ? 124 ARG A C   1 
ATOM   952  O  O   . ARG A 1 124 ? -7.517  -9.925  -7.847  1.00 23.72  ? 124 ARG A O   1 
ATOM   953  C  CB  . ARG A 1 124 ? -6.616  -7.204  -5.920  1.00 32.61  ? 124 ARG A CB  1 
ATOM   954  C  CG  . ARG A 1 124 ? -7.215  -6.296  -4.849  1.00 32.36  ? 124 ARG A CG  1 
ATOM   955  C  CD  . ARG A 1 124 ? -6.126  -5.501  -4.168  1.00 33.99  ? 124 ARG A CD  1 
ATOM   956  N  NE  . ARG A 1 124 ? -6.599  -4.508  -3.206  1.00 37.18  ? 124 ARG A NE  1 
ATOM   957  C  CZ  . ARG A 1 124 ? -6.793  -3.205  -3.429  1.00 36.43  ? 124 ARG A CZ  1 
ATOM   958  N  NH1 . ARG A 1 124 ? -6.581  -2.677  -4.621  1.00 36.89  ? 124 ARG A NH1 1 
ATOM   959  N  NH2 . ARG A 1 124 ? -7.197  -2.418  -2.440  1.00 37.14  ? 124 ARG A NH2 1 
ATOM   960  N  N   . HIS A 1 125 ? -5.971  -8.504  -8.636  1.00 23.79  ? 125 HIS A N   1 
ATOM   961  C  CA  . HIS A 1 125 ? -5.238  -9.526  -9.436  1.00 22.85  ? 125 HIS A CA  1 
ATOM   962  C  C   . HIS A 1 125 ? -4.376  -10.375 -8.500  1.00 22.92  ? 125 HIS A C   1 
ATOM   963  O  O   . HIS A 1 125 ? -3.720  -9.815  -7.592  1.00 21.88  ? 125 HIS A O   1 
ATOM   964  C  CB  . HIS A 1 125 ? -4.433  -8.831  -10.527 1.00 21.66  ? 125 HIS A CB  1 
ATOM   965  C  CG  . HIS A 1 125 ? -5.310  -7.947  -11.338 1.00 22.41  ? 125 HIS A CG  1 
ATOM   966  N  ND1 . HIS A 1 125 ? -6.503  -8.404  -11.895 1.00 23.20  ? 125 HIS A ND1 1 
ATOM   967  C  CD2 . HIS A 1 125 ? -5.223  -6.634  -11.645 1.00 24.76  ? 125 HIS A CD2 1 
ATOM   968  C  CE1 . HIS A 1 125 ? -7.083  -7.415  -12.552 1.00 23.33  ? 125 HIS A CE1 1 
ATOM   969  N  NE2 . HIS A 1 125 ? -6.335  -6.315  -12.402 1.00 24.82  ? 125 HIS A NE2 1 
ATOM   970  N  N   . ASN A 1 126 ? -4.399  -11.684 -8.705  1.00 24.47  ? 126 ASN A N   1 
ATOM   971  C  CA  . ASN A 1 126 ? -3.580  -12.646 -7.927  1.00 25.21  ? 126 ASN A CA  1 
ATOM   972  C  C   . ASN A 1 126 ? -2.103  -12.433 -8.235  1.00 26.92  ? 126 ASN A C   1 
ATOM   973  O  O   . ASN A 1 126 ? -1.269  -12.570 -7.292  1.00 27.98  ? 126 ASN A O   1 
ATOM   974  C  CB  . ASN A 1 126 ? -3.993  -14.086 -8.208  1.00 27.30  ? 126 ASN A CB  1 
ATOM   975  C  CG  . ASN A 1 126 ? -3.349  -15.039 -7.232  1.00 26.31  ? 126 ASN A CG  1 
ATOM   976  O  OD1 . ASN A 1 126 ? -3.277  -14.752 -6.050  1.00 25.85  ? 126 ASN A OD1 1 
ATOM   977  N  ND2 . ASN A 1 126 ? -2.837  -16.143 -7.728  1.00 28.11  ? 126 ASN A ND2 1 
ATOM   978  N  N   . ARG A 1 127 ? -1.787  -12.103 -9.496  1.00 29.81  ? 127 ARG A N   1 
ATOM   979  C  CA  . ARG A 1 127 ? -0.385  -11.924 -9.984  1.00 30.55  ? 127 ARG A CA  1 
ATOM   980  C  C   . ARG A 1 127 ? -0.230  -10.616 -10.757 1.00 28.39  ? 127 ARG A C   1 
ATOM   981  O  O   . ARG A 1 127 ? -1.127  -10.251 -11.609 1.00 29.88  ? 127 ARG A O   1 
ATOM   982  C  CB  . ARG A 1 127 ? 0.053   -13.065 -10.898 1.00 33.85  ? 127 ARG A CB  1 
ATOM   983  C  CG  . ARG A 1 127 ? 0.191   -14.384 -10.160 1.00 38.67  ? 127 ARG A CG  1 
ATOM   984  C  CD  . ARG A 1 127 ? 0.928   -15.393 -11.014 1.00 43.62  ? 127 ARG A CD  1 
ATOM   985  N  NE  . ARG A 1 127 ? 0.319   -16.692 -10.800 1.00 52.34  ? 127 ARG A NE  1 
ATOM   986  C  CZ  . ARG A 1 127 ? 0.920   -17.759 -10.273 1.00 61.87  ? 127 ARG A CZ  1 
ATOM   987  N  NH1 . ARG A 1 127 ? 2.197   -17.729 -9.929  1.00 62.26  ? 127 ARG A NH1 1 
ATOM   988  N  NH2 . ARG A 1 127 ? 0.231   -18.874 -10.104 1.00 66.23  ? 127 ARG A NH2 1 
ATOM   989  N  N   . ILE A 1 128 ? 0.863   -9.922  -10.459 1.00 24.55  ? 128 ILE A N   1 
ATOM   990  C  CA  . ILE A 1 128 ? 1.175   -8.624  -11.096 1.00 22.91  ? 128 ILE A CA  1 
ATOM   991  C  C   . ILE A 1 128 ? 2.674   -8.571  -11.353 1.00 21.08  ? 128 ILE A C   1 
ATOM   992  O  O   . ILE A 1 128 ? 3.455   -9.121  -10.531 1.00 17.64  ? 128 ILE A O   1 
ATOM   993  C  CB  . ILE A 1 128 ? 0.733   -7.456  -10.184 1.00 25.04  ? 128 ILE A CB  1 
ATOM   994  C  CG1 . ILE A 1 128 ? 1.541   -7.399  -8.888  1.00 25.14  ? 128 ILE A CG1 1 
ATOM   995  C  CG2 . ILE A 1 128 ? -0.764  -7.485  -9.891  1.00 24.94  ? 128 ILE A CG2 1 
ATOM   996  C  CD1 . ILE A 1 128 ? 1.163   -6.225  -7.992  1.00 27.60  ? 128 ILE A CD1 1 
ATOM   997  N  N   . THR A 1 129 ? 3.027   -7.773  -12.352 1.00 20.66  ? 129 THR A N   1 
ATOM   998  C  CA  . THR A 1 129 ? 4.401   -7.305  -12.621 1.00 21.48  ? 129 THR A CA  1 
ATOM   999  C  C   . THR A 1 129 ? 4.407   -5.804  -12.451 1.00 20.73  ? 129 THR A C   1 
ATOM   1000 O  O   . THR A 1 129 ? 3.506   -5.122  -13.015 1.00 21.45  ? 129 THR A O   1 
ATOM   1001 C  CB  . THR A 1 129 ? 4.897   -7.736  -14.006 1.00 21.66  ? 129 THR A CB  1 
ATOM   1002 O  OG1 . THR A 1 129 ? 4.930   -9.164  -13.984 1.00 21.34  ? 129 THR A OG1 1 
ATOM   1003 C  CG2 . THR A 1 129 ? 6.286   -7.237  -14.324 1.00 21.44  ? 129 THR A CG2 1 
ATOM   1004 N  N   . ILE A 1 130 ? 5.384   -5.323  -11.694 1.00 22.41  ? 130 ILE A N   1 
ATOM   1005 C  CA  . ILE A 1 130 ? 5.550   -3.868  -11.427 1.00 24.25  ? 130 ILE A CA  1 
ATOM   1006 C  C   . ILE A 1 130 ? 6.918   -3.439  -11.920 1.00 24.47  ? 130 ILE A C   1 
ATOM   1007 O  O   . ILE A 1 130 ? 7.897   -4.193  -11.689 1.00 23.25  ? 130 ILE A O   1 
ATOM   1008 C  CB  . ILE A 1 130 ? 5.336   -3.527  -9.949  1.00 25.94  ? 130 ILE A CB  1 
ATOM   1009 C  CG1 . ILE A 1 130 ? 3.850   -3.572  -9.596  1.00 26.58  ? 130 ILE A CG1 1 
ATOM   1010 C  CG2 . ILE A 1 130 ? 5.934   -2.175  -9.605  1.00 28.18  ? 130 ILE A CG2 1 
ATOM   1011 C  CD1 . ILE A 1 130 ? 3.579   -3.656  -8.112  1.00 26.63  ? 130 ILE A CD1 1 
ATOM   1012 N  N   . LYS A 1 131 ? 6.928   -2.303  -12.623 1.00 26.09  ? 131 LYS A N   1 
ATOM   1013 C  CA  . LYS A 1 131 ? 8.145   -1.513  -12.920 1.00 27.35  ? 131 LYS A CA  1 
ATOM   1014 C  C   . LYS A 1 131 ? 8.073   -0.258  -12.062 1.00 27.64  ? 131 LYS A C   1 
ATOM   1015 O  O   . LYS A 1 131 ? 6.955   0.355   -11.933 1.00 26.21  ? 131 LYS A O   1 
ATOM   1016 C  CB  . LYS A 1 131 ? 8.288   -1.214  -14.409 1.00 31.83  ? 131 LYS A CB  1 
ATOM   1017 C  CG  . LYS A 1 131 ? 8.882   -2.340  -15.254 1.00 36.21  ? 131 LYS A CG  1 
ATOM   1018 C  CD  . LYS A 1 131 ? 9.053   -1.925  -16.717 1.00 40.23  ? 131 LYS A CD  1 
ATOM   1019 C  CE  . LYS A 1 131 ? 8.907   -3.051  -17.722 1.00 44.22  ? 131 LYS A CE  1 
ATOM   1020 N  NZ  . LYS A 1 131 ? 10.218  -3.623  -18.115 1.00 48.10  ? 131 LYS A NZ  1 
ATOM   1021 N  N   . ALA A 1 132 ? 9.201   0.023   -11.404 1.00 27.67  ? 132 ALA A N   1 
ATOM   1022 C  CA  . ALA A 1 132 ? 9.411   1.222   -10.574 1.00 28.78  ? 132 ALA A CA  1 
ATOM   1023 C  C   . ALA A 1 132 ? 10.870  1.662   -10.625 1.00 27.12  ? 132 ALA A C   1 
ATOM   1024 O  O   . ALA A 1 132 ? 11.711  1.009   -11.255 1.00 23.59  ? 132 ALA A O   1 
ATOM   1025 C  CB  . ALA A 1 132 ? 9.004   0.935   -9.160  1.00 29.85  ? 132 ALA A CB  1 
ATOM   1026 N  N   . LYS A 1 133 ? 11.127  2.777   -9.965  1.00 28.79  ? 133 LYS A N   1 
ATOM   1027 C  CA  . LYS A 1 133 ? 12.485  3.272   -9.672  1.00 30.18  ? 133 LYS A CA  1 
ATOM   1028 C  C   . LYS A 1 133 ? 12.716  3.069   -8.188  1.00 27.14  ? 133 LYS A C   1 
ATOM   1029 O  O   . LYS A 1 133 ? 11.721  3.099   -7.435  1.00 24.26  ? 133 LYS A O   1 
ATOM   1030 C  CB  . LYS A 1 133 ? 12.557  4.720   -10.135 1.00 35.20  ? 133 LYS A CB  1 
ATOM   1031 C  CG  . LYS A 1 133 ? 12.633  4.852   -11.646 1.00 38.47  ? 133 LYS A CG  1 
ATOM   1032 C  CD  . LYS A 1 133 ? 13.991  4.462   -12.155 1.00 45.67  ? 133 LYS A CD  1 
ATOM   1033 C  CE  . LYS A 1 133 ? 14.301  5.039   -13.518 1.00 49.15  ? 133 LYS A CE  1 
ATOM   1034 N  NZ  . LYS A 1 133 ? 13.742  4.182   -14.590 1.00 52.04  ? 133 LYS A NZ  1 
ATOM   1035 N  N   . ASP A 1 134 ? 13.960  2.834   -7.784  1.00 27.72  ? 134 ASP A N   1 
ATOM   1036 C  CA  . ASP A 1 134 ? 14.315  2.884   -6.340  1.00 27.32  ? 134 ASP A CA  1 
ATOM   1037 C  C   . ASP A 1 134 ? 14.717  4.317   -5.979  1.00 27.41  ? 134 ASP A C   1 
ATOM   1038 O  O   . ASP A 1 134 ? 14.844  5.142   -6.891  1.00 30.20  ? 134 ASP A O   1 
ATOM   1039 C  CB  . ASP A 1 134 ? 15.352  1.829   -5.957  1.00 27.01  ? 134 ASP A CB  1 
ATOM   1040 C  CG  . ASP A 1 134 ? 16.778  2.079   -6.406  1.00 26.49  ? 134 ASP A CG  1 
ATOM   1041 O  OD1 . ASP A 1 134 ? 17.044  3.170   -6.932  1.00 25.93  ? 134 ASP A OD1 1 
ATOM   1042 O  OD2 . ASP A 1 134 ? 17.631  1.166   -6.186  1.00 29.49  ? 134 ASP A OD2 1 
ATOM   1043 N  N   . ILE A 1 135 ? 14.909  4.564   -4.688  1.00 31.55  ? 135 ILE A N   1 
ATOM   1044 C  CA  . ILE A 1 135 ? 15.258  5.868   -4.044  1.00 35.74  ? 135 ILE A CA  1 
ATOM   1045 C  C   . ILE A 1 135 ? 16.460  6.528   -4.740  1.00 36.19  ? 135 ILE A C   1 
ATOM   1046 O  O   . ILE A 1 135 ? 16.547  7.779   -4.689  1.00 35.55  ? 135 ILE A O   1 
ATOM   1047 C  CB  . ILE A 1 135 ? 15.508  5.629   -2.537  1.00 38.65  ? 135 ILE A CB  1 
ATOM   1048 C  CG1 . ILE A 1 135 ? 15.434  6.932   -1.745  1.00 44.27  ? 135 ILE A CG1 1 
ATOM   1049 C  CG2 . ILE A 1 135 ? 16.817  4.888   -2.272  1.00 35.27  ? 135 ILE A CG2 1 
ATOM   1050 C  CD1 . ILE A 1 135 ? 14.981  6.735   -0.328  1.00 41.79  ? 135 ILE A CD1 1 
ATOM   1051 N  N   . GLU A 1 136 ? 17.348  5.731   -5.358  1.00 34.10  ? 136 GLU A N   1 
ATOM   1052 C  CA  . GLU A 1 136 ? 18.557  6.234   -6.065  1.00 35.56  ? 136 GLU A CA  1 
ATOM   1053 C  C   . GLU A 1 136 ? 18.316  6.323   -7.569  1.00 34.91  ? 136 GLU A C   1 
ATOM   1054 O  O   . GLU A 1 136 ? 19.294  6.539   -8.285  1.00 38.77  ? 136 GLU A O   1 
ATOM   1055 C  CB  . GLU A 1 136 ? 19.784  5.360   -5.765  1.00 40.48  ? 136 GLU A CB  1 
ATOM   1056 C  CG  . GLU A 1 136 ? 20.401  5.637   -4.390  1.00 42.86  ? 136 GLU A CG  1 
ATOM   1057 C  CD  . GLU A 1 136 ? 20.539  7.118   -4.044  1.00 47.09  ? 136 GLU A CD  1 
ATOM   1058 O  OE1 . GLU A 1 136 ? 21.139  7.871   -4.865  1.00 46.52  ? 136 GLU A OE1 1 
ATOM   1059 O  OE2 . GLU A 1 136 ? 20.005  7.540   -2.988  1.00 46.50  ? 136 GLU A OE2 1 
ATOM   1060 N  N   . GLY A 1 137 ? 17.076  6.173   -8.039  1.00 33.64  ? 137 GLY A N   1 
ATOM   1061 C  CA  . GLY A 1 137 ? 16.741  6.175   -9.479  1.00 32.31  ? 137 GLY A CA  1 
ATOM   1062 C  C   . GLY A 1 137 ? 17.178  4.925   -10.258 1.00 30.39  ? 137 GLY A C   1 
ATOM   1063 O  O   . GLY A 1 137 ? 17.156  4.975   -11.501 1.00 27.60  ? 137 GLY A O   1 
ATOM   1064 N  N   . ASN A 1 138 ? 17.508  3.815   -9.602  1.00 26.26  ? 138 ASN A N   1 
ATOM   1065 C  CA  . ASN A 1 138 ? 17.761  2.544   -10.336 1.00 26.77  ? 138 ASN A CA  1 
ATOM   1066 C  C   . ASN A 1 138 ? 16.445  1.816   -10.589 1.00 25.08  ? 138 ASN A C   1 
ATOM   1067 O  O   . ASN A 1 138 ? 15.415  2.203   -10.006 1.00 26.44  ? 138 ASN A O   1 
ATOM   1068 C  CB  . ASN A 1 138 ? 18.789  1.695   -9.615  1.00 25.73  ? 138 ASN A CB  1 
ATOM   1069 C  CG  . ASN A 1 138 ? 20.048  2.507   -9.468  1.00 26.89  ? 138 ASN A CG  1 
ATOM   1070 O  OD1 . ASN A 1 138 ? 20.675  2.898   -10.462 1.00 25.16  ? 138 ASN A OD1 1 
ATOM   1071 N  ND2 . ASN A 1 138 ? 20.361  2.821   -8.230  1.00 30.93  ? 138 ASN A ND2 1 
ATOM   1072 N  N   . ASP A 1 139 ? 16.482  0.849   -11.495 1.00 29.65  ? 139 ASP A N   1 
ATOM   1073 C  CA  . ASP A 1 139 ? 15.274  0.189   -12.065 1.00 32.31  ? 139 ASP A CA  1 
ATOM   1074 C  C   . ASP A 1 139 ? 14.999  -1.064  -11.255 1.00 31.34  ? 139 ASP A C   1 
ATOM   1075 O  O   . ASP A 1 139 ? 15.973  -1.734  -10.821 1.00 30.26  ? 139 ASP A O   1 
ATOM   1076 C  CB  . ASP A 1 139 ? 15.447  -0.212  -13.525 1.00 36.38  ? 139 ASP A CB  1 
ATOM   1077 C  CG  . ASP A 1 139 ? 15.969  0.907   -14.407 1.00 39.12  ? 139 ASP A CG  1 
ATOM   1078 O  OD1 . ASP A 1 139 ? 15.484  2.052   -14.244 1.00 37.79  ? 139 ASP A OD1 1 
ATOM   1079 O  OD2 . ASP A 1 139 ? 16.894  0.626   -15.222 1.00 42.62  ? 139 ASP A OD2 1 
ATOM   1080 N  N   . ILE A 1 140 ? 13.717  -1.296  -11.014 1.00 31.12  ? 140 ILE A N   1 
ATOM   1081 C  CA  . ILE A 1 140 ? 13.194  -2.450  -10.244 1.00 33.40  ? 140 ILE A CA  1 
ATOM   1082 C  C   . ILE A 1 140 ? 12.045  -3.011  -11.058 1.00 30.77  ? 140 ILE A C   1 
ATOM   1083 O  O   . ILE A 1 140 ? 11.122  -2.215  -11.430 1.00 29.65  ? 140 ILE A O   1 
ATOM   1084 C  CB  . ILE A 1 140 ? 12.695  -2.074  -8.832  1.00 38.31  ? 140 ILE A CB  1 
ATOM   1085 C  CG1 . ILE A 1 140 ? 13.617  -1.103  -8.090  1.00 44.74  ? 140 ILE A CG1 1 
ATOM   1086 C  CG2 . ILE A 1 140 ? 12.469  -3.341  -8.024  1.00 39.67  ? 140 ILE A CG2 1 
ATOM   1087 C  CD1 . ILE A 1 140 ? 14.944  -1.694  -7.622  1.00 43.10  ? 140 ILE A CD1 1 
ATOM   1088 N  N   . GLN A 1 141 ? 12.085  -4.314  -11.294 1.00 28.66  ? 141 GLN A N   1 
ATOM   1089 C  CA  . GLN A 1 141 ? 10.880  -5.044  -11.737 1.00 30.09  ? 141 GLN A CA  1 
ATOM   1090 C  C   . GLN A 1 141 ? 10.547  -6.138  -10.724 1.00 29.26  ? 141 GLN A C   1 
ATOM   1091 O  O   . GLN A 1 141 ? 11.383  -7.014  -10.479 1.00 31.46  ? 141 GLN A O   1 
ATOM   1092 C  CB  . GLN A 1 141 ? 11.064  -5.581  -13.141 1.00 31.07  ? 141 GLN A CB  1 
ATOM   1093 C  CG  . GLN A 1 141 ? 9.743   -5.959  -13.794 1.00 33.97  ? 141 GLN A CG  1 
ATOM   1094 C  CD  . GLN A 1 141 ? 9.996   -6.555  -15.155 1.00 37.65  ? 141 GLN A CD  1 
ATOM   1095 O  OE1 . GLN A 1 141 ? 10.875  -7.406  -15.335 1.00 38.01  ? 141 GLN A OE1 1 
ATOM   1096 N  NE2 . GLN A 1 141 ? 9.268   -6.050  -16.134 1.00 37.40  ? 141 GLN A NE2 1 
ATOM   1097 N  N   . LEU A 1 142 ? 9.331   -6.075  -10.199 1.00 27.36  ? 142 LEU A N   1 
ATOM   1098 C  CA  . LEU A 1 142 ? 8.798   -6.997  -9.178  1.00 25.93  ? 142 LEU A CA  1 
ATOM   1099 C  C   . LEU A 1 142 ? 7.803   -7.936  -9.858  1.00 25.40  ? 142 LEU A C   1 
ATOM   1100 O  O   . LEU A 1 142 ? 6.909   -7.449  -10.574 1.00 21.19  ? 142 LEU A O   1 
ATOM   1101 C  CB  . LEU A 1 142 ? 8.075   -6.182  -8.096  1.00 29.22  ? 142 LEU A CB  1 
ATOM   1102 C  CG  . LEU A 1 142 ? 8.854   -5.095  -7.346  1.00 32.47  ? 142 LEU A CG  1 
ATOM   1103 C  CD1 . LEU A 1 142 ? 8.200   -4.804  -5.998  1.00 34.10  ? 142 LEU A CD1 1 
ATOM   1104 C  CD2 . LEU A 1 142 ? 10.281  -5.526  -7.073  1.00 36.50  ? 142 LEU A CD2 1 
ATOM   1105 N  N   . ARG A 1 143 ? 7.920   -9.227  -9.587  1.00 24.89  ? 143 ARG A N   1 
ATOM   1106 C  CA  . ARG A 1 143 ? 6.901   -10.238 -9.949  1.00 27.28  ? 143 ARG A CA  1 
ATOM   1107 C  C   . ARG A 1 143 ? 6.305   -10.709 -8.636  1.00 25.59  ? 143 ARG A C   1 
ATOM   1108 O  O   . ARG A 1 143 ? 7.071   -11.229 -7.822  1.00 27.55  ? 143 ARG A O   1 
ATOM   1109 C  CB  . ARG A 1 143 ? 7.562   -11.379 -10.729 1.00 27.68  ? 143 ARG A CB  1 
ATOM   1110 C  CG  . ARG A 1 143 ? 7.876   -11.028 -12.180 1.00 29.86  ? 143 ARG A CG  1 
ATOM   1111 C  CD  . ARG A 1 143 ? 8.735   -12.093 -12.855 1.00 32.00  ? 143 ARG A CD  1 
ATOM   1112 N  NE  . ARG A 1 143 ? 10.022  -12.078 -12.185 1.00 33.22  ? 143 ARG A NE  1 
ATOM   1113 C  CZ  . ARG A 1 143 ? 11.023  -11.262 -12.487 1.00 34.90  ? 143 ARG A CZ  1 
ATOM   1114 N  NH1 . ARG A 1 143 ? 10.933  -10.434 -13.516 1.00 35.79  ? 143 ARG A NH1 1 
ATOM   1115 N  NH2 . ARG A 1 143 ? 12.138  -11.312 -11.777 1.00 38.44  ? 143 ARG A NH2 1 
ATOM   1116 N  N   . LEU A 1 144 ? 5.032   -10.440 -8.404  1.00 23.82  ? 144 LEU A N   1 
ATOM   1117 C  CA  . LEU A 1 144 ? 4.404   -10.590 -7.068  1.00 24.98  ? 144 LEU A CA  1 
ATOM   1118 C  C   . LEU A 1 144 ? 3.174   -11.459 -7.222  1.00 24.99  ? 144 LEU A C   1 
ATOM   1119 O  O   . LEU A 1 144 ? 2.457   -11.254 -8.210  1.00 22.44  ? 144 LEU A O   1 
ATOM   1120 C  CB  . LEU A 1 144 ? 3.949   -9.231  -6.530  1.00 25.09  ? 144 LEU A CB  1 
ATOM   1121 C  CG  . LEU A 1 144 ? 5.051   -8.211  -6.286  1.00 29.87  ? 144 LEU A CG  1 
ATOM   1122 C  CD1 . LEU A 1 144 ? 4.444   -6.861  -5.944  1.00 32.34  ? 144 LEU A CD1 1 
ATOM   1123 C  CD2 . LEU A 1 144 ? 5.998   -8.656  -5.181  1.00 29.60  ? 144 LEU A CD2 1 
ATOM   1124 N  N   . LYS A 1 145 ? 2.898   -12.316 -6.237  1.00 27.89  ? 145 LYS A N   1 
ATOM   1125 C  CA  . LYS A 1 145 ? 1.626   -13.062 -6.220  1.00 30.54  ? 145 LYS A CA  1 
ATOM   1126 C  C   . LYS A 1 145 ? 1.065   -13.125 -4.805  1.00 29.89  ? 145 LYS A C   1 
ATOM   1127 O  O   . LYS A 1 145 ? 1.828   -13.126 -3.845  1.00 31.46  ? 145 LYS A O   1 
ATOM   1128 C  CB  . LYS A 1 145 ? 1.836   -14.411 -6.894  1.00 32.60  ? 145 LYS A CB  1 
ATOM   1129 C  CG  . LYS A 1 145 ? 2.015   -15.618 -6.013  1.00 36.91  ? 145 LYS A CG  1 
ATOM   1130 C  CD  . LYS A 1 145 ? 1.245   -16.794 -6.586  1.00 43.51  ? 145 LYS A CD  1 
ATOM   1131 C  CE  . LYS A 1 145 ? 1.440   -18.066 -5.795  1.00 48.98  ? 145 LYS A CE  1 
ATOM   1132 N  NZ  . LYS A 1 145 ? 2.882   -18.287 -5.518  1.00 50.48  ? 145 LYS A NZ  1 
ATOM   1133 N  N   . GLY A 1 146 ? -0.249  -13.208 -4.706  1.00 29.69  ? 146 GLY A N   1 
ATOM   1134 C  CA  . GLY A 1 146 ? -0.947  -13.433 -3.431  1.00 32.40  ? 146 GLY A CA  1 
ATOM   1135 C  C   . GLY A 1 146 ? -0.904  -12.211 -2.527  1.00 33.73  ? 146 GLY A C   1 
ATOM   1136 O  O   . GLY A 1 146 ? -1.298  -11.109 -2.978  1.00 32.72  ? 146 GLY A O   1 
ATOM   1137 N  N   . TYR A 1 147 ? -0.487  -12.409 -1.274  1.00 32.44  ? 147 TYR A N   1 
ATOM   1138 C  CA  . TYR A 1 147 ? -0.573  -11.379 -0.213  1.00 32.22  ? 147 TYR A CA  1 
ATOM   1139 C  C   . TYR A 1 147 ? 0.204   -10.142 -0.673  1.00 30.13  ? 147 TYR A C   1 
ATOM   1140 O  O   . TYR A 1 147 ? -0.339  -9.047  -0.656  1.00 28.53  ? 147 TYR A O   1 
ATOM   1141 C  CB  . TYR A 1 147 ? -0.142  -11.942 1.150   1.00 30.15  ? 147 TYR A CB  1 
ATOM   1142 C  CG  . TYR A 1 147 ? -0.332  -10.935 2.258   1.00 28.32  ? 147 TYR A CG  1 
ATOM   1143 C  CD1 . TYR A 1 147 ? -1.599  -10.538 2.650   1.00 27.75  ? 147 TYR A CD1 1 
ATOM   1144 C  CD2 . TYR A 1 147 ? 0.750   -10.299 2.833   1.00 27.03  ? 147 TYR A CD2 1 
ATOM   1145 C  CE1 . TYR A 1 147 ? -1.776  -9.559  3.607   1.00 26.98  ? 147 TYR A CE1 1 
ATOM   1146 C  CE2 . TYR A 1 147 ? 0.588   -9.304  3.777   1.00 25.94  ? 147 TYR A CE2 1 
ATOM   1147 C  CZ  . TYR A 1 147 ? -0.678  -8.935  4.170   1.00 26.99  ? 147 TYR A CZ  1 
ATOM   1148 O  OH  . TYR A 1 147 ? -0.832  -7.994  5.150   1.00 30.85  ? 147 TYR A OH  1 
ATOM   1149 N  N   . PRO A 1 148 ? 1.479   -10.264 -1.106  1.00 27.24  ? 148 PRO A N   1 
ATOM   1150 C  CA  . PRO A 1 148 ? 2.245   -9.106  -1.576  1.00 27.40  ? 148 PRO A CA  1 
ATOM   1151 C  C   . PRO A 1 148 ? 1.624   -8.383  -2.782  1.00 25.38  ? 148 PRO A C   1 
ATOM   1152 O  O   . PRO A 1 148 ? 1.609   -7.200  -2.814  1.00 26.80  ? 148 PRO A O   1 
ATOM   1153 C  CB  . PRO A 1 148 ? 3.641   -9.670  -1.865  1.00 27.52  ? 148 PRO A CB  1 
ATOM   1154 C  CG  . PRO A 1 148 ? 3.413   -11.145 -2.031  1.00 28.81  ? 148 PRO A CG  1 
ATOM   1155 C  CD  . PRO A 1 148 ? 2.295   -11.476 -1.061  1.00 28.01  ? 148 PRO A CD  1 
ATOM   1156 N  N   . ALA A 1 149 ? 1.073   -9.100  -3.740  1.00 25.39  ? 149 ALA A N   1 
ATOM   1157 C  CA  . ALA A 1 149 ? 0.393   -8.465  -4.879  1.00 26.48  ? 149 ALA A CA  1 
ATOM   1158 C  C   . ALA A 1 149 ? -0.739  -7.574  -4.345  1.00 25.55  ? 149 ALA A C   1 
ATOM   1159 O  O   . ALA A 1 149 ? -0.853  -6.415  -4.776  1.00 24.85  ? 149 ALA A O   1 
ATOM   1160 C  CB  . ALA A 1 149 ? -0.084  -9.532  -5.825  1.00 27.71  ? 149 ALA A CB  1 
ATOM   1161 N  N   . ILE A 1 150 ? -1.531  -8.091  -3.410  1.00 26.49  ? 150 ILE A N   1 
ATOM   1162 C  CA  . ILE A 1 150 ? -2.713  -7.381  -2.834  1.00 26.93  ? 150 ILE A CA  1 
ATOM   1163 C  C   . ILE A 1 150 ? -2.236  -6.097  -2.162  1.00 26.81  ? 150 ILE A C   1 
ATOM   1164 O  O   . ILE A 1 150 ? -2.836  -5.064  -2.420  1.00 24.92  ? 150 ILE A O   1 
ATOM   1165 C  CB  . ILE A 1 150 ? -3.483  -8.306  -1.880  1.00 28.81  ? 150 ILE A CB  1 
ATOM   1166 C  CG1 . ILE A 1 150 ? -4.199  -9.388  -2.689  1.00 30.90  ? 150 ILE A CG1 1 
ATOM   1167 C  CG2 . ILE A 1 150 ? -4.450  -7.512  -1.007  1.00 31.49  ? 150 ILE A CG2 1 
ATOM   1168 C  CD1 . ILE A 1 150 ? -5.140  -10.256 -1.890  1.00 32.30  ? 150 ILE A CD1 1 
ATOM   1169 N  N   . VAL A 1 151 ? -1.142  -6.171  -1.395  1.00 25.24  ? 151 VAL A N   1 
ATOM   1170 C  CA  . VAL A 1 151 ? -0.608  -5.017  -0.641  1.00 26.10  ? 151 VAL A CA  1 
ATOM   1171 C  C   . VAL A 1 151 ? -0.197  -3.940  -1.640  1.00 27.70  ? 151 VAL A C   1 
ATOM   1172 O  O   . VAL A 1 151 ? -0.686  -2.798  -1.492  1.00 25.88  ? 151 VAL A O   1 
ATOM   1173 C  CB  . VAL A 1 151 ? 0.540   -5.401  0.314   1.00 27.81  ? 151 VAL A CB  1 
ATOM   1174 C  CG1 . VAL A 1 151 ? 1.197   -4.173  0.947   1.00 26.76  ? 151 VAL A CG1 1 
ATOM   1175 C  CG2 . VAL A 1 151 ? 0.043   -6.325  1.407   1.00 27.52  ? 151 VAL A CG2 1 
ATOM   1176 N  N   . PHE A 1 152 ? 0.675   -4.277  -2.595  1.00 25.69  ? 152 PHE A N   1 
ATOM   1177 C  CA  . PHE A 1 152 ? 1.165   -3.308  -3.595  1.00 24.21  ? 152 PHE A CA  1 
ATOM   1178 C  C   . PHE A 1 152 ? -0.035  -2.709  -4.366  1.00 24.94  ? 152 PHE A C   1 
ATOM   1179 O  O   . PHE A 1 152 ? -0.041  -1.500  -4.622  1.00 24.62  ? 152 PHE A O   1 
ATOM   1180 C  CB  . PHE A 1 152 ? 2.193   -3.980  -4.491  1.00 23.83  ? 152 PHE A CB  1 
ATOM   1181 C  CG  . PHE A 1 152 ? 3.590   -4.040  -3.933  1.00 25.16  ? 152 PHE A CG  1 
ATOM   1182 C  CD1 . PHE A 1 152 ? 4.009   -5.105  -3.160  1.00 25.81  ? 152 PHE A CD1 1 
ATOM   1183 C  CD2 . PHE A 1 152 ? 4.509   -3.028  -4.194  1.00 26.06  ? 152 PHE A CD2 1 
ATOM   1184 C  CE1 . PHE A 1 152 ? 5.296   -5.147  -2.631  1.00 27.77  ? 152 PHE A CE1 1 
ATOM   1185 C  CE2 . PHE A 1 152 ? 5.801   -3.087  -3.692  1.00 25.33  ? 152 PHE A CE2 1 
ATOM   1186 C  CZ  . PHE A 1 152 ? 6.201   -4.145  -2.919  1.00 26.89  ? 152 PHE A CZ  1 
ATOM   1187 N  N   . GLN A 1 153 ? -1.010  -3.510  -4.784  1.00 22.72  ? 153 GLN A N   1 
ATOM   1188 C  CA  . GLN A 1 153 ? -2.158  -2.957  -5.550  1.00 24.14  ? 153 GLN A CA  1 
ATOM   1189 C  C   . GLN A 1 153 ? -2.897  -1.924  -4.681  1.00 26.54  ? 153 GLN A C   1 
ATOM   1190 O  O   . GLN A 1 153 ? -3.319  -0.888  -5.217  1.00 30.66  ? 153 GLN A O   1 
ATOM   1191 C  CB  . GLN A 1 153 ? -3.088  -4.072  -6.015  1.00 23.75  ? 153 GLN A CB  1 
ATOM   1192 C  CG  . GLN A 1 153 ? -2.500  -4.884  -7.158  1.00 24.46  ? 153 GLN A CG  1 
ATOM   1193 C  CD  . GLN A 1 153 ? -3.293  -6.130  -7.469  1.00 25.63  ? 153 GLN A CD  1 
ATOM   1194 O  OE1 . GLN A 1 153 ? -4.297  -6.076  -8.184  1.00 24.14  ? 153 GLN A OE1 1 
ATOM   1195 N  NE2 . GLN A 1 153 ? -2.870  -7.259  -6.901  1.00 24.71  ? 153 GLN A NE2 1 
ATOM   1196 N  N   . HIS A 1 154 ? -3.010  -2.192  -3.387  1.00 26.75  ? 154 HIS A N   1 
ATOM   1197 C  CA  . HIS A 1 154 ? -3.641  -1.303  -2.381  1.00 29.58  ? 154 HIS A CA  1 
ATOM   1198 C  C   . HIS A 1 154 ? -2.872  0.029   -2.360  1.00 30.05  ? 154 HIS A C   1 
ATOM   1199 O  O   . HIS A 1 154 ? -3.504  1.101   -2.476  1.00 31.56  ? 154 HIS A O   1 
ATOM   1200 C  CB  . HIS A 1 154 ? -3.739  -2.054  -1.039  1.00 28.68  ? 154 HIS A CB  1 
ATOM   1201 C  CG  . HIS A 1 154 ? -4.320  -1.268  0.084   1.00 31.66  ? 154 HIS A CG  1 
ATOM   1202 N  ND1 . HIS A 1 154 ? -5.534  -1.589  0.666   1.00 32.55  ? 154 HIS A ND1 1 
ATOM   1203 C  CD2 . HIS A 1 154 ? -3.857  -0.188  0.751   1.00 36.18  ? 154 HIS A CD2 1 
ATOM   1204 C  CE1 . HIS A 1 154 ? -5.808  -0.727  1.618   1.00 33.36  ? 154 HIS A CE1 1 
ATOM   1205 N  NE2 . HIS A 1 154 ? -4.783  0.131   1.712   1.00 35.34  ? 154 HIS A NE2 1 
ATOM   1206 N  N   . GLU A 1 155 ? -1.547  -0.018  -2.300  1.00 30.48  ? 155 GLU A N   1 
ATOM   1207 C  CA  . GLU A 1 155 ? -0.705  1.197   -2.188  1.00 30.76  ? 155 GLU A CA  1 
ATOM   1208 C  C   . GLU A 1 155 ? -0.790  2.005   -3.478  1.00 30.23  ? 155 GLU A C   1 
ATOM   1209 O  O   . GLU A 1 155 ? -0.859  3.252   -3.403  1.00 30.16  ? 155 GLU A O   1 
ATOM   1210 C  CB  . GLU A 1 155 ? 0.735   0.852   -1.790  1.00 33.44  ? 155 GLU A CB  1 
ATOM   1211 C  CG  . GLU A 1 155 ? 0.858   0.396   -0.341  1.00 37.53  ? 155 GLU A CG  1 
ATOM   1212 C  CD  . GLU A 1 155 ? -0.079  1.024   0.704   1.00 46.07  ? 155 GLU A CD  1 
ATOM   1213 O  OE1 . GLU A 1 155 ? -0.114  2.308   0.817   1.00 42.91  ? 155 GLU A OE1 1 
ATOM   1214 O  OE2 . GLU A 1 155 ? -0.785  0.226   1.428   1.00 50.59  ? 155 GLU A OE2 1 
ATOM   1215 N  N   . ILE A 1 156 ? -0.825  1.327   -4.615  1.00 29.34  ? 156 ILE A N   1 
ATOM   1216 C  CA  . ILE A 1 156 ? -0.876  1.994   -5.936  1.00 30.32  ? 156 ILE A CA  1 
ATOM   1217 C  C   . ILE A 1 156 ? -2.257  2.628   -6.125  1.00 31.42  ? 156 ILE A C   1 
ATOM   1218 O  O   . ILE A 1 156 ? -2.288  3.767   -6.616  1.00 30.14  ? 156 ILE A O   1 
ATOM   1219 C  CB  . ILE A 1 156 ? -0.468  1.013   -7.045  1.00 29.55  ? 156 ILE A CB  1 
ATOM   1220 C  CG1 . ILE A 1 156 ? 0.983   0.572   -6.833  1.00 27.37  ? 156 ILE A CG1 1 
ATOM   1221 C  CG2 . ILE A 1 156 ? -0.670  1.642   -8.407  1.00 29.18  ? 156 ILE A CG2 1 
ATOM   1222 C  CD1 . ILE A 1 156 ? 1.541   -0.286  -7.932  1.00 28.30  ? 156 ILE A CD1 1 
ATOM   1223 N  N   . ASP A 1 157 ? -3.338  1.959   -5.720  1.00 30.69  ? 157 ASP A N   1 
ATOM   1224 C  CA  . ASP A 1 157 ? -4.688  2.584   -5.706  1.00 35.83  ? 157 ASP A CA  1 
ATOM   1225 C  C   . ASP A 1 157 ? -4.597  3.991   -5.108  1.00 34.25  ? 157 ASP A C   1 
ATOM   1226 O  O   . ASP A 1 157 ? -5.212  4.911   -5.683  1.00 35.70  ? 157 ASP A O   1 
ATOM   1227 C  CB  . ASP A 1 157 ? -5.727  1.734   -4.971  1.00 39.14  ? 157 ASP A CB  1 
ATOM   1228 C  CG  . ASP A 1 157 ? -6.282  0.623   -5.849  1.00 42.62  ? 157 ASP A CG  1 
ATOM   1229 O  OD1 . ASP A 1 157 ? -5.686  0.403   -6.909  1.00 40.97  ? 157 ASP A OD1 1 
ATOM   1230 O  OD2 . ASP A 1 157 ? -7.288  -0.040  -5.450  1.00 43.80  ? 157 ASP A OD2 1 
ATOM   1231 N  N   . HIS A 1 158 ? -3.820  4.157   -4.037  1.00 31.60  ? 158 HIS A N   1 
ATOM   1232 C  CA  . HIS A 1 158 ? -3.723  5.438   -3.281  1.00 32.48  ? 158 HIS A CA  1 
ATOM   1233 C  C   . HIS A 1 158 ? -3.246  6.561   -4.206  1.00 32.63  ? 158 HIS A C   1 
ATOM   1234 O  O   . HIS A 1 158 ? -3.695  7.730   -3.983  1.00 27.26  ? 158 HIS A O   1 
ATOM   1235 C  CB  . HIS A 1 158 ? -2.802  5.303   -2.058  1.00 32.02  ? 158 HIS A CB  1 
ATOM   1236 C  CG  . HIS A 1 158 ? -3.550  4.879   -0.843  1.00 34.30  ? 158 HIS A CG  1 
ATOM   1237 N  ND1 . HIS A 1 158 ? -4.704  5.537   -0.436  1.00 33.90  ? 158 HIS A ND1 1 
ATOM   1238 C  CD2 . HIS A 1 158 ? -3.339  3.868   0.028   1.00 32.89  ? 158 HIS A CD2 1 
ATOM   1239 C  CE1 . HIS A 1 158 ? -5.173  4.942   0.641   1.00 35.89  ? 158 HIS A CE1 1 
ATOM   1240 N  NE2 . HIS A 1 158 ? -4.354  3.913   0.942   1.00 33.38  ? 158 HIS A NE2 1 
ATOM   1241 N  N   . LEU A 1 159 ? -2.381  6.203   -5.179  1.00 29.94  ? 159 LEU A N   1 
ATOM   1242 C  CA  . LEU A 1 159 ? -1.680  7.139   -6.084  1.00 27.17  ? 159 LEU A CA  1 
ATOM   1243 C  C   . LEU A 1 159 ? -2.644  7.582   -7.181  1.00 28.08  ? 159 LEU A C   1 
ATOM   1244 O  O   . LEU A 1 159 ? -2.364  8.623   -7.823  1.00 28.28  ? 159 LEU A O   1 
ATOM   1245 C  CB  . LEU A 1 159 ? -0.436  6.455   -6.653  1.00 25.56  ? 159 LEU A CB  1 
ATOM   1246 C  CG  . LEU A 1 159 ? 0.615   5.999   -5.636  1.00 26.09  ? 159 LEU A CG  1 
ATOM   1247 C  CD1 . LEU A 1 159 ? 1.861   5.486   -6.363  1.00 26.24  ? 159 LEU A CD1 1 
ATOM   1248 C  CD2 . LEU A 1 159 ? 1.010   7.116   -4.671  1.00 24.66  ? 159 LEU A CD2 1 
ATOM   1249 N  N   . ASN A 1 160 ? -3.737  6.839   -7.362  1.00 27.30  ? 160 ASN A N   1 
ATOM   1250 C  CA  . ASN A 1 160 ? -4.785  7.144   -8.375  1.00 29.53  ? 160 ASN A CA  1 
ATOM   1251 C  C   . ASN A 1 160 ? -6.039  7.641   -7.664  1.00 31.08  ? 160 ASN A C   1 
ATOM   1252 O  O   . ASN A 1 160 ? -7.076  7.655   -8.304  1.00 33.05  ? 160 ASN A O   1 
ATOM   1253 C  CB  . ASN A 1 160 ? -5.065  5.923   -9.257  1.00 27.30  ? 160 ASN A CB  1 
ATOM   1254 C  CG  . ASN A 1 160 ? -3.807  5.505   -9.992  1.00 29.14  ? 160 ASN A CG  1 
ATOM   1255 O  OD1 . ASN A 1 160 ? -3.033  6.356   -10.413 1.00 31.31  ? 160 ASN A OD1 1 
ATOM   1256 N  ND2 . ASN A 1 160 ? -3.532  4.216   -10.083 1.00 29.51  ? 160 ASN A ND2 1 
ATOM   1257 N  N   . GLY A 1 161 ? -5.935  8.004   -6.385  1.00 32.43  ? 161 GLY A N   1 
ATOM   1258 C  CA  . GLY A 1 161 ? -7.060  8.480   -5.568  1.00 34.68  ? 161 GLY A CA  1 
ATOM   1259 C  C   . GLY A 1 161 ? -8.137  7.426   -5.362  1.00 37.46  ? 161 GLY A C   1 
ATOM   1260 O  O   . GLY A 1 161 ? -9.270  7.807   -5.081  1.00 40.38  ? 161 GLY A O   1 
ATOM   1261 N  N   . VAL A 1 162 ? -7.803  6.140   -5.415  1.00 39.60  ? 162 VAL A N   1 
ATOM   1262 C  CA  . VAL A 1 162 ? -8.777  5.026   -5.205  1.00 38.04  ? 162 VAL A CA  1 
ATOM   1263 C  C   . VAL A 1 162 ? -8.621  4.498   -3.771  1.00 36.74  ? 162 VAL A C   1 
ATOM   1264 O  O   . VAL A 1 162 ? -7.478  4.369   -3.300  1.00 38.26  ? 162 VAL A O   1 
ATOM   1265 C  CB  . VAL A 1 162 ? -8.558  3.917   -6.261  1.00 38.84  ? 162 VAL A CB  1 
ATOM   1266 C  CG1 . VAL A 1 162 ? -9.408  2.677   -5.993  1.00 36.97  ? 162 VAL A CG1 1 
ATOM   1267 C  CG2 . VAL A 1 162 ? -8.795  4.440   -7.670  1.00 34.99  ? 162 VAL A CG2 1 
ATOM   1268 N  N   . MET A 1 163 ? -9.739  4.156   -3.135  1.00 35.79  ? 163 MET A N   1 
ATOM   1269 C  CA  . MET A 1 163 ? -9.822  3.654   -1.741  1.00 35.29  ? 163 MET A CA  1 
ATOM   1270 C  C   . MET A 1 163 ? -10.366 2.225   -1.773  1.00 32.00  ? 163 MET A C   1 
ATOM   1271 O  O   . MET A 1 163 ? -11.282 1.957   -2.572  1.00 30.06  ? 163 MET A O   1 
ATOM   1272 C  CB  . MET A 1 163 ? -10.752 4.537   -0.902  1.00 37.50  ? 163 MET A CB  1 
ATOM   1273 C  CG  . MET A 1 163 ? -10.237 5.964   -0.759  1.00 39.99  ? 163 MET A CG  1 
ATOM   1274 S  SD  . MET A 1 163 ? -8.755  6.095   0.323   1.00 43.07  ? 163 MET A SD  1 
ATOM   1275 C  CE  . MET A 1 163 ? -9.558  6.024   1.923   1.00 43.95  ? 163 MET A CE  1 
ATOM   1276 N  N   . PHE A 1 164 ? -9.819  1.350   -0.928  1.00 28.67  ? 164 PHE A N   1 
ATOM   1277 C  CA  . PHE A 1 164 ? -10.115 -0.099  -0.940  1.00 29.59  ? 164 PHE A CA  1 
ATOM   1278 C  C   . PHE A 1 164 ? -11.636 -0.290  -1.025  1.00 30.75  ? 164 PHE A C   1 
ATOM   1279 O  O   . PHE A 1 164 ? -12.066 -1.204  -1.749  1.00 29.20  ? 164 PHE A O   1 
ATOM   1280 C  CB  . PHE A 1 164 ? -9.475  -0.830  0.246   1.00 30.16  ? 164 PHE A CB  1 
ATOM   1281 C  CG  . PHE A 1 164 ? -10.213 -0.685  1.555   1.00 32.58  ? 164 PHE A CG  1 
ATOM   1282 C  CD1 . PHE A 1 164 ? -11.223 -1.560  1.902   1.00 35.23  ? 164 PHE A CD1 1 
ATOM   1283 C  CD2 . PHE A 1 164 ? -9.913  0.339   2.435   1.00 33.62  ? 164 PHE A CD2 1 
ATOM   1284 C  CE1 . PHE A 1 164 ? -11.924 -1.411  3.091   1.00 34.54  ? 164 PHE A CE1 1 
ATOM   1285 C  CE2 . PHE A 1 164 ? -10.635 0.506   3.604   1.00 34.93  ? 164 PHE A CE2 1 
ATOM   1286 C  CZ  . PHE A 1 164 ? -11.634 -0.375  3.936   1.00 33.76  ? 164 PHE A CZ  1 
ATOM   1287 N  N   . TYR A 1 165 ? -12.431 0.512   -0.307  1.00 30.82  ? 165 TYR A N   1 
ATOM   1288 C  CA  . TYR A 1 165 ? -13.885 0.231   -0.161  1.00 31.08  ? 165 TYR A CA  1 
ATOM   1289 C  C   . TYR A 1 165 ? -14.584 0.492   -1.494  1.00 31.80  ? 165 TYR A C   1 
ATOM   1290 O  O   . TYR A 1 165 ? -15.682 -0.022  -1.677  1.00 35.09  ? 165 TYR A O   1 
ATOM   1291 C  CB  . TYR A 1 165 ? -14.538 1.001   0.996   1.00 32.85  ? 165 TYR A CB  1 
ATOM   1292 C  CG  . TYR A 1 165 ? -14.345 2.491   0.982   1.00 32.66  ? 165 TYR A CG  1 
ATOM   1293 C  CD1 . TYR A 1 165 ? -15.156 3.326   0.221   1.00 34.47  ? 165 TYR A CD1 1 
ATOM   1294 C  CD2 . TYR A 1 165 ? -13.327 3.060   1.717   1.00 34.21  ? 165 TYR A CD2 1 
ATOM   1295 C  CE1 . TYR A 1 165 ? -14.967 4.701   0.212   1.00 33.17  ? 165 TYR A CE1 1 
ATOM   1296 C  CE2 . TYR A 1 165 ? -13.118 4.428   1.712   1.00 35.53  ? 165 TYR A CE2 1 
ATOM   1297 C  CZ  . TYR A 1 165 ? -13.934 5.245   0.953   1.00 33.67  ? 165 TYR A CZ  1 
ATOM   1298 O  OH  . TYR A 1 165 ? -13.685 6.580   0.974   1.00 39.45  ? 165 TYR A OH  1 
ATOM   1299 N  N   . ASP A 1 166 ? -13.950 1.214   -2.416  1.00 34.07  ? 166 ASP A N   1 
ATOM   1300 C  CA  . ASP A 1 166 ? -14.553 1.505   -3.743  1.00 34.72  ? 166 ASP A CA  1 
ATOM   1301 C  C   . ASP A 1 166 ? -14.728 0.201   -4.520  1.00 36.96  ? 166 ASP A C   1 
ATOM   1302 O  O   . ASP A 1 166 ? -15.467 0.239   -5.503  1.00 33.58  ? 166 ASP A O   1 
ATOM   1303 C  CB  . ASP A 1 166 ? -13.679 2.393   -4.624  1.00 34.62  ? 166 ASP A CB  1 
ATOM   1304 C  CG  . ASP A 1 166 ? -13.328 3.709   -3.991  1.00 37.50  ? 166 ASP A CG  1 
ATOM   1305 O  OD1 . ASP A 1 166 ? -14.135 4.172   -3.172  1.00 42.23  ? 166 ASP A OD1 1 
ATOM   1306 O  OD2 . ASP A 1 166 ? -12.242 4.241   -4.312  1.00 42.01  ? 166 ASP A OD2 1 
ATOM   1307 N  N   . HIS A 1 167 ? -13.984 -0.857  -4.173  1.00 35.79  ? 167 HIS A N   1 
ATOM   1308 C  CA  . HIS A 1 167 ? -13.987 -2.154  -4.903  1.00 36.60  ? 167 HIS A CA  1 
ATOM   1309 C  C   . HIS A 1 167 ? -15.045 -3.087  -4.305  1.00 36.91  ? 167 HIS A C   1 
ATOM   1310 O  O   . HIS A 1 167 ? -15.229 -4.196  -4.842  1.00 36.22  ? 167 HIS A O   1 
ATOM   1311 C  CB  . HIS A 1 167 ? -12.613 -2.838  -4.852  1.00 36.00  ? 167 HIS A CB  1 
ATOM   1312 C  CG  . HIS A 1 167 ? -11.484 -2.052  -5.434  1.00 38.13  ? 167 HIS A CG  1 
ATOM   1313 N  ND1 . HIS A 1 167 ? -11.255 -1.976  -6.787  1.00 40.56  ? 167 HIS A ND1 1 
ATOM   1314 C  CD2 . HIS A 1 167 ? -10.466 -1.378  -4.857  1.00 42.78  ? 167 HIS A CD2 1 
ATOM   1315 C  CE1 . HIS A 1 167 ? -10.175 -1.256  -7.021  1.00 40.57  ? 167 HIS A CE1 1 
ATOM   1316 N  NE2 . HIS A 1 167 ? -9.660  -0.894  -5.862  1.00 40.16  ? 167 HIS A NE2 1 
ATOM   1317 N  N   . ILE A 1 168 ? -15.697 -2.672  -3.218  1.00 38.21  ? 168 ILE A N   1 
ATOM   1318 C  CA  . ILE A 1 168 ? -16.605 -3.562  -2.445  1.00 39.67  ? 168 ILE A CA  1 
ATOM   1319 C  C   . ILE A 1 168 ? -17.967 -3.585  -3.130  1.00 40.56  ? 168 ILE A C   1 
ATOM   1320 O  O   . ILE A 1 168 ? -18.538 -2.512  -3.319  1.00 40.41  ? 168 ILE A O   1 
ATOM   1321 C  CB  . ILE A 1 168 ? -16.685 -3.153  -0.964  1.00 41.40  ? 168 ILE A CB  1 
ATOM   1322 C  CG1 . ILE A 1 168 ? -15.414 -3.600  -0.229  1.00 40.12  ? 168 ILE A CG1 1 
ATOM   1323 C  CG2 . ILE A 1 168 ? -17.950 -3.732  -0.339  1.00 42.67  ? 168 ILE A CG2 1 
ATOM   1324 C  CD1 . ILE A 1 168 ? -15.207 -2.981  1.120   1.00 40.61  ? 168 ILE A CD1 1 
ATOM   1325 N  N   . ASP A 1 169 ? -18.449 -4.784  -3.462  1.00 42.95  ? 169 ASP A N   1 
ATOM   1326 C  CA  . ASP A 1 169 ? -19.782 -4.999  -4.079  1.00 48.15  ? 169 ASP A CA  1 
ATOM   1327 C  C   . ASP A 1 169 ? -20.868 -4.537  -3.096  1.00 52.04  ? 169 ASP A C   1 
ATOM   1328 O  O   . ASP A 1 169 ? -20.858 -4.911  -1.906  1.00 51.93  ? 169 ASP A O   1 
ATOM   1329 C  CB  . ASP A 1 169 ? -19.998 -6.450  -4.512  1.00 47.74  ? 169 ASP A CB  1 
ATOM   1330 C  CG  . ASP A 1 169 ? -21.281 -6.661  -5.300  1.00 46.99  ? 169 ASP A CG  1 
ATOM   1331 O  OD1 . ASP A 1 169 ? -22.268 -5.951  -5.053  1.00 45.82  ? 169 ASP A OD1 1 
ATOM   1332 O  OD2 . ASP A 1 169 ? -21.285 -7.544  -6.146  1.00 55.22  ? 169 ASP A OD2 1 
ATOM   1333 N  N   . LYS A 1 170 ? -21.846 -3.848  -3.651  1.00 59.84  ? 170 LYS A N   1 
ATOM   1334 C  CA  . LYS A 1 170 ? -22.807 -3.001  -2.921  1.00 64.80  ? 170 LYS A CA  1 
ATOM   1335 C  C   . LYS A 1 170 ? -23.825 -3.962  -2.304  1.00 62.94  ? 170 LYS A C   1 
ATOM   1336 O  O   . LYS A 1 170 ? -24.084 -3.854  -1.116  1.00 69.85  ? 170 LYS A O   1 
ATOM   1337 C  CB  . LYS A 1 170 ? -23.410 -1.977  -3.894  1.00 71.99  ? 170 LYS A CB  1 
ATOM   1338 C  CG  . LYS A 1 170 ? -22.753 -1.861  -5.276  1.00 75.65  ? 170 LYS A CG  1 
ATOM   1339 C  CD  . LYS A 1 170 ? -21.226 -1.943  -5.324  1.00 76.64  ? 170 LYS A CD  1 
ATOM   1340 C  CE  . LYS A 1 170 ? -20.595 -0.986  -6.309  1.00 83.46  ? 170 LYS A CE  1 
ATOM   1341 N  NZ  . LYS A 1 170 ? -20.549 0.391   -5.763  1.00 86.05  ? 170 LYS A NZ  1 
ATOM   1342 N  N   . ASN A 1 171 ? -24.294 -4.933  -3.084  1.00 58.40  ? 171 ASN A N   1 
ATOM   1343 C  CA  . ASN A 1 171 ? -25.382 -5.865  -2.697  1.00 60.75  ? 171 ASN A CA  1 
ATOM   1344 C  C   . ASN A 1 171 ? -24.791 -7.128  -2.077  1.00 57.01  ? 171 ASN A C   1 
ATOM   1345 O  O   . ASN A 1 171 ? -25.457 -7.694  -1.211  1.00 57.55  ? 171 ASN A O   1 
ATOM   1346 C  CB  . ASN A 1 171 ? -26.246 -6.246  -3.899  1.00 62.60  ? 171 ASN A CB  1 
ATOM   1347 C  CG  . ASN A 1 171 ? -26.622 -5.042  -4.735  1.00 66.64  ? 171 ASN A CG  1 
ATOM   1348 O  OD1 . ASN A 1 171 ? -27.275 -4.125  -4.247  1.00 69.31  ? 171 ASN A OD1 1 
ATOM   1349 N  ND2 . ASN A 1 171 ? -26.193 -5.020  -5.987  1.00 70.47  ? 171 ASN A ND2 1 
ATOM   1350 N  N   . HIS A 1 172 ? -23.612 -7.562  -2.536  1.00 54.42  ? 172 HIS A N   1 
ATOM   1351 C  CA  . HIS A 1 172 ? -23.044 -8.895  -2.206  1.00 53.76  ? 172 HIS A CA  1 
ATOM   1352 C  C   . HIS A 1 172 ? -21.615 -8.730  -1.700  1.00 47.11  ? 172 HIS A C   1 
ATOM   1353 O  O   . HIS A 1 172 ? -20.709 -9.444  -2.092  1.00 43.51  ? 172 HIS A O   1 
ATOM   1354 C  CB  . HIS A 1 172 ? -23.232 -9.835  -3.398  1.00 55.40  ? 172 HIS A CB  1 
ATOM   1355 C  CG  . HIS A 1 172 ? -24.673 -10.076 -3.711  1.00 64.26  ? 172 HIS A CG  1 
ATOM   1356 N  ND1 . HIS A 1 172 ? -25.374 -9.307  -4.623  1.00 70.67  ? 172 HIS A ND1 1 
ATOM   1357 C  CD2 . HIS A 1 172 ? -25.560 -10.966 -3.217  1.00 66.93  ? 172 HIS A CD2 1 
ATOM   1358 C  CE1 . HIS A 1 172 ? -26.624 -9.723  -4.687  1.00 67.10  ? 172 HIS A CE1 1 
ATOM   1359 N  NE2 . HIS A 1 172 ? -26.761 -10.745 -3.842  1.00 67.14  ? 172 HIS A NE2 1 
ATOM   1360 N  N   . PRO A 1 173 ? -21.394 -7.847  -0.715  1.00 47.02  ? 173 PRO A N   1 
ATOM   1361 C  CA  . PRO A 1 173 ? -20.040 -7.476  -0.308  1.00 45.66  ? 173 PRO A CA  1 
ATOM   1362 C  C   . PRO A 1 173 ? -19.152 -8.671  0.058   1.00 40.88  ? 173 PRO A C   1 
ATOM   1363 O  O   . PRO A 1 173 ? -17.959 -8.543  -0.091  1.00 42.11  ? 173 PRO A O   1 
ATOM   1364 C  CB  . PRO A 1 173 ? -20.265 -6.611  0.939   1.00 44.76  ? 173 PRO A CB  1 
ATOM   1365 C  CG  . PRO A 1 173 ? -21.642 -7.030  1.420   1.00 45.83  ? 173 PRO A CG  1 
ATOM   1366 C  CD  . PRO A 1 173 ? -22.425 -7.236  0.140   1.00 47.56  ? 173 PRO A CD  1 
ATOM   1367 N  N   . LEU A 1 174 ? -19.734 -9.782  0.506   1.00 38.53  ? 174 LEU A N   1 
ATOM   1368 C  CA  . LEU A 1 174 ? -18.962 -10.962 0.982   1.00 38.77  ? 174 LEU A CA  1 
ATOM   1369 C  C   . LEU A 1 174 ? -19.060 -12.134 0.014   1.00 40.93  ? 174 LEU A C   1 
ATOM   1370 O  O   . LEU A 1 174 ? -18.566 -13.221 0.349   1.00 39.89  ? 174 LEU A O   1 
ATOM   1371 C  CB  . LEU A 1 174 ? -19.491 -11.342 2.352   1.00 42.76  ? 174 LEU A CB  1 
ATOM   1372 C  CG  . LEU A 1 174 ? -19.031 -10.387 3.450   1.00 48.56  ? 174 LEU A CG  1 
ATOM   1373 C  CD1 . LEU A 1 174 ? -19.750 -10.701 4.753   1.00 47.63  ? 174 LEU A CD1 1 
ATOM   1374 C  CD2 . LEU A 1 174 ? -17.511 -10.459 3.626   1.00 48.31  ? 174 LEU A CD2 1 
ATOM   1375 N  N   . GLN A 1 175 ? -19.605 -11.890 -1.168  1.00 41.91  ? 175 GLN A N   1 
ATOM   1376 C  CA  . GLN A 1 175 ? -19.681 -12.876 -2.275  1.00 49.17  ? 175 GLN A CA  1 
ATOM   1377 C  C   . GLN A 1 175 ? -18.317 -13.038 -2.956  1.00 43.29  ? 175 GLN A C   1 
ATOM   1378 O  O   . GLN A 1 175 ? -17.919 -12.179 -3.727  1.00 38.47  ? 175 GLN A O   1 
ATOM   1379 C  CB  . GLN A 1 175 ? -20.762 -12.354 -3.225  1.00 54.43  ? 175 GLN A CB  1 
ATOM   1380 C  CG  . GLN A 1 175 ? -21.000 -13.194 -4.460  1.00 60.87  ? 175 GLN A CG  1 
ATOM   1381 C  CD  . GLN A 1 175 ? -21.187 -14.635 -4.077  1.00 68.64  ? 175 GLN A CD  1 
ATOM   1382 O  OE1 . GLN A 1 175 ? -22.309 -15.101 -3.885  1.00 71.17  ? 175 GLN A OE1 1 
ATOM   1383 N  NE2 . GLN A 1 175 ? -20.073 -15.332 -3.925  1.00 73.58  ? 175 GLN A NE2 1 
ATOM   1384 N  N   . PRO A 1 176 ? -17.551 -14.134 -2.744  1.00 45.63  ? 176 PRO A N   1 
ATOM   1385 C  CA  . PRO A 1 176 ? -16.341 -14.362 -3.532  1.00 46.12  ? 176 PRO A CA  1 
ATOM   1386 C  C   . PRO A 1 176 ? -16.692 -14.419 -5.025  1.00 45.35  ? 176 PRO A C   1 
ATOM   1387 O  O   . PRO A 1 176 ? -17.704 -14.977 -5.356  1.00 47.32  ? 176 PRO A O   1 
ATOM   1388 C  CB  . PRO A 1 176 ? -15.774 -15.709 -3.067  1.00 41.88  ? 176 PRO A CB  1 
ATOM   1389 C  CG  . PRO A 1 176 ? -16.487 -16.004 -1.768  1.00 43.50  ? 176 PRO A CG  1 
ATOM   1390 C  CD  . PRO A 1 176 ? -17.783 -15.218 -1.778  1.00 45.03  ? 176 PRO A CD  1 
ATOM   1391 N  N   . HIS A 1 177 ? -15.862 -13.828 -5.883  1.00 45.44  ? 177 HIS A N   1 
ATOM   1392 C  CA  . HIS A 1 177 ? -15.970 -14.007 -7.354  1.00 46.36  ? 177 HIS A CA  1 
ATOM   1393 C  C   . HIS A 1 177 ? -15.519 -15.421 -7.705  1.00 45.07  ? 177 HIS A C   1 
ATOM   1394 O  O   . HIS A 1 177 ? -14.633 -15.963 -7.027  1.00 40.09  ? 177 HIS A O   1 
ATOM   1395 C  CB  . HIS A 1 177 ? -15.174 -12.972 -8.161  1.00 42.92  ? 177 HIS A CB  1 
ATOM   1396 C  CG  . HIS A 1 177 ? -15.737 -11.598 -8.080  1.00 41.78  ? 177 HIS A CG  1 
ATOM   1397 N  ND1 . HIS A 1 177 ? -15.016 -10.491 -8.449  1.00 38.82  ? 177 HIS A ND1 1 
ATOM   1398 C  CD2 . HIS A 1 177 ? -16.937 -11.148 -7.651  1.00 40.73  ? 177 HIS A CD2 1 
ATOM   1399 C  CE1 . HIS A 1 177 ? -15.749 -9.413  -8.259  1.00 41.38  ? 177 HIS A CE1 1 
ATOM   1400 N  NE2 . HIS A 1 177 ? -16.935 -9.788  -7.775  1.00 38.42  ? 177 HIS A NE2 1 
ATOM   1401 N  N   . THR A 1 178 ? -16.214 -15.986 -8.682  1.00 51.77  ? 178 THR A N   1 
ATOM   1402 C  CA  . THR A 1 178 ? -15.843 -17.160 -9.506  1.00 54.63  ? 178 THR A CA  1 
ATOM   1403 C  C   . THR A 1 178 ? -14.319 -17.307 -9.635  1.00 51.87  ? 178 THR A C   1 
ATOM   1404 O  O   . THR A 1 178 ? -13.688 -16.417 -10.216 1.00 54.35  ? 178 THR A O   1 
ATOM   1405 C  CB  . THR A 1 178 ? -16.525 -17.003 -10.872 1.00 58.87  ? 178 THR A CB  1 
ATOM   1406 O  OG1 . THR A 1 178 ? -16.283 -18.229 -11.558 1.00 66.19  ? 178 THR A OG1 1 
ATOM   1407 C  CG2 . THR A 1 178 ? -16.056 -15.793 -11.660 1.00 59.95  ? 178 THR A CG2 1 
ATOM   1408 N  N   . ASP A 1 179 ? -13.759 -18.397 -9.108  1.00 48.85  ? 179 ASP A N   1 
ATOM   1409 C  CA  . ASP A 1 179 ? -12.340 -18.808 -9.289  1.00 49.48  ? 179 ASP A CA  1 
ATOM   1410 C  C   . ASP A 1 179 ? -11.376 -17.780 -8.689  1.00 43.45  ? 179 ASP A C   1 
ATOM   1411 O  O   . ASP A 1 179 ? -10.164 -17.889 -8.963  1.00 43.81  ? 179 ASP A O   1 
ATOM   1412 C  CB  . ASP A 1 179 ? -12.010 -19.040 -10.769 1.00 58.68  ? 179 ASP A CB  1 
ATOM   1413 C  CG  . ASP A 1 179 ? -12.117 -20.491 -11.213 1.00 67.46  ? 179 ASP A CG  1 
ATOM   1414 O  OD1 . ASP A 1 179 ? -11.910 -21.391 -10.365 1.00 73.17  ? 179 ASP A OD1 1 
ATOM   1415 O  OD2 . ASP A 1 179 ? -12.406 -20.709 -12.406 1.00 71.22  ? 179 ASP A OD2 1 
ATOM   1416 N  N   . ALA A 1 180 ? -11.857 -16.826 -7.893  1.00 39.17  ? 180 ALA A N   1 
ATOM   1417 C  CA  . ALA A 1 180 ? -10.970 -15.904 -7.160  1.00 37.39  ? 180 ALA A CA  1 
ATOM   1418 C  C   . ALA A 1 180 ? -10.219 -16.723 -6.107  1.00 39.64  ? 180 ALA A C   1 
ATOM   1419 O  O   . ALA A 1 180 ? -10.855 -17.567 -5.463  1.00 48.35  ? 180 ALA A O   1 
ATOM   1420 C  CB  . ALA A 1 180 ? -11.798 -14.800 -6.571  1.00 40.86  ? 180 ALA A CB  1 
ATOM   1421 N  N   . VAL A 1 181 ? -8.913  -16.537 -5.942  1.00 36.32  ? 181 VAL A N   1 
ATOM   1422 C  CA  . VAL A 1 181 ? -8.161  -17.302 -4.907  1.00 36.68  ? 181 VAL A CA  1 
ATOM   1423 C  C   . VAL A 1 181 ? -8.223  -16.516 -3.602  1.00 41.97  ? 181 VAL A C   1 
ATOM   1424 O  O   . VAL A 1 181 ? -7.899  -15.311 -3.607  1.00 41.31  ? 181 VAL A O   1 
ATOM   1425 C  CB  . VAL A 1 181 ? -6.705  -17.665 -5.275  1.00 37.39  ? 181 VAL A CB  1 
ATOM   1426 C  CG1 . VAL A 1 181 ? -6.202  -17.012 -6.547  1.00 39.67  ? 181 VAL A CG1 1 
ATOM   1427 C  CG2 . VAL A 1 181 ? -5.733  -17.438 -4.126  1.00 34.44  ? 181 VAL A CG2 1 
ATOM   1428 N  N   . GLU A 1 182 ? -8.601  -17.211 -2.528  1.00 42.05  ? 182 GLU A N   1 
ATOM   1429 C  CA  . GLU A 1 182 ? -8.555  -16.721 -1.133  1.00 42.56  ? 182 GLU A CA  1 
ATOM   1430 C  C   . GLU A 1 182 ? -7.117  -16.784 -0.601  1.00 38.42  ? 182 GLU A C   1 
ATOM   1431 O  O   . GLU A 1 182 ? -6.525  -17.869 -0.672  1.00 34.10  ? 182 GLU A O   1 
ATOM   1432 C  CB  . GLU A 1 182 ? -9.459  -17.608 -0.289  1.00 46.35  ? 182 GLU A CB  1 
ATOM   1433 C  CG  . GLU A 1 182 ? -9.608  -17.133 1.136   1.00 52.58  ? 182 GLU A CG  1 
ATOM   1434 C  CD  . GLU A 1 182 ? -10.545 -18.018 1.931   1.00 58.18  ? 182 GLU A CD  1 
ATOM   1435 O  OE1 . GLU A 1 182 ? -11.696 -17.597 2.165   1.00 57.83  ? 182 GLU A OE1 1 
ATOM   1436 O  OE2 . GLU A 1 182 ? -10.122 -19.144 2.271   1.00 57.01  ? 182 GLU A OE2 1 
ATOM   1437 N  N   . VAL A 1 183 ? -6.606  -15.693 -0.023  1.00 34.65  ? 183 VAL A N   1 
ATOM   1438 C  CA  . VAL A 1 183 ? -5.178  -15.591 0.415   1.00 37.51  ? 183 VAL A CA  1 
ATOM   1439 C  C   . VAL A 1 183 ? -5.077  -15.817 1.922   1.00 31.93  ? 183 VAL A C   1 
ATOM   1440 O  O   . VAL A 1 183 ? -5.764  -14.933 2.418   1.00 36.10  ? 183 VAL A O   1 
ATOM   1441 C  CB  . VAL A 1 183 ? -4.623  -14.218 -0.009  1.00 37.62  ? 183 VAL A CB  1 
ATOM   1442 C  CG1 . VAL A 1 183 ? -3.219  -13.942 0.509   1.00 38.93  ? 183 VAL A CG1 1 
ATOM   1443 C  CG2 . VAL A 1 183 ? -4.673  -14.090 -1.513  1.00 38.81  ? 183 VAL A CG2 1 
HETATM 1444 NI NI  . NI  B 2 .   ? -5.049  2.468   2.868   1.00 76.35  ? 201 NI  A NI  1 
HETATM 1445 O  O22 . K2U C 3 .   ? -2.373  1.851   3.222   1.00 54.11  ? 202 K2U A O22 1 
HETATM 1446 C  C1  . K2U C 3 .   ? -2.472  1.493   4.427   1.00 73.59  ? 202 K2U A C1  1 
HETATM 1447 O  O21 . K2U C 3 .   ? -3.268  2.125   5.313   1.00 60.01  ? 202 K2U A O21 1 
HETATM 1448 C  C2  . K2U C 3 .   ? -1.694  0.308   4.962   1.00 79.28  ? 202 K2U A C2  1 
HETATM 1449 C  C3  . K2U C 3 .   ? -2.568  -0.929  5.181   1.00 87.20  ? 202 K2U A C3  1 
HETATM 1450 C  C4  . K2U C 3 .   ? -2.453  -1.673  3.835   1.00 87.35  ? 202 K2U A C4  1 
HETATM 1451 C  C5  . K2U C 3 .   ? -3.329  -2.897  3.592   1.00 88.49  ? 202 K2U A C5  1 
HETATM 1452 C  C6  . K2U C 3 .   ? -4.465  -3.233  4.345   1.00 82.00  ? 202 K2U A C6  1 
HETATM 1453 C  C7  . K2U C 3 .   ? -5.194  -4.372  4.054   1.00 70.26  ? 202 K2U A C7  1 
HETATM 1454 C  C8  . K2U C 3 .   ? -4.788  -5.172  3.002   1.00 77.01  ? 202 K2U A C8  1 
HETATM 1455 C  C9  . K2U C 3 .   ? -3.674  -4.854  2.240   1.00 74.00  ? 202 K2U A C9  1 
HETATM 1456 C  C10 . K2U C 3 .   ? -2.944  -3.718  2.532   1.00 81.96  ? 202 K2U A C10 1 
HETATM 1457 C  C11 . K2U C 3 .   ? -2.062  -1.616  6.467   1.00 92.76  ? 202 K2U A C11 1 
HETATM 1458 O  O12 . K2U C 3 .   ? -0.773  -2.168  6.139   1.00 88.11  ? 202 K2U A O12 1 
HETATM 1459 S  S13 . K2U C 3 .   ? -3.157  -2.824  7.223   1.00 106.29 ? 202 K2U A S13 1 
HETATM 1460 C  C14 . K2U C 3 .   ? -2.633  -3.289  8.858   1.00 96.24  ? 202 K2U A C14 1 
HETATM 1461 C  C15 . K2U C 3 .   ? -1.873  -4.604  9.101   1.00 86.96  ? 202 K2U A C15 1 
HETATM 1462 C  C16 . K2U C 3 .   ? -2.425  -5.843  8.788   1.00 86.37  ? 202 K2U A C16 1 
HETATM 1463 C  C17 . K2U C 3 .   ? -1.703  -7.014  9.051   1.00 84.45  ? 202 K2U A C17 1 
HETATM 1464 C  C18 . K2U C 3 .   ? -0.438  -6.972  9.642   1.00 79.70  ? 202 K2U A C18 1 
HETATM 1465 C  C19 . K2U C 3 .   ? 0.110   -5.750  9.980   1.00 76.63  ? 202 K2U A C19 1 
HETATM 1466 C  C20 . K2U C 3 .   ? -0.609  -4.587  9.711   1.00 81.56  ? 202 K2U A C20 1 
HETATM 1467 O  O   . HOH D 4 .   ? -0.402  0.293   -14.808 1.00 49.32  ? 301 HOH A O   1 
HETATM 1468 O  O   . HOH D 4 .   ? -18.226 0.400   8.484   1.00 54.98  ? 302 HOH A O   1 
HETATM 1469 O  O   . HOH D 4 .   ? 19.574  9.926   -6.070  1.00 46.55  ? 303 HOH A O   1 
HETATM 1470 O  O   . HOH D 4 .   ? 1.796   0.005   -19.039 1.00 39.66  ? 304 HOH A O   1 
HETATM 1471 O  O   . HOH D 4 .   ? 4.136   12.774  14.571  1.00 44.22  ? 305 HOH A O   1 
HETATM 1472 O  O   . HOH D 4 .   ? -1.713  7.313   18.068  1.00 45.37  ? 306 HOH A O   1 
HETATM 1473 O  O   . HOH D 4 .   ? -3.470  10.464  -4.947  1.00 33.25  ? 307 HOH A O   1 
HETATM 1474 O  O   . HOH D 4 .   ? -10.699 11.558  1.140   1.00 38.85  ? 308 HOH A O   1 
HETATM 1475 O  O   . HOH D 4 .   ? -5.427  7.901   -1.813  1.00 45.37  ? 309 HOH A O   1 
HETATM 1476 O  O   . HOH D 4 .   ? 15.170  1.278   9.740   1.00 58.72  ? 310 HOH A O   1 
HETATM 1477 O  O   . HOH D 4 .   ? -16.622 4.280   -2.826  1.00 43.48  ? 311 HOH A O   1 
HETATM 1478 O  O   . HOH D 4 .   ? 0.494   7.906   17.025  1.00 35.67  ? 312 HOH A O   1 
HETATM 1479 O  O   . HOH D 4 .   ? 12.793  14.856  -7.819  1.00 45.49  ? 313 HOH A O   1 
HETATM 1480 O  O   . HOH D 4 .   ? -7.602  0.080   -2.782  1.00 27.30  ? 314 HOH A O   1 
HETATM 1481 O  O   . HOH D 4 .   ? -11.583 7.298   8.976   1.00 47.00  ? 315 HOH A O   1 
HETATM 1482 O  O   . HOH D 4 .   ? 9.353   -4.807  20.664  1.00 65.23  ? 316 HOH A O   1 
HETATM 1483 O  O   . HOH D 4 .   ? -10.629 -8.655  0.489   1.00 28.25  ? 317 HOH A O   1 
HETATM 1484 O  O   . HOH D 4 .   ? 14.241  2.231   -2.735  1.00 28.67  ? 318 HOH A O   1 
HETATM 1485 O  O   . HOH D 4 .   ? -22.235 -10.317 0.913   1.00 38.86  ? 319 HOH A O   1 
HETATM 1486 O  O   . HOH D 4 .   ? 1.595   -2.673  -19.923 1.00 23.40  ? 320 HOH A O   1 
HETATM 1487 O  O   . HOH D 4 .   ? -2.767  12.495  -3.747  1.00 29.81  ? 321 HOH A O   1 
HETATM 1488 O  O   . HOH D 4 .   ? -17.197 -6.875  -2.332  1.00 34.42  ? 322 HOH A O   1 
HETATM 1489 O  O   . HOH D 4 .   ? 5.066   -8.710  -17.911 1.00 39.44  ? 323 HOH A O   1 
HETATM 1490 O  O   . HOH D 4 .   ? 7.936   6.355   12.481  1.00 25.80  ? 324 HOH A O   1 
HETATM 1491 O  O   . HOH D 4 .   ? 9.569   -3.663  13.437  1.00 30.08  ? 325 HOH A O   1 
HETATM 1492 O  O   . HOH D 4 .   ? -7.622  2.069   0.316   1.00 34.34  ? 326 HOH A O   1 
HETATM 1493 O  O   . HOH D 4 .   ? 4.984   -14.223 -0.772  1.00 59.32  ? 327 HOH A O   1 
HETATM 1494 O  O   . HOH D 4 .   ? 6.790   -10.219 -15.520 1.00 40.17  ? 328 HOH A O   1 
HETATM 1495 O  O   . HOH D 4 .   ? 1.285   3.942   -11.453 1.00 35.34  ? 329 HOH A O   1 
HETATM 1496 O  O   . HOH D 4 .   ? 20.700  5.468   -11.118 1.00 45.68  ? 330 HOH A O   1 
HETATM 1497 O  O   . HOH D 4 .   ? 3.817   5.637   -10.967 1.00 36.49  ? 331 HOH A O   1 
HETATM 1498 O  O   . HOH D 4 .   ? -8.179  -8.248  -0.832  1.00 27.65  ? 332 HOH A O   1 
HETATM 1499 O  O   . HOH D 4 .   ? -14.821 -19.855 -7.146  1.00 54.58  ? 333 HOH A O   1 
HETATM 1500 O  O   . HOH D 4 .   ? -12.887 -4.674  3.395   1.00 33.01  ? 334 HOH A O   1 
HETATM 1501 O  O   . HOH D 4 .   ? 14.238  10.215  6.610   1.00 41.08  ? 335 HOH A O   1 
HETATM 1502 O  O   . HOH D 4 .   ? -14.677 -8.024  5.262   1.00 33.72  ? 336 HOH A O   1 
HETATM 1503 O  O   . HOH D 4 .   ? -1.703  -16.416 -4.586  1.00 34.80  ? 337 HOH A O   1 
HETATM 1504 O  O   . HOH D 4 .   ? 10.410  15.198  -8.648  1.00 49.10  ? 338 HOH A O   1 
HETATM 1505 O  O   . HOH D 4 .   ? -7.247  13.966  8.165   1.00 42.04  ? 339 HOH A O   1 
HETATM 1506 O  O   . HOH D 4 .   ? 13.961  -6.136  5.989   1.00 52.15  ? 340 HOH A O   1 
HETATM 1507 O  O   . HOH D 4 .   ? -11.587 -1.970  7.327   1.00 50.73  ? 341 HOH A O   1 
HETATM 1508 O  O   . HOH D 4 .   ? 4.988   -12.584 -4.465  1.00 25.17  ? 342 HOH A O   1 
HETATM 1509 O  O   . HOH D 4 .   ? 13.496  3.685   6.962   1.00 42.17  ? 343 HOH A O   1 
HETATM 1510 O  O   . HOH D 4 .   ? 17.724  18.209  -2.504  1.00 35.96  ? 344 HOH A O   1 
HETATM 1511 O  O   . HOH D 4 .   ? 0.024   -15.026 -0.449  1.00 28.22  ? 345 HOH A O   1 
HETATM 1512 O  O   . HOH D 4 .   ? 8.979   7.943   10.526  1.00 33.03  ? 346 HOH A O   1 
HETATM 1513 O  O   . HOH D 4 .   ? 6.742   12.756  15.948  1.00 56.88  ? 347 HOH A O   1 
HETATM 1514 O  O   . HOH D 4 .   ? -5.723  14.789  -9.369  1.00 52.80  ? 348 HOH A O   1 
HETATM 1515 O  O   . HOH D 4 .   ? -5.942  2.208   -1.614  1.00 34.90  ? 349 HOH A O   1 
HETATM 1516 O  O   . HOH D 4 .   ? -18.313 -18.185 -9.597  1.00 49.36  ? 350 HOH A O   1 
HETATM 1517 O  O   . HOH D 4 .   ? 13.554  -0.431  -1.871  1.00 45.10  ? 351 HOH A O   1 
HETATM 1518 O  O   . HOH D 4 .   ? 15.460  18.732  -0.782  1.00 45.91  ? 352 HOH A O   1 
HETATM 1519 O  O   . HOH D 4 .   ? 15.496  3.421   -16.750 1.00 51.31  ? 353 HOH A O   1 
HETATM 1520 O  O   . HOH D 4 .   ? -1.371  3.447   -11.792 1.00 44.42  ? 354 HOH A O   1 
HETATM 1521 O  O   . HOH D 4 .   ? 17.026  9.746   -6.883  1.00 34.99  ? 355 HOH A O   1 
HETATM 1522 O  O   . HOH D 4 .   ? -10.587 -15.087 -10.614 1.00 34.13  ? 356 HOH A O   1 
HETATM 1523 O  O   . HOH D 4 .   ? -11.695 -18.998 -3.117  1.00 64.42  ? 357 HOH A O   1 
HETATM 1524 O  O   . HOH D 4 .   ? 10.139  -0.461  2.842   1.00 41.17  ? 358 HOH A O   1 
HETATM 1525 O  O   . HOH D 4 .   ? -9.187  -20.040 -2.703  1.00 43.18  ? 359 HOH A O   1 
HETATM 1526 O  O   . HOH D 4 .   ? -9.498  0.483   8.227   1.00 43.11  ? 360 HOH A O   1 
HETATM 1527 O  O   . HOH D 4 .   ? 1.346   17.544  -2.104  1.00 39.12  ? 361 HOH A O   1 
HETATM 1528 O  O   . HOH D 4 .   ? 13.123  -0.651  1.323   1.00 46.04  ? 362 HOH A O   1 
HETATM 1529 O  O   . HOH D 4 .   ? -3.660  -1.292  -8.224  1.00 33.52  ? 363 HOH A O   1 
HETATM 1530 O  O   . HOH D 4 .   ? 11.842  -1.862  15.253  1.00 68.40  ? 364 HOH A O   1 
HETATM 1531 O  O   . HOH D 4 .   ? 14.919  6.065   9.695   1.00 40.17  ? 365 HOH A O   1 
HETATM 1532 O  O   . HOH D 4 .   ? -0.399  1.033   -11.970 1.00 24.07  ? 366 HOH A O   1 
HETATM 1533 O  O   . HOH D 4 .   ? 9.036   3.506   -13.177 1.00 36.42  ? 367 HOH A O   1 
HETATM 1534 O  O   . HOH D 4 .   ? -0.864  13.911  -11.357 1.00 58.94  ? 368 HOH A O   1 
HETATM 1535 O  O   . HOH D 4 .   ? -7.558  -21.600 -8.451  1.00 60.27  ? 369 HOH A O   1 
HETATM 1536 O  O   . HOH D 4 .   ? -17.553 -5.351  -6.658  1.00 42.90  ? 370 HOH A O   1 
HETATM 1537 O  O   . HOH D 4 .   ? 10.773  -14.194 -9.912  1.00 49.44  ? 371 HOH A O   1 
HETATM 1538 O  O   . HOH D 4 .   ? -9.082  -19.974 -6.785  1.00 66.38  ? 372 HOH A O   1 
HETATM 1539 O  O   . HOH D 4 .   ? 2.910   -16.677 -12.896 1.00 60.08  ? 373 HOH A O   1 
HETATM 1540 O  O   . HOH D 4 .   ? 16.432  -5.286  3.795   1.00 51.85  ? 374 HOH A O   1 
HETATM 1541 O  O   . HOH D 4 .   ? -7.532  3.906   2.402   1.00 47.88  ? 375 HOH A O   1 
HETATM 1542 O  O   . HOH D 4 .   ? 17.743  12.040  2.813   1.00 73.21  ? 376 HOH A O   1 
HETATM 1543 O  O   . HOH D 4 .   ? 8.176   15.256  -0.293  1.00 36.77  ? 377 HOH A O   1 
HETATM 1544 O  O   . HOH D 4 .   ? 13.542  17.202  -8.883  1.00 43.87  ? 378 HOH A O   1 
HETATM 1545 O  O   . HOH D 4 .   ? 1.414   5.092   -13.747 1.00 47.20  ? 379 HOH A O   1 
HETATM 1546 O  O   . HOH D 4 .   ? -18.219 -2.887  -7.226  1.00 52.66  ? 380 HOH A O   1 
HETATM 1547 O  O   . HOH D 4 .   ? 3.561   -12.606 2.142   1.00 44.74  ? 381 HOH A O   1 
HETATM 1548 O  O   . HOH D 4 .   ? -2.906  0.208   -10.638 1.00 45.90  ? 382 HOH A O   1 
# 
loop_
_pdbx_poly_seq_scheme.asym_id 
_pdbx_poly_seq_scheme.entity_id 
_pdbx_poly_seq_scheme.seq_id 
_pdbx_poly_seq_scheme.mon_id 
_pdbx_poly_seq_scheme.ndb_seq_num 
_pdbx_poly_seq_scheme.pdb_seq_num 
_pdbx_poly_seq_scheme.auth_seq_num 
_pdbx_poly_seq_scheme.pdb_mon_id 
_pdbx_poly_seq_scheme.auth_mon_id 
_pdbx_poly_seq_scheme.pdb_strand_id 
_pdbx_poly_seq_scheme.pdb_ins_code 
_pdbx_poly_seq_scheme.hetero 
A 1 1   MET 1   1   1   MET MET A . n 
A 1 2   LEU 2   2   2   LEU LEU A . n 
A 1 3   THR 3   3   3   THR THR A . n 
A 1 4   MET 4   4   4   MET MET A . n 
A 1 5   LYS 5   5   5   LYS LYS A . n 
A 1 6   ASP 6   6   6   ASP ASP A . n 
A 1 7   ILE 7   7   7   ILE ILE A . n 
A 1 8   ILE 8   8   8   ILE ILE A . n 
A 1 9   ARG 9   9   9   ARG ARG A . n 
A 1 10  ASP 10  10  10  ASP ASP A . n 
A 1 11  GLY 11  11  11  GLY GLY A . n 
A 1 12  HIS 12  12  12  HIS HIS A . n 
A 1 13  PRO 13  13  13  PRO PRO A . n 
A 1 14  THR 14  14  14  THR THR A . n 
A 1 15  LEU 15  15  15  LEU LEU A . n 
A 1 16  ARG 16  16  16  ARG ARG A . n 
A 1 17  GLN 17  17  17  GLN GLN A . n 
A 1 18  LYS 18  18  18  LYS LYS A . n 
A 1 19  ALA 19  19  19  ALA ALA A . n 
A 1 20  ALA 20  20  20  ALA ALA A . n 
A 1 21  GLU 21  21  21  GLU GLU A . n 
A 1 22  LEU 22  22  22  LEU LEU A . n 
A 1 23  GLU 23  23  23  GLU GLU A . n 
A 1 24  LEU 24  24  24  LEU LEU A . n 
A 1 25  PRO 25  25  25  PRO PRO A . n 
A 1 26  LEU 26  26  26  LEU LEU A . n 
A 1 27  THR 27  27  27  THR THR A . n 
A 1 28  LYS 28  28  28  LYS LYS A . n 
A 1 29  GLU 29  29  29  GLU GLU A . n 
A 1 30  GLU 30  30  30  GLU GLU A . n 
A 1 31  LYS 31  31  31  LYS LYS A . n 
A 1 32  GLU 32  32  32  GLU GLU A . n 
A 1 33  THR 33  33  33  THR THR A . n 
A 1 34  LEU 34  34  34  LEU LEU A . n 
A 1 35  ILE 35  35  35  ILE ILE A . n 
A 1 36  ALA 36  36  36  ALA ALA A . n 
A 1 37  MET 37  37  37  MET MET A . n 
A 1 38  ARG 38  38  38  ARG ARG A . n 
A 1 39  GLU 39  39  39  GLU GLU A . n 
A 1 40  PHE 40  40  40  PHE PHE A . n 
A 1 41  LEU 41  41  41  LEU LEU A . n 
A 1 42  VAL 42  42  42  VAL VAL A . n 
A 1 43  ASN 43  43  43  ASN ASN A . n 
A 1 44  SER 44  44  44  SER SER A . n 
A 1 45  GLN 45  45  45  GLN GLN A . n 
A 1 46  ASP 46  46  46  ASP ASP A . n 
A 1 47  GLU 47  47  47  GLU GLU A . n 
A 1 48  GLU 48  48  48  GLU GLU A . n 
A 1 49  ILE 49  49  49  ILE ILE A . n 
A 1 50  ALA 50  50  50  ALA ALA A . n 
A 1 51  LYS 51  51  51  LYS LYS A . n 
A 1 52  ARG 52  52  52  ARG ARG A . n 
A 1 53  TYR 53  53  53  TYR TYR A . n 
A 1 54  GLY 54  54  54  GLY GLY A . n 
A 1 55  LEU 55  55  55  LEU LEU A . n 
A 1 56  ARG 56  56  56  ARG ARG A . n 
A 1 57  SER 57  57  57  SER SER A . n 
A 1 58  GLY 58  58  58  GLY GLY A . n 
A 1 59  VAL 59  59  59  VAL VAL A . n 
A 1 60  GLY 60  60  60  GLY GLY A . n 
A 1 61  LEU 61  61  61  LEU LEU A . n 
A 1 62  ALA 62  62  62  ALA ALA A . n 
A 1 63  ALA 63  63  63  ALA ALA A . n 
A 1 64  PRO 64  64  64  PRO PRO A . n 
A 1 65  GLN 65  65  65  GLN GLN A . n 
A 1 66  ILE 66  66  66  ILE ILE A . n 
A 1 67  ASN 67  67  67  ASN ASN A . n 
A 1 68  ILE 68  68  68  ILE ILE A . n 
A 1 69  SER 69  69  69  SER SER A . n 
A 1 70  LYS 70  70  70  LYS LYS A . n 
A 1 71  ARG 71  71  71  ARG ARG A . n 
A 1 72  MET 72  72  72  MET MET A . n 
A 1 73  ILE 73  73  73  ILE ILE A . n 
A 1 74  ALA 74  74  74  ALA ALA A . n 
A 1 75  VAL 75  75  75  VAL VAL A . n 
A 1 76  LEU 76  76  76  LEU LEU A . n 
A 1 77  ILE 77  77  77  ILE ILE A . n 
A 1 78  PRO 78  78  78  PRO PRO A . n 
A 1 79  ASP 79  79  79  ASP ASP A . n 
A 1 80  ASP 80  80  80  ASP ASP A . n 
A 1 81  GLY 81  81  81  GLY GLY A . n 
A 1 82  SER 82  82  82  SER SER A . n 
A 1 83  GLY 83  83  83  GLY GLY A . n 
A 1 84  LYS 84  84  84  LYS LYS A . n 
A 1 85  SER 85  85  85  SER SER A . n 
A 1 86  TYR 86  86  86  TYR TYR A . n 
A 1 87  ASP 87  87  87  ASP ASP A . n 
A 1 88  TYR 88  88  88  TYR TYR A . n 
A 1 89  MET 89  89  89  MET MET A . n 
A 1 90  LEU 90  90  90  LEU LEU A . n 
A 1 91  VAL 91  91  91  VAL VAL A . n 
A 1 92  ASN 92  92  92  ASN ASN A . n 
A 1 93  PRO 93  93  93  PRO PRO A . n 
A 1 94  LYS 94  94  94  LYS LYS A . n 
A 1 95  ILE 95  95  95  ILE ILE A . n 
A 1 96  VAL 96  96  96  VAL VAL A . n 
A 1 97  SER 97  97  97  SER SER A . n 
A 1 98  HIS 98  98  98  HIS HIS A . n 
A 1 99  SER 99  99  99  SER SER A . n 
A 1 100 VAL 100 100 100 VAL VAL A . n 
A 1 101 GLN 101 101 101 GLN GLN A . n 
A 1 102 GLU 102 102 102 GLU GLU A . n 
A 1 103 ALA 103 103 103 ALA ALA A . n 
A 1 104 TYR 104 104 104 TYR TYR A . n 
A 1 105 LEU 105 105 105 LEU LEU A . n 
A 1 106 PRO 106 106 106 PRO PRO A . n 
A 1 107 THR 107 107 107 THR THR A . n 
A 1 108 GLY 108 108 108 GLY GLY A . n 
A 1 109 GLU 109 109 109 GLU GLU A . n 
A 1 110 GLY 110 110 110 GLY GLY A . n 
A 1 111 CYS 111 111 111 CYS CYS A . n 
A 1 112 LEU 112 112 112 LEU LEU A . n 
A 1 113 SER 113 113 113 SER SER A . n 
A 1 114 VAL 114 114 114 VAL VAL A . n 
A 1 115 ASP 115 115 115 ASP ASP A . n 
A 1 116 ASP 116 116 116 ASP ASP A . n 
A 1 117 ASN 117 117 117 ASN ASN A . n 
A 1 118 VAL 118 118 118 VAL VAL A . n 
A 1 119 ALA 119 119 119 ALA ALA A . n 
A 1 120 GLY 120 120 120 GLY GLY A . n 
A 1 121 LEU 121 121 121 LEU LEU A . n 
A 1 122 VAL 122 122 122 VAL VAL A . n 
A 1 123 HIS 123 123 123 HIS HIS A . n 
A 1 124 ARG 124 124 124 ARG ARG A . n 
A 1 125 HIS 125 125 125 HIS HIS A . n 
A 1 126 ASN 126 126 126 ASN ASN A . n 
A 1 127 ARG 127 127 127 ARG ARG A . n 
A 1 128 ILE 128 128 128 ILE ILE A . n 
A 1 129 THR 129 129 129 THR THR A . n 
A 1 130 ILE 130 130 130 ILE ILE A . n 
A 1 131 LYS 131 131 131 LYS LYS A . n 
A 1 132 ALA 132 132 132 ALA ALA A . n 
A 1 133 LYS 133 133 133 LYS LYS A . n 
A 1 134 ASP 134 134 134 ASP ASP A . n 
A 1 135 ILE 135 135 135 ILE ILE A . n 
A 1 136 GLU 136 136 136 GLU GLU A . n 
A 1 137 GLY 137 137 137 GLY GLY A . n 
A 1 138 ASN 138 138 138 ASN ASN A . n 
A 1 139 ASP 139 139 139 ASP ASP A . n 
A 1 140 ILE 140 140 140 ILE ILE A . n 
A 1 141 GLN 141 141 141 GLN GLN A . n 
A 1 142 LEU 142 142 142 LEU LEU A . n 
A 1 143 ARG 143 143 143 ARG ARG A . n 
A 1 144 LEU 144 144 144 LEU LEU A . n 
A 1 145 LYS 145 145 145 LYS LYS A . n 
A 1 146 GLY 146 146 146 GLY GLY A . n 
A 1 147 TYR 147 147 147 TYR TYR A . n 
A 1 148 PRO 148 148 148 PRO PRO A . n 
A 1 149 ALA 149 149 149 ALA ALA A . n 
A 1 150 ILE 150 150 150 ILE ILE A . n 
A 1 151 VAL 151 151 151 VAL VAL A . n 
A 1 152 PHE 152 152 152 PHE PHE A . n 
A 1 153 GLN 153 153 153 GLN GLN A . n 
A 1 154 HIS 154 154 154 HIS HIS A . n 
A 1 155 GLU 155 155 155 GLU GLU A . n 
A 1 156 ILE 156 156 156 ILE ILE A . n 
A 1 157 ASP 157 157 157 ASP ASP A . n 
A 1 158 HIS 158 158 158 HIS HIS A . n 
A 1 159 LEU 159 159 159 LEU LEU A . n 
A 1 160 ASN 160 160 160 ASN ASN A . n 
A 1 161 GLY 161 161 161 GLY GLY A . n 
A 1 162 VAL 162 162 162 VAL VAL A . n 
A 1 163 MET 163 163 163 MET MET A . n 
A 1 164 PHE 164 164 164 PHE PHE A . n 
A 1 165 TYR 165 165 165 TYR TYR A . n 
A 1 166 ASP 166 166 166 ASP ASP A . n 
A 1 167 HIS 167 167 167 HIS HIS A . n 
A 1 168 ILE 168 168 168 ILE ILE A . n 
A 1 169 ASP 169 169 169 ASP ASP A . n 
A 1 170 LYS 170 170 170 LYS LYS A . n 
A 1 171 ASN 171 171 171 ASN ASN A . n 
A 1 172 HIS 172 172 172 HIS HIS A . n 
A 1 173 PRO 173 173 173 PRO PRO A . n 
A 1 174 LEU 174 174 174 LEU LEU A . n 
A 1 175 GLN 175 175 175 GLN GLN A . n 
A 1 176 PRO 176 176 176 PRO PRO A . n 
A 1 177 HIS 177 177 177 HIS HIS A . n 
A 1 178 THR 178 178 178 THR THR A . n 
A 1 179 ASP 179 179 179 ASP ASP A . n 
A 1 180 ALA 180 180 180 ALA ALA A . n 
A 1 181 VAL 181 181 181 VAL VAL A . n 
A 1 182 GLU 182 182 182 GLU GLU A . n 
A 1 183 VAL 183 183 183 VAL VAL A . n 
A 1 184 VAL 184 184 ?   ?   ?   A . n 
# 
loop_
_pdbx_nonpoly_scheme.asym_id 
_pdbx_nonpoly_scheme.entity_id 
_pdbx_nonpoly_scheme.mon_id 
_pdbx_nonpoly_scheme.ndb_seq_num 
_pdbx_nonpoly_scheme.pdb_seq_num 
_pdbx_nonpoly_scheme.auth_seq_num 
_pdbx_nonpoly_scheme.pdb_mon_id 
_pdbx_nonpoly_scheme.auth_mon_id 
_pdbx_nonpoly_scheme.pdb_strand_id 
_pdbx_nonpoly_scheme.pdb_ins_code 
B 2 NI  1  201 1   NI  NI  A . 
C 3 K2U 1  202 1   K2U K2U A . 
D 4 HOH 1  301 65  HOH HOH A . 
D 4 HOH 2  302 18  HOH HOH A . 
D 4 HOH 3  303 91  HOH HOH A . 
D 4 HOH 4  304 11  HOH HOH A . 
D 4 HOH 5  305 7   HOH HOH A . 
D 4 HOH 6  306 17  HOH HOH A . 
D 4 HOH 7  307 93  HOH HOH A . 
D 4 HOH 8  308 20  HOH HOH A . 
D 4 HOH 9  309 44  HOH HOH A . 
D 4 HOH 10 310 100 HOH HOH A . 
D 4 HOH 11 311 33  HOH HOH A . 
D 4 HOH 12 312 4   HOH HOH A . 
D 4 HOH 13 313 33  HOH HOH A . 
D 4 HOH 14 314 3   HOH HOH A . 
D 4 HOH 15 315 64  HOH HOH A . 
D 4 HOH 16 316 57  HOH HOH A . 
D 4 HOH 17 317 5   HOH HOH A . 
D 4 HOH 18 318 12  HOH HOH A . 
D 4 HOH 19 319 16  HOH HOH A . 
D 4 HOH 20 320 1   HOH HOH A . 
D 4 HOH 21 321 1   HOH HOH A . 
D 4 HOH 22 322 22  HOH HOH A . 
D 4 HOH 23 323 30  HOH HOH A . 
D 4 HOH 24 324 7   HOH HOH A . 
D 4 HOH 25 325 2   HOH HOH A . 
D 4 HOH 26 326 1   HOH HOH A . 
D 4 HOH 27 327 68  HOH HOH A . 
D 4 HOH 28 328 22  HOH HOH A . 
D 4 HOH 29 329 87  HOH HOH A . 
D 4 HOH 30 330 52  HOH HOH A . 
D 4 HOH 31 331 5   HOH HOH A . 
D 4 HOH 32 332 4   HOH HOH A . 
D 4 HOH 33 333 6   HOH HOH A . 
D 4 HOH 34 334 94  HOH HOH A . 
D 4 HOH 35 335 15  HOH HOH A . 
D 4 HOH 36 336 6   HOH HOH A . 
D 4 HOH 37 337 26  HOH HOH A . 
D 4 HOH 38 338 53  HOH HOH A . 
D 4 HOH 39 339 63  HOH HOH A . 
D 4 HOH 40 340 24  HOH HOH A . 
D 4 HOH 41 341 17  HOH HOH A . 
D 4 HOH 42 342 3   HOH HOH A . 
D 4 HOH 43 343 43  HOH HOH A . 
D 4 HOH 44 344 36  HOH HOH A . 
D 4 HOH 45 345 13  HOH HOH A . 
D 4 HOH 46 346 18  HOH HOH A . 
D 4 HOH 47 347 14  HOH HOH A . 
D 4 HOH 48 348 47  HOH HOH A . 
D 4 HOH 49 349 2   HOH HOH A . 
D 4 HOH 50 350 4   HOH HOH A . 
D 4 HOH 51 351 8   HOH HOH A . 
D 4 HOH 52 352 8   HOH HOH A . 
D 4 HOH 53 353 42  HOH HOH A . 
D 4 HOH 54 354 112 HOH HOH A . 
D 4 HOH 55 355 16  HOH HOH A . 
D 4 HOH 56 356 27  HOH HOH A . 
D 4 HOH 57 357 88  HOH HOH A . 
D 4 HOH 58 358 97  HOH HOH A . 
D 4 HOH 59 359 61  HOH HOH A . 
D 4 HOH 60 360 71  HOH HOH A . 
D 4 HOH 61 361 76  HOH HOH A . 
D 4 HOH 62 362 75  HOH HOH A . 
D 4 HOH 63 363 20  HOH HOH A . 
D 4 HOH 64 364 59  HOH HOH A . 
D 4 HOH 65 365 79  HOH HOH A . 
D 4 HOH 66 366 19  HOH HOH A . 
D 4 HOH 67 367 95  HOH HOH A . 
D 4 HOH 68 368 124 HOH HOH A . 
D 4 HOH 69 369 54  HOH HOH A . 
D 4 HOH 70 370 91  HOH HOH A . 
D 4 HOH 71 371 41  HOH HOH A . 
D 4 HOH 72 372 119 HOH HOH A . 
D 4 HOH 73 373 66  HOH HOH A . 
D 4 HOH 74 374 43  HOH HOH A . 
D 4 HOH 75 375 96  HOH HOH A . 
D 4 HOH 76 376 62  HOH HOH A . 
D 4 HOH 77 377 125 HOH HOH A . 
D 4 HOH 78 378 90  HOH HOH A . 
D 4 HOH 79 379 92  HOH HOH A . 
D 4 HOH 80 380 117 HOH HOH A . 
D 4 HOH 81 381 120 HOH HOH A . 
D 4 HOH 82 382 71  HOH HOH A . 
# 
_pdbx_struct_assembly.id                   1 
_pdbx_struct_assembly.details              author_defined_assembly 
_pdbx_struct_assembly.method_details       ? 
_pdbx_struct_assembly.oligomeric_details   monomeric 
_pdbx_struct_assembly.oligomeric_count     1 
# 
_pdbx_struct_assembly_gen.assembly_id       1 
_pdbx_struct_assembly_gen.oper_expression   1 
_pdbx_struct_assembly_gen.asym_id_list      A,B,C,D 
# 
loop_
_pdbx_struct_assembly_prop.biol_id 
_pdbx_struct_assembly_prop.type 
_pdbx_struct_assembly_prop.value 
_pdbx_struct_assembly_prop.details 
1 'ABSA (A^2)' 120  ? 
1 MORE         -12  ? 
1 'SSA (A^2)'  9680 ? 
# 
_pdbx_struct_oper_list.id                   1 
_pdbx_struct_oper_list.type                 'identity operation' 
_pdbx_struct_oper_list.name                 1_555 
_pdbx_struct_oper_list.symmetry_operation   x,y,z 
_pdbx_struct_oper_list.matrix[1][1]         1.0000000000 
_pdbx_struct_oper_list.matrix[1][2]         0.0000000000 
_pdbx_struct_oper_list.matrix[1][3]         0.0000000000 
_pdbx_struct_oper_list.vector[1]            0.0000000000 
_pdbx_struct_oper_list.matrix[2][1]         0.0000000000 
_pdbx_struct_oper_list.matrix[2][2]         1.0000000000 
_pdbx_struct_oper_list.matrix[2][3]         0.0000000000 
_pdbx_struct_oper_list.vector[2]            0.0000000000 
_pdbx_struct_oper_list.matrix[3][1]         0.0000000000 
_pdbx_struct_oper_list.matrix[3][2]         0.0000000000 
_pdbx_struct_oper_list.matrix[3][3]         1.0000000000 
_pdbx_struct_oper_list.vector[3]            0.0000000000 
# 
loop_
_pdbx_struct_conn_angle.id 
_pdbx_struct_conn_angle.ptnr1_label_atom_id 
_pdbx_struct_conn_angle.ptnr1_label_alt_id 
_pdbx_struct_conn_angle.ptnr1_label_asym_id 
_pdbx_struct_conn_angle.ptnr1_label_comp_id 
_pdbx_struct_conn_angle.ptnr1_label_seq_id 
_pdbx_struct_conn_angle.ptnr1_auth_atom_id 
_pdbx_struct_conn_angle.ptnr1_auth_asym_id 
_pdbx_struct_conn_angle.ptnr1_auth_comp_id 
_pdbx_struct_conn_angle.ptnr1_auth_seq_id 
_pdbx_struct_conn_angle.ptnr1_PDB_ins_code 
_pdbx_struct_conn_angle.ptnr1_symmetry 
_pdbx_struct_conn_angle.ptnr2_label_atom_id 
_pdbx_struct_conn_angle.ptnr2_label_alt_id 
_pdbx_struct_conn_angle.ptnr2_label_asym_id 
_pdbx_struct_conn_angle.ptnr2_label_comp_id 
_pdbx_struct_conn_angle.ptnr2_label_seq_id 
_pdbx_struct_conn_angle.ptnr2_auth_atom_id 
_pdbx_struct_conn_angle.ptnr2_auth_asym_id 
_pdbx_struct_conn_angle.ptnr2_auth_comp_id 
_pdbx_struct_conn_angle.ptnr2_auth_seq_id 
_pdbx_struct_conn_angle.ptnr2_PDB_ins_code 
_pdbx_struct_conn_angle.ptnr2_symmetry 
_pdbx_struct_conn_angle.ptnr3_label_atom_id 
_pdbx_struct_conn_angle.ptnr3_label_alt_id 
_pdbx_struct_conn_angle.ptnr3_label_asym_id 
_pdbx_struct_conn_angle.ptnr3_label_comp_id 
_pdbx_struct_conn_angle.ptnr3_label_seq_id 
_pdbx_struct_conn_angle.ptnr3_auth_atom_id 
_pdbx_struct_conn_angle.ptnr3_auth_asym_id 
_pdbx_struct_conn_angle.ptnr3_auth_comp_id 
_pdbx_struct_conn_angle.ptnr3_auth_seq_id 
_pdbx_struct_conn_angle.ptnr3_PDB_ins_code 
_pdbx_struct_conn_angle.ptnr3_symmetry 
_pdbx_struct_conn_angle.value 
_pdbx_struct_conn_angle.value_esd 
1 NE2 ? A HIS 154 ? A HIS 154 ? 1_555 NI ? B NI . ? A NI 201 ? 1_555 NE2 ? A HIS 158 ? A HIS 158 ? 1_555 98.4 ? 
2 NE2 ? A HIS 154 ? A HIS 154 ? 1_555 NI ? B NI . ? A NI 201 ? 1_555 O22 ? C K2U .   ? A K2U 202 ? 1_555 76.1 ? 
3 NE2 ? A HIS 158 ? A HIS 158 ? 1_555 NI ? B NI . ? A NI 201 ? 1_555 O22 ? C K2U .   ? A K2U 202 ? 1_555 87.6 ? 
# 
loop_
_pdbx_audit_revision_history.ordinal 
_pdbx_audit_revision_history.data_content_type 
_pdbx_audit_revision_history.major_revision 
_pdbx_audit_revision_history.minor_revision 
_pdbx_audit_revision_history.revision_date 
1 'Structure model' 1 0 2020-02-12 
2 'Structure model' 1 1 2023-11-22 
# 
_pdbx_audit_revision_details.ordinal             1 
_pdbx_audit_revision_details.revision_ordinal    1 
_pdbx_audit_revision_details.data_content_type   'Structure model' 
_pdbx_audit_revision_details.provider            repository 
_pdbx_audit_revision_details.type                'Initial release' 
_pdbx_audit_revision_details.description         ? 
_pdbx_audit_revision_details.details             ? 
# 
loop_
_pdbx_audit_revision_group.ordinal 
_pdbx_audit_revision_group.revision_ordinal 
_pdbx_audit_revision_group.data_content_type 
_pdbx_audit_revision_group.group 
1 2 'Structure model' 'Data collection'        
2 2 'Structure model' 'Database references'    
3 2 'Structure model' 'Refinement description' 
# 
loop_
_pdbx_audit_revision_category.ordinal 
_pdbx_audit_revision_category.revision_ordinal 
_pdbx_audit_revision_category.data_content_type 
_pdbx_audit_revision_category.category 
1 2 'Structure model' chem_comp_atom                
2 2 'Structure model' chem_comp_bond                
3 2 'Structure model' database_2                    
4 2 'Structure model' pdbx_initial_refinement_model 
# 
loop_
_pdbx_audit_revision_item.ordinal 
_pdbx_audit_revision_item.revision_ordinal 
_pdbx_audit_revision_item.data_content_type 
_pdbx_audit_revision_item.item 
1 2 'Structure model' '_database_2.pdbx_DOI'                
2 2 'Structure model' '_database_2.pdbx_database_accession' 
# 
loop_
_software.citation_id 
_software.classification 
_software.compiler_name 
_software.compiler_version 
_software.contact_author 
_software.contact_author_email 
_software.date 
_software.description 
_software.dependencies 
_software.hardware 
_software.language 
_software.location 
_software.mods 
_software.name 
_software.os 
_software.os_version 
_software.type 
_software.version 
_software.pdbx_ordinal 
? refinement        ? ? ? ? ? ? ? ? ? ? ? REFMAC   ? ? ? 5.8.0238 1 
? 'data scaling'    ? ? ? ? ? ? ? ? ? ? ? HKL-2000 ? ? ? .        2 
? 'data collection' ? ? ? ? ? ? ? ? ? ? ? HKL-2000 ? ? ? .        3 
? 'data reduction'  ? ? ? ? ? ? ? ? ? ? ? HKL-2000 ? ? ? .        4 
? phasing           ? ? ? ? ? ? ? ? ? ? ? MOLREP   ? ? ? .        5 
# 
_pdbx_validate_close_contact.id               1 
_pdbx_validate_close_contact.PDB_model_num    1 
_pdbx_validate_close_contact.auth_atom_id_1   SG 
_pdbx_validate_close_contact.auth_asym_id_1   A 
_pdbx_validate_close_contact.auth_comp_id_1   CYS 
_pdbx_validate_close_contact.auth_seq_id_1    111 
_pdbx_validate_close_contact.PDB_ins_code_1   ? 
_pdbx_validate_close_contact.label_alt_id_1   ? 
_pdbx_validate_close_contact.auth_atom_id_2   O 
_pdbx_validate_close_contact.auth_asym_id_2   A 
_pdbx_validate_close_contact.auth_comp_id_2   HOH 
_pdbx_validate_close_contact.auth_seq_id_2    375 
_pdbx_validate_close_contact.PDB_ins_code_2   ? 
_pdbx_validate_close_contact.label_alt_id_2   ? 
_pdbx_validate_close_contact.dist             1.99 
# 
_pdbx_validate_rmsd_angle.id                         1 
_pdbx_validate_rmsd_angle.PDB_model_num              1 
_pdbx_validate_rmsd_angle.auth_atom_id_1             CA 
_pdbx_validate_rmsd_angle.auth_asym_id_1             A 
_pdbx_validate_rmsd_angle.auth_comp_id_1             VAL 
_pdbx_validate_rmsd_angle.auth_seq_id_1              183 
_pdbx_validate_rmsd_angle.PDB_ins_code_1             ? 
_pdbx_validate_rmsd_angle.label_alt_id_1             ? 
_pdbx_validate_rmsd_angle.auth_atom_id_2             C 
_pdbx_validate_rmsd_angle.auth_asym_id_2             A 
_pdbx_validate_rmsd_angle.auth_comp_id_2             VAL 
_pdbx_validate_rmsd_angle.auth_seq_id_2              183 
_pdbx_validate_rmsd_angle.PDB_ins_code_2             ? 
_pdbx_validate_rmsd_angle.label_alt_id_2             ? 
_pdbx_validate_rmsd_angle.auth_atom_id_3             O 
_pdbx_validate_rmsd_angle.auth_asym_id_3             A 
_pdbx_validate_rmsd_angle.auth_comp_id_3             VAL 
_pdbx_validate_rmsd_angle.auth_seq_id_3              183 
_pdbx_validate_rmsd_angle.PDB_ins_code_3             ? 
_pdbx_validate_rmsd_angle.label_alt_id_3             ? 
_pdbx_validate_rmsd_angle.angle_value                104.85 
_pdbx_validate_rmsd_angle.angle_target_value         120.10 
_pdbx_validate_rmsd_angle.angle_deviation            -15.25 
_pdbx_validate_rmsd_angle.angle_standard_deviation   2.10 
_pdbx_validate_rmsd_angle.linker_flag                N 
# 
loop_
_pdbx_validate_torsion.id 
_pdbx_validate_torsion.PDB_model_num 
_pdbx_validate_torsion.auth_comp_id 
_pdbx_validate_torsion.auth_asym_id 
_pdbx_validate_torsion.auth_seq_id 
_pdbx_validate_torsion.PDB_ins_code 
_pdbx_validate_torsion.label_alt_id 
_pdbx_validate_torsion.phi 
_pdbx_validate_torsion.psi 
1 1 ASP A 10  ? ? -38.83 133.44 
2 1 THR A 178 ? ? -27.92 116.08 
# 
_pdbx_unobs_or_zero_occ_residues.id               1 
_pdbx_unobs_or_zero_occ_residues.PDB_model_num    1 
_pdbx_unobs_or_zero_occ_residues.polymer_flag     Y 
_pdbx_unobs_or_zero_occ_residues.occupancy_flag   1 
_pdbx_unobs_or_zero_occ_residues.auth_asym_id     A 
_pdbx_unobs_or_zero_occ_residues.auth_comp_id     VAL 
_pdbx_unobs_or_zero_occ_residues.auth_seq_id      184 
_pdbx_unobs_or_zero_occ_residues.PDB_ins_code     ? 
_pdbx_unobs_or_zero_occ_residues.label_asym_id    A 
_pdbx_unobs_or_zero_occ_residues.label_comp_id    VAL 
_pdbx_unobs_or_zero_occ_residues.label_seq_id     184 
# 
loop_
_chem_comp_atom.comp_id 
_chem_comp_atom.atom_id 
_chem_comp_atom.type_symbol 
_chem_comp_atom.pdbx_aromatic_flag 
_chem_comp_atom.pdbx_stereo_config 
_chem_comp_atom.pdbx_ordinal 
ALA N    N  N N 1   
ALA CA   C  N S 2   
ALA C    C  N N 3   
ALA O    O  N N 4   
ALA CB   C  N N 5   
ALA OXT  O  N N 6   
ALA H    H  N N 7   
ALA H2   H  N N 8   
ALA HA   H  N N 9   
ALA HB1  H  N N 10  
ALA HB2  H  N N 11  
ALA HB3  H  N N 12  
ALA HXT  H  N N 13  
ARG N    N  N N 14  
ARG CA   C  N S 15  
ARG C    C  N N 16  
ARG O    O  N N 17  
ARG CB   C  N N 18  
ARG CG   C  N N 19  
ARG CD   C  N N 20  
ARG NE   N  N N 21  
ARG CZ   C  N N 22  
ARG NH1  N  N N 23  
ARG NH2  N  N N 24  
ARG OXT  O  N N 25  
ARG H    H  N N 26  
ARG H2   H  N N 27  
ARG HA   H  N N 28  
ARG HB2  H  N N 29  
ARG HB3  H  N N 30  
ARG HG2  H  N N 31  
ARG HG3  H  N N 32  
ARG HD2  H  N N 33  
ARG HD3  H  N N 34  
ARG HE   H  N N 35  
ARG HH11 H  N N 36  
ARG HH12 H  N N 37  
ARG HH21 H  N N 38  
ARG HH22 H  N N 39  
ARG HXT  H  N N 40  
ASN N    N  N N 41  
ASN CA   C  N S 42  
ASN C    C  N N 43  
ASN O    O  N N 44  
ASN CB   C  N N 45  
ASN CG   C  N N 46  
ASN OD1  O  N N 47  
ASN ND2  N  N N 48  
ASN OXT  O  N N 49  
ASN H    H  N N 50  
ASN H2   H  N N 51  
ASN HA   H  N N 52  
ASN HB2  H  N N 53  
ASN HB3  H  N N 54  
ASN HD21 H  N N 55  
ASN HD22 H  N N 56  
ASN HXT  H  N N 57  
ASP N    N  N N 58  
ASP CA   C  N S 59  
ASP C    C  N N 60  
ASP O    O  N N 61  
ASP CB   C  N N 62  
ASP CG   C  N N 63  
ASP OD1  O  N N 64  
ASP OD2  O  N N 65  
ASP OXT  O  N N 66  
ASP H    H  N N 67  
ASP H2   H  N N 68  
ASP HA   H  N N 69  
ASP HB2  H  N N 70  
ASP HB3  H  N N 71  
ASP HD2  H  N N 72  
ASP HXT  H  N N 73  
CYS N    N  N N 74  
CYS CA   C  N R 75  
CYS C    C  N N 76  
CYS O    O  N N 77  
CYS CB   C  N N 78  
CYS SG   S  N N 79  
CYS OXT  O  N N 80  
CYS H    H  N N 81  
CYS H2   H  N N 82  
CYS HA   H  N N 83  
CYS HB2  H  N N 84  
CYS HB3  H  N N 85  
CYS HG   H  N N 86  
CYS HXT  H  N N 87  
GLN N    N  N N 88  
GLN CA   C  N S 89  
GLN C    C  N N 90  
GLN O    O  N N 91  
GLN CB   C  N N 92  
GLN CG   C  N N 93  
GLN CD   C  N N 94  
GLN OE1  O  N N 95  
GLN NE2  N  N N 96  
GLN OXT  O  N N 97  
GLN H    H  N N 98  
GLN H2   H  N N 99  
GLN HA   H  N N 100 
GLN HB2  H  N N 101 
GLN HB3  H  N N 102 
GLN HG2  H  N N 103 
GLN HG3  H  N N 104 
GLN HE21 H  N N 105 
GLN HE22 H  N N 106 
GLN HXT  H  N N 107 
GLU N    N  N N 108 
GLU CA   C  N S 109 
GLU C    C  N N 110 
GLU O    O  N N 111 
GLU CB   C  N N 112 
GLU CG   C  N N 113 
GLU CD   C  N N 114 
GLU OE1  O  N N 115 
GLU OE2  O  N N 116 
GLU OXT  O  N N 117 
GLU H    H  N N 118 
GLU H2   H  N N 119 
GLU HA   H  N N 120 
GLU HB2  H  N N 121 
GLU HB3  H  N N 122 
GLU HG2  H  N N 123 
GLU HG3  H  N N 124 
GLU HE2  H  N N 125 
GLU HXT  H  N N 126 
GLY N    N  N N 127 
GLY CA   C  N N 128 
GLY C    C  N N 129 
GLY O    O  N N 130 
GLY OXT  O  N N 131 
GLY H    H  N N 132 
GLY H2   H  N N 133 
GLY HA2  H  N N 134 
GLY HA3  H  N N 135 
GLY HXT  H  N N 136 
HIS N    N  N N 137 
HIS CA   C  N S 138 
HIS C    C  N N 139 
HIS O    O  N N 140 
HIS CB   C  N N 141 
HIS CG   C  Y N 142 
HIS ND1  N  Y N 143 
HIS CD2  C  Y N 144 
HIS CE1  C  Y N 145 
HIS NE2  N  Y N 146 
HIS OXT  O  N N 147 
HIS H    H  N N 148 
HIS H2   H  N N 149 
HIS HA   H  N N 150 
HIS HB2  H  N N 151 
HIS HB3  H  N N 152 
HIS HD1  H  N N 153 
HIS HD2  H  N N 154 
HIS HE1  H  N N 155 
HIS HE2  H  N N 156 
HIS HXT  H  N N 157 
HOH O    O  N N 158 
HOH H1   H  N N 159 
HOH H2   H  N N 160 
ILE N    N  N N 161 
ILE CA   C  N S 162 
ILE C    C  N N 163 
ILE O    O  N N 164 
ILE CB   C  N S 165 
ILE CG1  C  N N 166 
ILE CG2  C  N N 167 
ILE CD1  C  N N 168 
ILE OXT  O  N N 169 
ILE H    H  N N 170 
ILE H2   H  N N 171 
ILE HA   H  N N 172 
ILE HB   H  N N 173 
ILE HG12 H  N N 174 
ILE HG13 H  N N 175 
ILE HG21 H  N N 176 
ILE HG22 H  N N 177 
ILE HG23 H  N N 178 
ILE HD11 H  N N 179 
ILE HD12 H  N N 180 
ILE HD13 H  N N 181 
ILE HXT  H  N N 182 
K2U O22  O  N N 183 
K2U C1   C  N N 184 
K2U O21  O  N N 185 
K2U C2   C  N N 186 
K2U C3   C  N R 187 
K2U C4   C  N N 188 
K2U C5   C  Y N 189 
K2U C6   C  Y N 190 
K2U C7   C  Y N 191 
K2U C8   C  Y N 192 
K2U C9   C  Y N 193 
K2U C10  C  Y N 194 
K2U C11  C  N R 195 
K2U O12  O  N N 196 
K2U S13  S  N N 197 
K2U C14  C  N N 198 
K2U C15  C  Y N 199 
K2U C16  C  Y N 200 
K2U C17  C  Y N 201 
K2U C18  C  Y N 202 
K2U C19  C  Y N 203 
K2U C20  C  Y N 204 
K2U H1   H  N N 205 
K2U H2   H  N N 206 
K2U H3   H  N N 207 
K2U H4   H  N N 208 
K2U H5   H  N N 209 
K2U H6   H  N N 210 
K2U H7   H  N N 211 
K2U H8   H  N N 212 
K2U H9   H  N N 213 
K2U H10  H  N N 214 
K2U H11  H  N N 215 
K2U H12  H  N N 216 
K2U H13  H  N N 217 
K2U H14  H  N N 218 
K2U H15  H  N N 219 
K2U H16  H  N N 220 
K2U H17  H  N N 221 
K2U H18  H  N N 222 
K2U H19  H  N N 223 
K2U H20  H  N N 224 
LEU N    N  N N 225 
LEU CA   C  N S 226 
LEU C    C  N N 227 
LEU O    O  N N 228 
LEU CB   C  N N 229 
LEU CG   C  N N 230 
LEU CD1  C  N N 231 
LEU CD2  C  N N 232 
LEU OXT  O  N N 233 
LEU H    H  N N 234 
LEU H2   H  N N 235 
LEU HA   H  N N 236 
LEU HB2  H  N N 237 
LEU HB3  H  N N 238 
LEU HG   H  N N 239 
LEU HD11 H  N N 240 
LEU HD12 H  N N 241 
LEU HD13 H  N N 242 
LEU HD21 H  N N 243 
LEU HD22 H  N N 244 
LEU HD23 H  N N 245 
LEU HXT  H  N N 246 
LYS N    N  N N 247 
LYS CA   C  N S 248 
LYS C    C  N N 249 
LYS O    O  N N 250 
LYS CB   C  N N 251 
LYS CG   C  N N 252 
LYS CD   C  N N 253 
LYS CE   C  N N 254 
LYS NZ   N  N N 255 
LYS OXT  O  N N 256 
LYS H    H  N N 257 
LYS H2   H  N N 258 
LYS HA   H  N N 259 
LYS HB2  H  N N 260 
LYS HB3  H  N N 261 
LYS HG2  H  N N 262 
LYS HG3  H  N N 263 
LYS HD2  H  N N 264 
LYS HD3  H  N N 265 
LYS HE2  H  N N 266 
LYS HE3  H  N N 267 
LYS HZ1  H  N N 268 
LYS HZ2  H  N N 269 
LYS HZ3  H  N N 270 
LYS HXT  H  N N 271 
MET N    N  N N 272 
MET CA   C  N S 273 
MET C    C  N N 274 
MET O    O  N N 275 
MET CB   C  N N 276 
MET CG   C  N N 277 
MET SD   S  N N 278 
MET CE   C  N N 279 
MET OXT  O  N N 280 
MET H    H  N N 281 
MET H2   H  N N 282 
MET HA   H  N N 283 
MET HB2  H  N N 284 
MET HB3  H  N N 285 
MET HG2  H  N N 286 
MET HG3  H  N N 287 
MET HE1  H  N N 288 
MET HE2  H  N N 289 
MET HE3  H  N N 290 
MET HXT  H  N N 291 
NI  NI   NI N N 292 
PHE N    N  N N 293 
PHE CA   C  N S 294 
PHE C    C  N N 295 
PHE O    O  N N 296 
PHE CB   C  N N 297 
PHE CG   C  Y N 298 
PHE CD1  C  Y N 299 
PHE CD2  C  Y N 300 
PHE CE1  C  Y N 301 
PHE CE2  C  Y N 302 
PHE CZ   C  Y N 303 
PHE OXT  O  N N 304 
PHE H    H  N N 305 
PHE H2   H  N N 306 
PHE HA   H  N N 307 
PHE HB2  H  N N 308 
PHE HB3  H  N N 309 
PHE HD1  H  N N 310 
PHE HD2  H  N N 311 
PHE HE1  H  N N 312 
PHE HE2  H  N N 313 
PHE HZ   H  N N 314 
PHE HXT  H  N N 315 
PRO N    N  N N 316 
PRO CA   C  N S 317 
PRO C    C  N N 318 
PRO O    O  N N 319 
PRO CB   C  N N 320 
PRO CG   C  N N 321 
PRO CD   C  N N 322 
PRO OXT  O  N N 323 
PRO H    H  N N 324 
PRO HA   H  N N 325 
PRO HB2  H  N N 326 
PRO HB3  H  N N 327 
PRO HG2  H  N N 328 
PRO HG3  H  N N 329 
PRO HD2  H  N N 330 
PRO HD3  H  N N 331 
PRO HXT  H  N N 332 
SER N    N  N N 333 
SER CA   C  N S 334 
SER C    C  N N 335 
SER O    O  N N 336 
SER CB   C  N N 337 
SER OG   O  N N 338 
SER OXT  O  N N 339 
SER H    H  N N 340 
SER H2   H  N N 341 
SER HA   H  N N 342 
SER HB2  H  N N 343 
SER HB3  H  N N 344 
SER HG   H  N N 345 
SER HXT  H  N N 346 
THR N    N  N N 347 
THR CA   C  N S 348 
THR C    C  N N 349 
THR O    O  N N 350 
THR CB   C  N R 351 
THR OG1  O  N N 352 
THR CG2  C  N N 353 
THR OXT  O  N N 354 
THR H    H  N N 355 
THR H2   H  N N 356 
THR HA   H  N N 357 
THR HB   H  N N 358 
THR HG1  H  N N 359 
THR HG21 H  N N 360 
THR HG22 H  N N 361 
THR HG23 H  N N 362 
THR HXT  H  N N 363 
TYR N    N  N N 364 
TYR CA   C  N S 365 
TYR C    C  N N 366 
TYR O    O  N N 367 
TYR CB   C  N N 368 
TYR CG   C  Y N 369 
TYR CD1  C  Y N 370 
TYR CD2  C  Y N 371 
TYR CE1  C  Y N 372 
TYR CE2  C  Y N 373 
TYR CZ   C  Y N 374 
TYR OH   O  N N 375 
TYR OXT  O  N N 376 
TYR H    H  N N 377 
TYR H2   H  N N 378 
TYR HA   H  N N 379 
TYR HB2  H  N N 380 
TYR HB3  H  N N 381 
TYR HD1  H  N N 382 
TYR HD2  H  N N 383 
TYR HE1  H  N N 384 
TYR HE2  H  N N 385 
TYR HH   H  N N 386 
TYR HXT  H  N N 387 
VAL N    N  N N 388 
VAL CA   C  N S 389 
VAL C    C  N N 390 
VAL O    O  N N 391 
VAL CB   C  N N 392 
VAL CG1  C  N N 393 
VAL CG2  C  N N 394 
VAL OXT  O  N N 395 
VAL H    H  N N 396 
VAL H2   H  N N 397 
VAL HA   H  N N 398 
VAL HB   H  N N 399 
VAL HG11 H  N N 400 
VAL HG12 H  N N 401 
VAL HG13 H  N N 402 
VAL HG21 H  N N 403 
VAL HG22 H  N N 404 
VAL HG23 H  N N 405 
VAL HXT  H  N N 406 
# 
loop_
_chem_comp_bond.comp_id 
_chem_comp_bond.atom_id_1 
_chem_comp_bond.atom_id_2 
_chem_comp_bond.value_order 
_chem_comp_bond.pdbx_aromatic_flag 
_chem_comp_bond.pdbx_stereo_config 
_chem_comp_bond.pdbx_ordinal 
ALA N   CA   sing N N 1   
ALA N   H    sing N N 2   
ALA N   H2   sing N N 3   
ALA CA  C    sing N N 4   
ALA CA  CB   sing N N 5   
ALA CA  HA   sing N N 6   
ALA C   O    doub N N 7   
ALA C   OXT  sing N N 8   
ALA CB  HB1  sing N N 9   
ALA CB  HB2  sing N N 10  
ALA CB  HB3  sing N N 11  
ALA OXT HXT  sing N N 12  
ARG N   CA   sing N N 13  
ARG N   H    sing N N 14  
ARG N   H2   sing N N 15  
ARG CA  C    sing N N 16  
ARG CA  CB   sing N N 17  
ARG CA  HA   sing N N 18  
ARG C   O    doub N N 19  
ARG C   OXT  sing N N 20  
ARG CB  CG   sing N N 21  
ARG CB  HB2  sing N N 22  
ARG CB  HB3  sing N N 23  
ARG CG  CD   sing N N 24  
ARG CG  HG2  sing N N 25  
ARG CG  HG3  sing N N 26  
ARG CD  NE   sing N N 27  
ARG CD  HD2  sing N N 28  
ARG CD  HD3  sing N N 29  
ARG NE  CZ   sing N N 30  
ARG NE  HE   sing N N 31  
ARG CZ  NH1  sing N N 32  
ARG CZ  NH2  doub N N 33  
ARG NH1 HH11 sing N N 34  
ARG NH1 HH12 sing N N 35  
ARG NH2 HH21 sing N N 36  
ARG NH2 HH22 sing N N 37  
ARG OXT HXT  sing N N 38  
ASN N   CA   sing N N 39  
ASN N   H    sing N N 40  
ASN N   H2   sing N N 41  
ASN CA  C    sing N N 42  
ASN CA  CB   sing N N 43  
ASN CA  HA   sing N N 44  
ASN C   O    doub N N 45  
ASN C   OXT  sing N N 46  
ASN CB  CG   sing N N 47  
ASN CB  HB2  sing N N 48  
ASN CB  HB3  sing N N 49  
ASN CG  OD1  doub N N 50  
ASN CG  ND2  sing N N 51  
ASN ND2 HD21 sing N N 52  
ASN ND2 HD22 sing N N 53  
ASN OXT HXT  sing N N 54  
ASP N   CA   sing N N 55  
ASP N   H    sing N N 56  
ASP N   H2   sing N N 57  
ASP CA  C    sing N N 58  
ASP CA  CB   sing N N 59  
ASP CA  HA   sing N N 60  
ASP C   O    doub N N 61  
ASP C   OXT  sing N N 62  
ASP CB  CG   sing N N 63  
ASP CB  HB2  sing N N 64  
ASP CB  HB3  sing N N 65  
ASP CG  OD1  doub N N 66  
ASP CG  OD2  sing N N 67  
ASP OD2 HD2  sing N N 68  
ASP OXT HXT  sing N N 69  
CYS N   CA   sing N N 70  
CYS N   H    sing N N 71  
CYS N   H2   sing N N 72  
CYS CA  C    sing N N 73  
CYS CA  CB   sing N N 74  
CYS CA  HA   sing N N 75  
CYS C   O    doub N N 76  
CYS C   OXT  sing N N 77  
CYS CB  SG   sing N N 78  
CYS CB  HB2  sing N N 79  
CYS CB  HB3  sing N N 80  
CYS SG  HG   sing N N 81  
CYS OXT HXT  sing N N 82  
GLN N   CA   sing N N 83  
GLN N   H    sing N N 84  
GLN N   H2   sing N N 85  
GLN CA  C    sing N N 86  
GLN CA  CB   sing N N 87  
GLN CA  HA   sing N N 88  
GLN C   O    doub N N 89  
GLN C   OXT  sing N N 90  
GLN CB  CG   sing N N 91  
GLN CB  HB2  sing N N 92  
GLN CB  HB3  sing N N 93  
GLN CG  CD   sing N N 94  
GLN CG  HG2  sing N N 95  
GLN CG  HG3  sing N N 96  
GLN CD  OE1  doub N N 97  
GLN CD  NE2  sing N N 98  
GLN NE2 HE21 sing N N 99  
GLN NE2 HE22 sing N N 100 
GLN OXT HXT  sing N N 101 
GLU N   CA   sing N N 102 
GLU N   H    sing N N 103 
GLU N   H2   sing N N 104 
GLU CA  C    sing N N 105 
GLU CA  CB   sing N N 106 
GLU CA  HA   sing N N 107 
GLU C   O    doub N N 108 
GLU C   OXT  sing N N 109 
GLU CB  CG   sing N N 110 
GLU CB  HB2  sing N N 111 
GLU CB  HB3  sing N N 112 
GLU CG  CD   sing N N 113 
GLU CG  HG2  sing N N 114 
GLU CG  HG3  sing N N 115 
GLU CD  OE1  doub N N 116 
GLU CD  OE2  sing N N 117 
GLU OE2 HE2  sing N N 118 
GLU OXT HXT  sing N N 119 
GLY N   CA   sing N N 120 
GLY N   H    sing N N 121 
GLY N   H2   sing N N 122 
GLY CA  C    sing N N 123 
GLY CA  HA2  sing N N 124 
GLY CA  HA3  sing N N 125 
GLY C   O    doub N N 126 
GLY C   OXT  sing N N 127 
GLY OXT HXT  sing N N 128 
HIS N   CA   sing N N 129 
HIS N   H    sing N N 130 
HIS N   H2   sing N N 131 
HIS CA  C    sing N N 132 
HIS CA  CB   sing N N 133 
HIS CA  HA   sing N N 134 
HIS C   O    doub N N 135 
HIS C   OXT  sing N N 136 
HIS CB  CG   sing N N 137 
HIS CB  HB2  sing N N 138 
HIS CB  HB3  sing N N 139 
HIS CG  ND1  sing Y N 140 
HIS CG  CD2  doub Y N 141 
HIS ND1 CE1  doub Y N 142 
HIS ND1 HD1  sing N N 143 
HIS CD2 NE2  sing Y N 144 
HIS CD2 HD2  sing N N 145 
HIS CE1 NE2  sing Y N 146 
HIS CE1 HE1  sing N N 147 
HIS NE2 HE2  sing N N 148 
HIS OXT HXT  sing N N 149 
HOH O   H1   sing N N 150 
HOH O   H2   sing N N 151 
ILE N   CA   sing N N 152 
ILE N   H    sing N N 153 
ILE N   H2   sing N N 154 
ILE CA  C    sing N N 155 
ILE CA  CB   sing N N 156 
ILE CA  HA   sing N N 157 
ILE C   O    doub N N 158 
ILE C   OXT  sing N N 159 
ILE CB  CG1  sing N N 160 
ILE CB  CG2  sing N N 161 
ILE CB  HB   sing N N 162 
ILE CG1 CD1  sing N N 163 
ILE CG1 HG12 sing N N 164 
ILE CG1 HG13 sing N N 165 
ILE CG2 HG21 sing N N 166 
ILE CG2 HG22 sing N N 167 
ILE CG2 HG23 sing N N 168 
ILE CD1 HD11 sing N N 169 
ILE CD1 HD12 sing N N 170 
ILE CD1 HD13 sing N N 171 
ILE OXT HXT  sing N N 172 
K2U C18 C17  doub Y N 173 
K2U C18 C19  sing Y N 174 
K2U C17 C16  sing Y N 175 
K2U C19 C20  doub Y N 176 
K2U C16 C15  doub Y N 177 
K2U C20 C15  sing Y N 178 
K2U C15 C14  sing N N 179 
K2U C9  C8   doub Y N 180 
K2U C9  C10  sing Y N 181 
K2U C8  C7   sing Y N 182 
K2U C14 S13  sing N N 183 
K2U C10 C5   doub Y N 184 
K2U C7  C6   doub Y N 185 
K2U S13 C11  sing N N 186 
K2U C5  C6   sing Y N 187 
K2U C5  C4   sing N N 188 
K2U O12 C11  sing N N 189 
K2U C11 C3   sing N N 190 
K2U C4  C3   sing N N 191 
K2U C3  C2   sing N N 192 
K2U C2  C1   sing N N 193 
K2U O21 C1   doub N N 194 
K2U C1  O22  sing N N 195 
K2U O22 H1   sing N N 196 
K2U C2  H2   sing N N 197 
K2U C2  H3   sing N N 198 
K2U C3  H4   sing N N 199 
K2U C4  H5   sing N N 200 
K2U C4  H6   sing N N 201 
K2U C6  H7   sing N N 202 
K2U C7  H8   sing N N 203 
K2U C8  H9   sing N N 204 
K2U C9  H10  sing N N 205 
K2U C10 H11  sing N N 206 
K2U C11 H12  sing N N 207 
K2U O12 H13  sing N N 208 
K2U C14 H14  sing N N 209 
K2U C14 H15  sing N N 210 
K2U C16 H16  sing N N 211 
K2U C17 H17  sing N N 212 
K2U C18 H18  sing N N 213 
K2U C19 H19  sing N N 214 
K2U C20 H20  sing N N 215 
LEU N   CA   sing N N 216 
LEU N   H    sing N N 217 
LEU N   H2   sing N N 218 
LEU CA  C    sing N N 219 
LEU CA  CB   sing N N 220 
LEU CA  HA   sing N N 221 
LEU C   O    doub N N 222 
LEU C   OXT  sing N N 223 
LEU CB  CG   sing N N 224 
LEU CB  HB2  sing N N 225 
LEU CB  HB3  sing N N 226 
LEU CG  CD1  sing N N 227 
LEU CG  CD2  sing N N 228 
LEU CG  HG   sing N N 229 
LEU CD1 HD11 sing N N 230 
LEU CD1 HD12 sing N N 231 
LEU CD1 HD13 sing N N 232 
LEU CD2 HD21 sing N N 233 
LEU CD2 HD22 sing N N 234 
LEU CD2 HD23 sing N N 235 
LEU OXT HXT  sing N N 236 
LYS N   CA   sing N N 237 
LYS N   H    sing N N 238 
LYS N   H2   sing N N 239 
LYS CA  C    sing N N 240 
LYS CA  CB   sing N N 241 
LYS CA  HA   sing N N 242 
LYS C   O    doub N N 243 
LYS C   OXT  sing N N 244 
LYS CB  CG   sing N N 245 
LYS CB  HB2  sing N N 246 
LYS CB  HB3  sing N N 247 
LYS CG  CD   sing N N 248 
LYS CG  HG2  sing N N 249 
LYS CG  HG3  sing N N 250 
LYS CD  CE   sing N N 251 
LYS CD  HD2  sing N N 252 
LYS CD  HD3  sing N N 253 
LYS CE  NZ   sing N N 254 
LYS CE  HE2  sing N N 255 
LYS CE  HE3  sing N N 256 
LYS NZ  HZ1  sing N N 257 
LYS NZ  HZ2  sing N N 258 
LYS NZ  HZ3  sing N N 259 
LYS OXT HXT  sing N N 260 
MET N   CA   sing N N 261 
MET N   H    sing N N 262 
MET N   H2   sing N N 263 
MET CA  C    sing N N 264 
MET CA  CB   sing N N 265 
MET CA  HA   sing N N 266 
MET C   O    doub N N 267 
MET C   OXT  sing N N 268 
MET CB  CG   sing N N 269 
MET CB  HB2  sing N N 270 
MET CB  HB3  sing N N 271 
MET CG  SD   sing N N 272 
MET CG  HG2  sing N N 273 
MET CG  HG3  sing N N 274 
MET SD  CE   sing N N 275 
MET CE  HE1  sing N N 276 
MET CE  HE2  sing N N 277 
MET CE  HE3  sing N N 278 
MET OXT HXT  sing N N 279 
PHE N   CA   sing N N 280 
PHE N   H    sing N N 281 
PHE N   H2   sing N N 282 
PHE CA  C    sing N N 283 
PHE CA  CB   sing N N 284 
PHE CA  HA   sing N N 285 
PHE C   O    doub N N 286 
PHE C   OXT  sing N N 287 
PHE CB  CG   sing N N 288 
PHE CB  HB2  sing N N 289 
PHE CB  HB3  sing N N 290 
PHE CG  CD1  doub Y N 291 
PHE CG  CD2  sing Y N 292 
PHE CD1 CE1  sing Y N 293 
PHE CD1 HD1  sing N N 294 
PHE CD2 CE2  doub Y N 295 
PHE CD2 HD2  sing N N 296 
PHE CE1 CZ   doub Y N 297 
PHE CE1 HE1  sing N N 298 
PHE CE2 CZ   sing Y N 299 
PHE CE2 HE2  sing N N 300 
PHE CZ  HZ   sing N N 301 
PHE OXT HXT  sing N N 302 
PRO N   CA   sing N N 303 
PRO N   CD   sing N N 304 
PRO N   H    sing N N 305 
PRO CA  C    sing N N 306 
PRO CA  CB   sing N N 307 
PRO CA  HA   sing N N 308 
PRO C   O    doub N N 309 
PRO C   OXT  sing N N 310 
PRO CB  CG   sing N N 311 
PRO CB  HB2  sing N N 312 
PRO CB  HB3  sing N N 313 
PRO CG  CD   sing N N 314 
PRO CG  HG2  sing N N 315 
PRO CG  HG3  sing N N 316 
PRO CD  HD2  sing N N 317 
PRO CD  HD3  sing N N 318 
PRO OXT HXT  sing N N 319 
SER N   CA   sing N N 320 
SER N   H    sing N N 321 
SER N   H2   sing N N 322 
SER CA  C    sing N N 323 
SER CA  CB   sing N N 324 
SER CA  HA   sing N N 325 
SER C   O    doub N N 326 
SER C   OXT  sing N N 327 
SER CB  OG   sing N N 328 
SER CB  HB2  sing N N 329 
SER CB  HB3  sing N N 330 
SER OG  HG   sing N N 331 
SER OXT HXT  sing N N 332 
THR N   CA   sing N N 333 
THR N   H    sing N N 334 
THR N   H2   sing N N 335 
THR CA  C    sing N N 336 
THR CA  CB   sing N N 337 
THR CA  HA   sing N N 338 
THR C   O    doub N N 339 
THR C   OXT  sing N N 340 
THR CB  OG1  sing N N 341 
THR CB  CG2  sing N N 342 
THR CB  HB   sing N N 343 
THR OG1 HG1  sing N N 344 
THR CG2 HG21 sing N N 345 
THR CG2 HG22 sing N N 346 
THR CG2 HG23 sing N N 347 
THR OXT HXT  sing N N 348 
TYR N   CA   sing N N 349 
TYR N   H    sing N N 350 
TYR N   H2   sing N N 351 
TYR CA  C    sing N N 352 
TYR CA  CB   sing N N 353 
TYR CA  HA   sing N N 354 
TYR C   O    doub N N 355 
TYR C   OXT  sing N N 356 
TYR CB  CG   sing N N 357 
TYR CB  HB2  sing N N 358 
TYR CB  HB3  sing N N 359 
TYR CG  CD1  doub Y N 360 
TYR CG  CD2  sing Y N 361 
TYR CD1 CE1  sing Y N 362 
TYR CD1 HD1  sing N N 363 
TYR CD2 CE2  doub Y N 364 
TYR CD2 HD2  sing N N 365 
TYR CE1 CZ   doub Y N 366 
TYR CE1 HE1  sing N N 367 
TYR CE2 CZ   sing Y N 368 
TYR CE2 HE2  sing N N 369 
TYR CZ  OH   sing N N 370 
TYR OH  HH   sing N N 371 
TYR OXT HXT  sing N N 372 
VAL N   CA   sing N N 373 
VAL N   H    sing N N 374 
VAL N   H2   sing N N 375 
VAL CA  C    sing N N 376 
VAL CA  CB   sing N N 377 
VAL CA  HA   sing N N 378 
VAL C   O    doub N N 379 
VAL C   OXT  sing N N 380 
VAL CB  CG1  sing N N 381 
VAL CB  CG2  sing N N 382 
VAL CB  HB   sing N N 383 
VAL CG1 HG11 sing N N 384 
VAL CG1 HG12 sing N N 385 
VAL CG1 HG13 sing N N 386 
VAL CG2 HG21 sing N N 387 
VAL CG2 HG22 sing N N 388 
VAL CG2 HG23 sing N N 389 
VAL OXT HXT  sing N N 390 
# 
loop_
_pdbx_entity_nonpoly.entity_id 
_pdbx_entity_nonpoly.name 
_pdbx_entity_nonpoly.comp_id 
2 'NICKEL (II) ION'                                                                 NI  
3 '(3~{R},4~{R})-4-oxidanyl-3-(phenylmethyl)-4-(phenylmethylsulfanyl)butanoic acid' K2U 
4 water                                                                             HOH 
# 
_pdbx_initial_refinement_model.id               1 
_pdbx_initial_refinement_model.entity_id_list   ? 
_pdbx_initial_refinement_model.type             'experimental model' 
_pdbx_initial_refinement_model.source_name      PDB 
_pdbx_initial_refinement_model.accession_code   1LM4 
_pdbx_initial_refinement_model.details          ? 
# 
_pdbx_struct_assembly_auth_evidence.id                     1 
_pdbx_struct_assembly_auth_evidence.assembly_id            1 
_pdbx_struct_assembly_auth_evidence.experimental_support   none 
_pdbx_struct_assembly_auth_evidence.details                ? 
# 
